data_5A0F
# 
_entry.id   5A0F 
# 
_audit_conform.dict_name       mmcif_pdbx.dic 
_audit_conform.dict_version    5.397 
_audit_conform.dict_location   http://mmcif.pdb.org/dictionaries/ascii/mmcif_pdbx.dic 
# 
loop_
_database_2.database_id 
_database_2.database_code 
_database_2.pdbx_database_accession 
_database_2.pdbx_DOI 
PDB   5A0F         pdb_00005a0f 10.2210/pdb5a0f/pdb 
PDBE  EBI-63632    ?            ?                   
WWPDB D_1290063632 ?            ?                   
# 
loop_
_pdbx_audit_revision_history.ordinal 
_pdbx_audit_revision_history.data_content_type 
_pdbx_audit_revision_history.major_revision 
_pdbx_audit_revision_history.minor_revision 
_pdbx_audit_revision_history.revision_date 
1 'Structure model' 1 0 2015-07-22 
2 'Structure model' 1 1 2015-07-29 
3 'Structure model' 1 2 2017-06-28 
4 'Structure model' 1 3 2017-12-13 
5 'Structure model' 1 4 2019-03-13 
6 'Structure model' 2 0 2020-07-29 
7 'Structure model' 2 1 2024-01-10 
8 'Structure model' 2 2 2024-10-23 
# 
loop_
_pdbx_audit_revision_details.ordinal 
_pdbx_audit_revision_details.revision_ordinal 
_pdbx_audit_revision_details.data_content_type 
_pdbx_audit_revision_details.provider 
_pdbx_audit_revision_details.type 
_pdbx_audit_revision_details.description 
_pdbx_audit_revision_details.details 
1 1 'Structure model' repository 'Initial release' ?                          ? 
2 6 'Structure model' repository Remediation       'Carbohydrate remediation' ? 
# 
loop_
_pdbx_audit_revision_group.ordinal 
_pdbx_audit_revision_group.revision_ordinal 
_pdbx_audit_revision_group.data_content_type 
_pdbx_audit_revision_group.group 
1  2 'Structure model' 'Database references'      
2  3 'Structure model' 'Data collection'          
3  4 'Structure model' 'Database references'      
4  4 'Structure model' 'Source and taxonomy'      
5  4 'Structure model' 'Structure summary'        
6  5 'Structure model' 'Data collection'          
7  5 'Structure model' 'Database references'      
8  5 'Structure model' 'Derived calculations'     
9  5 'Structure model' 'Experimental preparation' 
10 6 'Structure model' 'Atomic model'             
11 6 'Structure model' 'Data collection'          
12 6 'Structure model' 'Derived calculations'     
13 6 'Structure model' Other                      
14 6 'Structure model' 'Structure summary'        
15 7 'Structure model' 'Data collection'          
16 7 'Structure model' 'Database references'      
17 7 'Structure model' 'Refinement description'   
18 7 'Structure model' 'Structure summary'        
19 8 'Structure model' 'Structure summary'        
# 
loop_
_pdbx_audit_revision_category.ordinal 
_pdbx_audit_revision_category.revision_ordinal 
_pdbx_audit_revision_category.data_content_type 
_pdbx_audit_revision_category.category 
1  3 'Structure model' diffrn_source                 
2  4 'Structure model' audit_author                  
3  4 'Structure model' citation_author               
4  4 'Structure model' entity_src_gen                
5  5 'Structure model' citation                      
6  5 'Structure model' exptl_crystal_grow            
7  5 'Structure model' pdbx_database_proc            
8  5 'Structure model' struct_conn                   
9  6 'Structure model' atom_site                     
10 6 'Structure model' chem_comp                     
11 6 'Structure model' entity                        
12 6 'Structure model' pdbx_chem_comp_identifier     
13 6 'Structure model' pdbx_database_status          
14 6 'Structure model' pdbx_entity_nonpoly           
15 6 'Structure model' struct_conn                   
16 6 'Structure model' struct_site                   
17 6 'Structure model' struct_site_gen               
18 7 'Structure model' chem_comp                     
19 7 'Structure model' chem_comp_atom                
20 7 'Structure model' chem_comp_bond                
21 7 'Structure model' database_2                    
22 7 'Structure model' pdbx_initial_refinement_model 
23 8 'Structure model' pdbx_entry_details            
24 8 'Structure model' pdbx_modification_feature     
# 
loop_
_pdbx_audit_revision_item.ordinal 
_pdbx_audit_revision_item.revision_ordinal 
_pdbx_audit_revision_item.data_content_type 
_pdbx_audit_revision_item.item 
1  3 'Structure model' '_diffrn_source.type'                            
2  4 'Structure model' '_audit_author.name'                             
3  4 'Structure model' '_citation_author.name'                          
4  4 'Structure model' '_entity_src_gen.pdbx_host_org_ncbi_taxonomy_id' 
5  4 'Structure model' '_entity_src_gen.pdbx_host_org_scientific_name'  
6  4 'Structure model' '_entity_src_gen.pdbx_host_org_strain'           
7  5 'Structure model' '_citation.journal_abbrev'                       
8  5 'Structure model' '_citation.page_last'                            
9  5 'Structure model' '_citation.pdbx_database_id_DOI'                 
10 5 'Structure model' '_citation.title'                                
11 5 'Structure model' '_exptl_crystal_grow.method'                     
12 5 'Structure model' '_exptl_crystal_grow.temp'                       
13 5 'Structure model' '_struct_conn.pdbx_leaving_atom_flag'            
14 6 'Structure model' '_atom_site.auth_atom_id'                        
15 6 'Structure model' '_atom_site.label_atom_id'                       
16 6 'Structure model' '_chem_comp.name'                                
17 6 'Structure model' '_chem_comp.type'                                
18 6 'Structure model' '_entity.pdbx_description'                       
19 6 'Structure model' '_pdbx_database_status.status_code_sf'           
20 6 'Structure model' '_pdbx_entity_nonpoly.name'                      
21 6 'Structure model' '_struct_conn.pdbx_role'                         
22 7 'Structure model' '_chem_comp.pdbx_synonyms'                       
23 7 'Structure model' '_database_2.pdbx_DOI'                           
24 7 'Structure model' '_database_2.pdbx_database_accession'            
25 8 'Structure model' '_pdbx_entry_details.has_protein_modification'   
# 
_pdbx_database_status.status_code                     REL 
_pdbx_database_status.entry_id                        5A0F 
_pdbx_database_status.deposit_site                    PDBE 
_pdbx_database_status.process_site                    PDBE 
_pdbx_database_status.SG_entry                        . 
_pdbx_database_status.recvd_initial_deposition_date   2015-04-20 
_pdbx_database_status.pdb_format_compatible           Y 
_pdbx_database_status.status_code_sf                  REL 
_pdbx_database_status.status_code_mr                  ? 
_pdbx_database_status.status_code_cs                  ? 
_pdbx_database_status.methods_development_category    ? 
_pdbx_database_status.status_code_nmr_data            ? 
# 
loop_
_audit_author.name 
_audit_author.pdbx_ordinal 
_audit_author.identifier_ORCID 
'Jank, T.'         1 ? 
'Schimpl, M.'      2 ? 
'van Aalten, D.M.' 3 ? 
# 
_citation.id                        primary 
_citation.title                     
'Tyrosine glycosylation of Rho by Yersinia toxin impairs blastomere cell behaviour in zebrafish embryos.' 
_citation.journal_abbrev            'Nat Commun' 
_citation.journal_volume            6 
_citation.page_first                7807 
_citation.page_last                 7807 
_citation.year                      2015 
_citation.journal_id_ASTM           ? 
_citation.country                   UK 
_citation.journal_id_ISSN           2041-1723 
_citation.journal_id_CSD            ? 
_citation.book_publisher            ? 
_citation.pdbx_database_id_PubMed   26190758 
_citation.pdbx_database_id_DOI      10.1038/ncomms8807 
# 
loop_
_citation_author.citation_id 
_citation_author.name 
_citation_author.ordinal 
_citation_author.identifier_ORCID 
primary 'Jank, T.'         1 ? 
primary 'Eckerle, S.'      2 ? 
primary 'Steinemann, M.'   3 ? 
primary 'Trillhaase, C.'   4 ? 
primary 'Schimpl, M.'      5 ? 
primary 'Wiese, S.'        6 ? 
primary 'van Aalten, D.M.' 7 ? 
primary 'Driever, W.'      8 ? 
primary 'Aktories, K.'     9 ? 
# 
loop_
_entity.id 
_entity.type 
_entity.src_method 
_entity.pdbx_description 
_entity.formula_weight 
_entity.pdbx_number_of_molecules 
_entity.pdbx_ec 
_entity.pdbx_mutation 
_entity.pdbx_fragment 
_entity.details 
1 polymer     man 'TRANSFORMING PROTEIN RHOA'               20467.457 1  ? ? 'RESIDUES 1-181' 'GLYCOSYLATION AT Y 34' 
2 non-polymer syn "GUANOSINE-5'-DIPHOSPHATE"                443.201   1  ? ? ?                ?                       
3 non-polymer syn 'SULFATE ION'                             96.063    1  ? ? ?                ?                       
4 non-polymer man 2-acetamido-2-deoxy-alpha-D-glucopyranose 221.208   1  ? ? ?                ?                       
5 water       nat water                                     18.015    80 ? ? ?                ?                       
# 
_entity_name_com.entity_id   1 
_entity_name_com.name        'RAS-LIKE GTP-BINDING PROTEIN RHO, RHO CDNA CLONE 12, H12' 
# 
_entity_poly.entity_id                      1 
_entity_poly.type                           'polypeptide(L)' 
_entity_poly.nstd_linkage                   no 
_entity_poly.nstd_monomer                   no 
_entity_poly.pdbx_seq_one_letter_code       
;MAAIRKKLVIVGDGACGKTCLLIVFSKDQFPEVYVPTVFENYVADIEVDGKQVELALWDTAGQEDYDRLRPLSYPDTDVI
LMCFSIDSPDSLENIPEKWTPEVKHFCPNVPIILVGNKKDLRNDEHTRRELAKMKQEPVKPEEGRDMANRIGAFGYMECS
AKTKDGVREVFEMATRAALQA
;
_entity_poly.pdbx_seq_one_letter_code_can   
;MAAIRKKLVIVGDGACGKTCLLIVFSKDQFPEVYVPTVFENYVADIEVDGKQVELALWDTAGQEDYDRLRPLSYPDTDVI
LMCFSIDSPDSLENIPEKWTPEVKHFCPNVPIILVGNKKDLRNDEHTRRELAKMKQEPVKPEEGRDMANRIGAFGYMECS
AKTKDGVREVFEMATRAALQA
;
_entity_poly.pdbx_strand_id                 A 
_entity_poly.pdbx_target_identifier         ? 
# 
loop_
_pdbx_entity_nonpoly.entity_id 
_pdbx_entity_nonpoly.name 
_pdbx_entity_nonpoly.comp_id 
2 "GUANOSINE-5'-DIPHOSPHATE"                GDP 
3 'SULFATE ION'                             SO4 
4 2-acetamido-2-deoxy-alpha-D-glucopyranose NDG 
5 water                                     HOH 
# 
loop_
_entity_poly_seq.entity_id 
_entity_poly_seq.num 
_entity_poly_seq.mon_id 
_entity_poly_seq.hetero 
1 1   MET n 
1 2   ALA n 
1 3   ALA n 
1 4   ILE n 
1 5   ARG n 
1 6   LYS n 
1 7   LYS n 
1 8   LEU n 
1 9   VAL n 
1 10  ILE n 
1 11  VAL n 
1 12  GLY n 
1 13  ASP n 
1 14  GLY n 
1 15  ALA n 
1 16  CYS n 
1 17  GLY n 
1 18  LYS n 
1 19  THR n 
1 20  CYS n 
1 21  LEU n 
1 22  LEU n 
1 23  ILE n 
1 24  VAL n 
1 25  PHE n 
1 26  SER n 
1 27  LYS n 
1 28  ASP n 
1 29  GLN n 
1 30  PHE n 
1 31  PRO n 
1 32  GLU n 
1 33  VAL n 
1 34  TYR n 
1 35  VAL n 
1 36  PRO n 
1 37  THR n 
1 38  VAL n 
1 39  PHE n 
1 40  GLU n 
1 41  ASN n 
1 42  TYR n 
1 43  VAL n 
1 44  ALA n 
1 45  ASP n 
1 46  ILE n 
1 47  GLU n 
1 48  VAL n 
1 49  ASP n 
1 50  GLY n 
1 51  LYS n 
1 52  GLN n 
1 53  VAL n 
1 54  GLU n 
1 55  LEU n 
1 56  ALA n 
1 57  LEU n 
1 58  TRP n 
1 59  ASP n 
1 60  THR n 
1 61  ALA n 
1 62  GLY n 
1 63  GLN n 
1 64  GLU n 
1 65  ASP n 
1 66  TYR n 
1 67  ASP n 
1 68  ARG n 
1 69  LEU n 
1 70  ARG n 
1 71  PRO n 
1 72  LEU n 
1 73  SER n 
1 74  TYR n 
1 75  PRO n 
1 76  ASP n 
1 77  THR n 
1 78  ASP n 
1 79  VAL n 
1 80  ILE n 
1 81  LEU n 
1 82  MET n 
1 83  CYS n 
1 84  PHE n 
1 85  SER n 
1 86  ILE n 
1 87  ASP n 
1 88  SER n 
1 89  PRO n 
1 90  ASP n 
1 91  SER n 
1 92  LEU n 
1 93  GLU n 
1 94  ASN n 
1 95  ILE n 
1 96  PRO n 
1 97  GLU n 
1 98  LYS n 
1 99  TRP n 
1 100 THR n 
1 101 PRO n 
1 102 GLU n 
1 103 VAL n 
1 104 LYS n 
1 105 HIS n 
1 106 PHE n 
1 107 CYS n 
1 108 PRO n 
1 109 ASN n 
1 110 VAL n 
1 111 PRO n 
1 112 ILE n 
1 113 ILE n 
1 114 LEU n 
1 115 VAL n 
1 116 GLY n 
1 117 ASN n 
1 118 LYS n 
1 119 LYS n 
1 120 ASP n 
1 121 LEU n 
1 122 ARG n 
1 123 ASN n 
1 124 ASP n 
1 125 GLU n 
1 126 HIS n 
1 127 THR n 
1 128 ARG n 
1 129 ARG n 
1 130 GLU n 
1 131 LEU n 
1 132 ALA n 
1 133 LYS n 
1 134 MET n 
1 135 LYS n 
1 136 GLN n 
1 137 GLU n 
1 138 PRO n 
1 139 VAL n 
1 140 LYS n 
1 141 PRO n 
1 142 GLU n 
1 143 GLU n 
1 144 GLY n 
1 145 ARG n 
1 146 ASP n 
1 147 MET n 
1 148 ALA n 
1 149 ASN n 
1 150 ARG n 
1 151 ILE n 
1 152 GLY n 
1 153 ALA n 
1 154 PHE n 
1 155 GLY n 
1 156 TYR n 
1 157 MET n 
1 158 GLU n 
1 159 CYS n 
1 160 SER n 
1 161 ALA n 
1 162 LYS n 
1 163 THR n 
1 164 LYS n 
1 165 ASP n 
1 166 GLY n 
1 167 VAL n 
1 168 ARG n 
1 169 GLU n 
1 170 VAL n 
1 171 PHE n 
1 172 GLU n 
1 173 MET n 
1 174 ALA n 
1 175 THR n 
1 176 ARG n 
1 177 ALA n 
1 178 ALA n 
1 179 LEU n 
1 180 GLN n 
1 181 ALA n 
# 
_entity_src_gen.entity_id                          1 
_entity_src_gen.pdbx_src_id                        1 
_entity_src_gen.pdbx_alt_source_flag               sample 
_entity_src_gen.pdbx_seq_type                      ? 
_entity_src_gen.pdbx_beg_seq_num                   ? 
_entity_src_gen.pdbx_end_seq_num                   ? 
_entity_src_gen.gene_src_common_name               HUMAN 
_entity_src_gen.gene_src_genus                     ? 
_entity_src_gen.pdbx_gene_src_gene                 ? 
_entity_src_gen.gene_src_species                   ? 
_entity_src_gen.gene_src_strain                    ? 
_entity_src_gen.gene_src_tissue                    ? 
_entity_src_gen.gene_src_tissue_fraction           ? 
_entity_src_gen.gene_src_details                   ? 
_entity_src_gen.pdbx_gene_src_fragment             ? 
_entity_src_gen.pdbx_gene_src_scientific_name      'HOMO SAPIENS' 
_entity_src_gen.pdbx_gene_src_ncbi_taxonomy_id     9606 
_entity_src_gen.pdbx_gene_src_variant              ? 
_entity_src_gen.pdbx_gene_src_cell_line            ? 
_entity_src_gen.pdbx_gene_src_atcc                 ? 
_entity_src_gen.pdbx_gene_src_organ                ? 
_entity_src_gen.pdbx_gene_src_organelle            ? 
_entity_src_gen.pdbx_gene_src_cell                 ? 
_entity_src_gen.pdbx_gene_src_cellular_location    ? 
_entity_src_gen.host_org_common_name               ? 
_entity_src_gen.pdbx_host_org_scientific_name      'Escherichia coli BL21(DE3)' 
_entity_src_gen.pdbx_host_org_ncbi_taxonomy_id     469008 
_entity_src_gen.host_org_genus                     ? 
_entity_src_gen.pdbx_host_org_gene                 ? 
_entity_src_gen.pdbx_host_org_organ                ? 
_entity_src_gen.host_org_species                   ? 
_entity_src_gen.pdbx_host_org_tissue               ? 
_entity_src_gen.pdbx_host_org_tissue_fraction      ? 
_entity_src_gen.pdbx_host_org_strain               ? 
_entity_src_gen.pdbx_host_org_variant              ? 
_entity_src_gen.pdbx_host_org_cell_line            ? 
_entity_src_gen.pdbx_host_org_atcc                 ? 
_entity_src_gen.pdbx_host_org_culture_collection   ? 
_entity_src_gen.pdbx_host_org_cell                 ? 
_entity_src_gen.pdbx_host_org_organelle            ? 
_entity_src_gen.pdbx_host_org_cellular_location    ? 
_entity_src_gen.pdbx_host_org_vector_type          ? 
_entity_src_gen.pdbx_host_org_vector               ? 
_entity_src_gen.host_org_details                   ? 
_entity_src_gen.expression_system_id               ? 
_entity_src_gen.plasmid_name                       PGEX4T 
_entity_src_gen.plasmid_details                    ? 
_entity_src_gen.pdbx_description                   ? 
# 
loop_
_chem_comp.id 
_chem_comp.type 
_chem_comp.mon_nstd_flag 
_chem_comp.name 
_chem_comp.pdbx_synonyms 
_chem_comp.formula 
_chem_comp.formula_weight 
ALA 'L-peptide linking'           y ALANINE                                   ? 'C3 H7 N O2'        89.093  
ARG 'L-peptide linking'           y ARGININE                                  ? 'C6 H15 N4 O2 1'    175.209 
ASN 'L-peptide linking'           y ASPARAGINE                                ? 'C4 H8 N2 O3'       132.118 
ASP 'L-peptide linking'           y 'ASPARTIC ACID'                           ? 'C4 H7 N O4'        133.103 
CYS 'L-peptide linking'           y CYSTEINE                                  ? 'C3 H7 N O2 S'      121.158 
GDP 'RNA linking'                 n "GUANOSINE-5'-DIPHOSPHATE"                ? 'C10 H15 N5 O11 P2' 443.201 
GLN 'L-peptide linking'           y GLUTAMINE                                 ? 'C5 H10 N2 O3'      146.144 
GLU 'L-peptide linking'           y 'GLUTAMIC ACID'                           ? 'C5 H9 N O4'        147.129 
GLY 'peptide linking'             y GLYCINE                                   ? 'C2 H5 N O2'        75.067  
HIS 'L-peptide linking'           y HISTIDINE                                 ? 'C6 H10 N3 O2 1'    156.162 
HOH non-polymer                   . WATER                                     ? 'H2 O'              18.015  
ILE 'L-peptide linking'           y ISOLEUCINE                                ? 'C6 H13 N O2'       131.173 
LEU 'L-peptide linking'           y LEUCINE                                   ? 'C6 H13 N O2'       131.173 
LYS 'L-peptide linking'           y LYSINE                                    ? 'C6 H15 N2 O2 1'    147.195 
MET 'L-peptide linking'           y METHIONINE                                ? 'C5 H11 N O2 S'     149.211 
NDG 'D-saccharide, alpha linking' . 2-acetamido-2-deoxy-alpha-D-glucopyranose 
;N-acetyl-alpha-D-glucosamine; 2-acetamido-2-deoxy-alpha-D-glucose; 2-acetamido-2-deoxy-D-glucose; 2-acetamido-2-deoxy-glucose; 2-(ACETYLAMINO)-2-DEOXY-A-D-GLUCOPYRANOSE
;
'C8 H15 N O6'       221.208 
PHE 'L-peptide linking'           y PHENYLALANINE                             ? 'C9 H11 N O2'       165.189 
PRO 'L-peptide linking'           y PROLINE                                   ? 'C5 H9 N O2'        115.130 
SER 'L-peptide linking'           y SERINE                                    ? 'C3 H7 N O3'        105.093 
SO4 non-polymer                   . 'SULFATE ION'                             ? 'O4 S -2'           96.063  
THR 'L-peptide linking'           y THREONINE                                 ? 'C4 H9 N O3'        119.119 
TRP 'L-peptide linking'           y TRYPTOPHAN                                ? 'C11 H12 N2 O2'     204.225 
TYR 'L-peptide linking'           y TYROSINE                                  ? 'C9 H11 N O3'       181.189 
VAL 'L-peptide linking'           y VALINE                                    ? 'C5 H11 N O2'       117.146 
# 
loop_
_pdbx_chem_comp_identifier.comp_id 
_pdbx_chem_comp_identifier.type 
_pdbx_chem_comp_identifier.program 
_pdbx_chem_comp_identifier.program_version 
_pdbx_chem_comp_identifier.identifier 
NDG 'CONDENSED IUPAC CARBOHYDRATE SYMBOL' GMML     1.0 DGlcpNAca                      
NDG 'COMMON NAME'                         GMML     1.0 N-acetyl-a-D-glucopyranosamine 
NDG 'IUPAC CARBOHYDRATE SYMBOL'           PDB-CARE 1.0 a-D-GlcpNAc                    
NDG 'SNFG CARBOHYDRATE SYMBOL'            GMML     1.0 GlcNAc                         
# 
loop_
_pdbx_poly_seq_scheme.asym_id 
_pdbx_poly_seq_scheme.entity_id 
_pdbx_poly_seq_scheme.seq_id 
_pdbx_poly_seq_scheme.mon_id 
_pdbx_poly_seq_scheme.ndb_seq_num 
_pdbx_poly_seq_scheme.pdb_seq_num 
_pdbx_poly_seq_scheme.auth_seq_num 
_pdbx_poly_seq_scheme.pdb_mon_id 
_pdbx_poly_seq_scheme.auth_mon_id 
_pdbx_poly_seq_scheme.pdb_strand_id 
_pdbx_poly_seq_scheme.pdb_ins_code 
_pdbx_poly_seq_scheme.hetero 
A 1 1   MET 1   1   ?   ?   ?   A . n 
A 1 2   ALA 2   2   ?   ?   ?   A . n 
A 1 3   ALA 3   3   3   ALA ALA A . n 
A 1 4   ILE 4   4   4   ILE ILE A . n 
A 1 5   ARG 5   5   5   ARG ARG A . n 
A 1 6   LYS 6   6   6   LYS LYS A . n 
A 1 7   LYS 7   7   7   LYS LYS A . n 
A 1 8   LEU 8   8   8   LEU LEU A . n 
A 1 9   VAL 9   9   9   VAL VAL A . n 
A 1 10  ILE 10  10  10  ILE ILE A . n 
A 1 11  VAL 11  11  11  VAL VAL A . n 
A 1 12  GLY 12  12  12  GLY GLY A . n 
A 1 13  ASP 13  13  13  ASP ASP A . n 
A 1 14  GLY 14  14  14  GLY GLY A . n 
A 1 15  ALA 15  15  15  ALA ALA A . n 
A 1 16  CYS 16  16  16  CYS CYS A . n 
A 1 17  GLY 17  17  17  GLY GLY A . n 
A 1 18  LYS 18  18  18  LYS LYS A . n 
A 1 19  THR 19  19  19  THR THR A . n 
A 1 20  CYS 20  20  20  CYS CYS A . n 
A 1 21  LEU 21  21  21  LEU LEU A . n 
A 1 22  LEU 22  22  22  LEU LEU A . n 
A 1 23  ILE 23  23  23  ILE ILE A . n 
A 1 24  VAL 24  24  24  VAL VAL A . n 
A 1 25  PHE 25  25  25  PHE PHE A . n 
A 1 26  SER 26  26  26  SER SER A . n 
A 1 27  LYS 27  27  27  LYS LYS A . n 
A 1 28  ASP 28  28  28  ASP ASP A . n 
A 1 29  GLN 29  29  29  GLN GLN A . n 
A 1 30  PHE 30  30  30  PHE PHE A . n 
A 1 31  PRO 31  31  31  PRO PRO A . n 
A 1 32  GLU 32  32  32  GLU GLU A . n 
A 1 33  VAL 33  33  33  VAL VAL A . n 
A 1 34  TYR 34  34  34  TYR TYR A . n 
A 1 35  VAL 35  35  35  VAL VAL A . n 
A 1 36  PRO 36  36  36  PRO PRO A . n 
A 1 37  THR 37  37  37  THR THR A . n 
A 1 38  VAL 38  38  38  VAL VAL A . n 
A 1 39  PHE 39  39  39  PHE PHE A . n 
A 1 40  GLU 40  40  40  GLU GLU A . n 
A 1 41  ASN 41  41  41  ASN ASN A . n 
A 1 42  TYR 42  42  42  TYR TYR A . n 
A 1 43  VAL 43  43  43  VAL VAL A . n 
A 1 44  ALA 44  44  44  ALA ALA A . n 
A 1 45  ASP 45  45  45  ASP ASP A . n 
A 1 46  ILE 46  46  46  ILE ILE A . n 
A 1 47  GLU 47  47  47  GLU GLU A . n 
A 1 48  VAL 48  48  48  VAL VAL A . n 
A 1 49  ASP 49  49  49  ASP ASP A . n 
A 1 50  GLY 50  50  50  GLY GLY A . n 
A 1 51  LYS 51  51  51  LYS LYS A . n 
A 1 52  GLN 52  52  52  GLN GLN A . n 
A 1 53  VAL 53  53  53  VAL VAL A . n 
A 1 54  GLU 54  54  54  GLU GLU A . n 
A 1 55  LEU 55  55  55  LEU LEU A . n 
A 1 56  ALA 56  56  56  ALA ALA A . n 
A 1 57  LEU 57  57  57  LEU LEU A . n 
A 1 58  TRP 58  58  58  TRP TRP A . n 
A 1 59  ASP 59  59  59  ASP ASP A . n 
A 1 60  THR 60  60  60  THR THR A . n 
A 1 61  ALA 61  61  61  ALA ALA A . n 
A 1 62  GLY 62  62  62  GLY GLY A . n 
A 1 63  GLN 63  63  63  GLN GLN A . n 
A 1 64  GLU 64  64  64  GLU GLU A . n 
A 1 65  ASP 65  65  65  ASP ASP A . n 
A 1 66  TYR 66  66  66  TYR TYR A . n 
A 1 67  ASP 67  67  67  ASP ASP A . n 
A 1 68  ARG 68  68  68  ARG ARG A . n 
A 1 69  LEU 69  69  69  LEU LEU A . n 
A 1 70  ARG 70  70  70  ARG ARG A . n 
A 1 71  PRO 71  71  71  PRO PRO A . n 
A 1 72  LEU 72  72  72  LEU LEU A . n 
A 1 73  SER 73  73  73  SER SER A . n 
A 1 74  TYR 74  74  74  TYR TYR A . n 
A 1 75  PRO 75  75  75  PRO PRO A . n 
A 1 76  ASP 76  76  76  ASP ASP A . n 
A 1 77  THR 77  77  77  THR THR A . n 
A 1 78  ASP 78  78  78  ASP ASP A . n 
A 1 79  VAL 79  79  79  VAL VAL A . n 
A 1 80  ILE 80  80  80  ILE ILE A . n 
A 1 81  LEU 81  81  81  LEU LEU A . n 
A 1 82  MET 82  82  82  MET MET A . n 
A 1 83  CYS 83  83  83  CYS CYS A . n 
A 1 84  PHE 84  84  84  PHE PHE A . n 
A 1 85  SER 85  85  85  SER SER A . n 
A 1 86  ILE 86  86  86  ILE ILE A . n 
A 1 87  ASP 87  87  87  ASP ASP A . n 
A 1 88  SER 88  88  88  SER SER A . n 
A 1 89  PRO 89  89  89  PRO PRO A . n 
A 1 90  ASP 90  90  90  ASP ASP A . n 
A 1 91  SER 91  91  91  SER SER A . n 
A 1 92  LEU 92  92  92  LEU LEU A . n 
A 1 93  GLU 93  93  93  GLU GLU A . n 
A 1 94  ASN 94  94  94  ASN ASN A . n 
A 1 95  ILE 95  95  95  ILE ILE A . n 
A 1 96  PRO 96  96  96  PRO PRO A . n 
A 1 97  GLU 97  97  97  GLU GLU A . n 
A 1 98  LYS 98  98  98  LYS LYS A . n 
A 1 99  TRP 99  99  99  TRP TRP A . n 
A 1 100 THR 100 100 100 THR THR A . n 
A 1 101 PRO 101 101 101 PRO PRO A . n 
A 1 102 GLU 102 102 102 GLU GLU A . n 
A 1 103 VAL 103 103 103 VAL VAL A . n 
A 1 104 LYS 104 104 104 LYS LYS A . n 
A 1 105 HIS 105 105 105 HIS HIS A . n 
A 1 106 PHE 106 106 106 PHE PHE A . n 
A 1 107 CYS 107 107 107 CYS CYS A . n 
A 1 108 PRO 108 108 108 PRO PRO A . n 
A 1 109 ASN 109 109 109 ASN ASN A . n 
A 1 110 VAL 110 110 110 VAL VAL A . n 
A 1 111 PRO 111 111 111 PRO PRO A . n 
A 1 112 ILE 112 112 112 ILE ILE A . n 
A 1 113 ILE 113 113 113 ILE ILE A . n 
A 1 114 LEU 114 114 114 LEU LEU A . n 
A 1 115 VAL 115 115 115 VAL VAL A . n 
A 1 116 GLY 116 116 116 GLY GLY A . n 
A 1 117 ASN 117 117 117 ASN ASN A . n 
A 1 118 LYS 118 118 118 LYS LYS A . n 
A 1 119 LYS 119 119 119 LYS LYS A . n 
A 1 120 ASP 120 120 120 ASP ASP A . n 
A 1 121 LEU 121 121 121 LEU LEU A . n 
A 1 122 ARG 122 122 122 ARG ARG A . n 
A 1 123 ASN 123 123 123 ASN ASN A . n 
A 1 124 ASP 124 124 124 ASP ASP A . n 
A 1 125 GLU 125 125 125 GLU GLU A . n 
A 1 126 HIS 126 126 126 HIS HIS A . n 
A 1 127 THR 127 127 127 THR THR A . n 
A 1 128 ARG 128 128 128 ARG ARG A . n 
A 1 129 ARG 129 129 129 ARG ARG A . n 
A 1 130 GLU 130 130 130 GLU GLU A . n 
A 1 131 LEU 131 131 131 LEU LEU A . n 
A 1 132 ALA 132 132 132 ALA ALA A . n 
A 1 133 LYS 133 133 133 LYS LYS A . n 
A 1 134 MET 134 134 134 MET MET A . n 
A 1 135 LYS 135 135 135 LYS LYS A . n 
A 1 136 GLN 136 136 136 GLN GLN A . n 
A 1 137 GLU 137 137 137 GLU GLU A . n 
A 1 138 PRO 138 138 138 PRO PRO A . n 
A 1 139 VAL 139 139 139 VAL VAL A . n 
A 1 140 LYS 140 140 140 LYS LYS A . n 
A 1 141 PRO 141 141 141 PRO PRO A . n 
A 1 142 GLU 142 142 142 GLU GLU A . n 
A 1 143 GLU 143 143 143 GLU GLU A . n 
A 1 144 GLY 144 144 144 GLY GLY A . n 
A 1 145 ARG 145 145 145 ARG ARG A . n 
A 1 146 ASP 146 146 146 ASP ASP A . n 
A 1 147 MET 147 147 147 MET MET A . n 
A 1 148 ALA 148 148 148 ALA ALA A . n 
A 1 149 ASN 149 149 149 ASN ASN A . n 
A 1 150 ARG 150 150 150 ARG ARG A . n 
A 1 151 ILE 151 151 151 ILE ILE A . n 
A 1 152 GLY 152 152 152 GLY GLY A . n 
A 1 153 ALA 153 153 153 ALA ALA A . n 
A 1 154 PHE 154 154 154 PHE PHE A . n 
A 1 155 GLY 155 155 155 GLY GLY A . n 
A 1 156 TYR 156 156 156 TYR TYR A . n 
A 1 157 MET 157 157 157 MET MET A . n 
A 1 158 GLU 158 158 158 GLU GLU A . n 
A 1 159 CYS 159 159 159 CYS CYS A . n 
A 1 160 SER 160 160 160 SER SER A . n 
A 1 161 ALA 161 161 161 ALA ALA A . n 
A 1 162 LYS 162 162 162 LYS LYS A . n 
A 1 163 THR 163 163 163 THR THR A . n 
A 1 164 LYS 164 164 164 LYS LYS A . n 
A 1 165 ASP 165 165 165 ASP ASP A . n 
A 1 166 GLY 166 166 166 GLY GLY A . n 
A 1 167 VAL 167 167 167 VAL VAL A . n 
A 1 168 ARG 168 168 168 ARG ARG A . n 
A 1 169 GLU 169 169 169 GLU GLU A . n 
A 1 170 VAL 170 170 170 VAL VAL A . n 
A 1 171 PHE 171 171 171 PHE PHE A . n 
A 1 172 GLU 172 172 172 GLU GLU A . n 
A 1 173 MET 173 173 173 MET MET A . n 
A 1 174 ALA 174 174 174 ALA ALA A . n 
A 1 175 THR 175 175 175 THR THR A . n 
A 1 176 ARG 176 176 176 ARG ARG A . n 
A 1 177 ALA 177 177 177 ALA ALA A . n 
A 1 178 ALA 178 178 178 ALA ALA A . n 
A 1 179 LEU 179 179 179 LEU LEU A . n 
A 1 180 GLN 180 180 180 GLN GLN A . n 
A 1 181 ALA 181 181 ?   ?   ?   A . n 
# 
loop_
_pdbx_nonpoly_scheme.asym_id 
_pdbx_nonpoly_scheme.entity_id 
_pdbx_nonpoly_scheme.mon_id 
_pdbx_nonpoly_scheme.ndb_seq_num 
_pdbx_nonpoly_scheme.pdb_seq_num 
_pdbx_nonpoly_scheme.auth_seq_num 
_pdbx_nonpoly_scheme.pdb_mon_id 
_pdbx_nonpoly_scheme.auth_mon_id 
_pdbx_nonpoly_scheme.pdb_strand_id 
_pdbx_nonpoly_scheme.pdb_ins_code 
B 2 GDP 1  200  200  GDP GDP A . 
C 3 SO4 1  1181 1181 SO4 SO4 A . 
D 4 NDG 1  2501 2501 NDG NDG A . 
E 5 HOH 1  2001 2001 HOH HOH A . 
E 5 HOH 2  2002 2002 HOH HOH A . 
E 5 HOH 3  2003 2003 HOH HOH A . 
E 5 HOH 4  2004 2004 HOH HOH A . 
E 5 HOH 5  2005 2005 HOH HOH A . 
E 5 HOH 6  2006 2006 HOH HOH A . 
E 5 HOH 7  2007 2007 HOH HOH A . 
E 5 HOH 8  2008 2008 HOH HOH A . 
E 5 HOH 9  2009 2009 HOH HOH A . 
E 5 HOH 10 2010 2010 HOH HOH A . 
E 5 HOH 11 2011 2011 HOH HOH A . 
E 5 HOH 12 2012 2012 HOH HOH A . 
E 5 HOH 13 2013 2013 HOH HOH A . 
E 5 HOH 14 2014 2014 HOH HOH A . 
E 5 HOH 15 2015 2015 HOH HOH A . 
E 5 HOH 16 2016 2016 HOH HOH A . 
E 5 HOH 17 2017 2017 HOH HOH A . 
E 5 HOH 18 2018 2018 HOH HOH A . 
E 5 HOH 19 2019 2019 HOH HOH A . 
E 5 HOH 20 2020 2020 HOH HOH A . 
E 5 HOH 21 2021 2021 HOH HOH A . 
E 5 HOH 22 2022 2022 HOH HOH A . 
E 5 HOH 23 2023 2023 HOH HOH A . 
E 5 HOH 24 2024 2024 HOH HOH A . 
E 5 HOH 25 2025 2025 HOH HOH A . 
E 5 HOH 26 2026 2026 HOH HOH A . 
E 5 HOH 27 2027 2027 HOH HOH A . 
E 5 HOH 28 2028 2028 HOH HOH A . 
E 5 HOH 29 2029 2029 HOH HOH A . 
E 5 HOH 30 2030 2030 HOH HOH A . 
E 5 HOH 31 2031 2031 HOH HOH A . 
E 5 HOH 32 2032 2032 HOH HOH A . 
E 5 HOH 33 2033 2033 HOH HOH A . 
E 5 HOH 34 2034 2034 HOH HOH A . 
E 5 HOH 35 2035 2035 HOH HOH A . 
E 5 HOH 36 2036 2036 HOH HOH A . 
E 5 HOH 37 2037 2037 HOH HOH A . 
E 5 HOH 38 2038 2038 HOH HOH A . 
E 5 HOH 39 2039 2039 HOH HOH A . 
E 5 HOH 40 2040 2040 HOH HOH A . 
E 5 HOH 41 2041 2041 HOH HOH A . 
E 5 HOH 42 2042 2042 HOH HOH A . 
E 5 HOH 43 2043 2043 HOH HOH A . 
E 5 HOH 44 2044 2044 HOH HOH A . 
E 5 HOH 45 2045 2045 HOH HOH A . 
E 5 HOH 46 2046 2046 HOH HOH A . 
E 5 HOH 47 2047 2047 HOH HOH A . 
E 5 HOH 48 2048 2048 HOH HOH A . 
E 5 HOH 49 2049 2049 HOH HOH A . 
E 5 HOH 50 2050 2050 HOH HOH A . 
E 5 HOH 51 2051 2051 HOH HOH A . 
E 5 HOH 52 2052 2052 HOH HOH A . 
E 5 HOH 53 2053 2053 HOH HOH A . 
E 5 HOH 54 2054 2054 HOH HOH A . 
E 5 HOH 55 2055 2055 HOH HOH A . 
E 5 HOH 56 2056 2056 HOH HOH A . 
E 5 HOH 57 2057 2057 HOH HOH A . 
E 5 HOH 58 2058 2058 HOH HOH A . 
E 5 HOH 59 2059 2059 HOH HOH A . 
E 5 HOH 60 2060 2060 HOH HOH A . 
E 5 HOH 61 2061 2061 HOH HOH A . 
E 5 HOH 62 2062 2062 HOH HOH A . 
E 5 HOH 63 2063 2063 HOH HOH A . 
E 5 HOH 64 2064 2064 HOH HOH A . 
E 5 HOH 65 2065 2065 HOH HOH A . 
E 5 HOH 66 2066 2066 HOH HOH A . 
E 5 HOH 67 2067 2067 HOH HOH A . 
E 5 HOH 68 2068 2068 HOH HOH A . 
E 5 HOH 69 2069 2069 HOH HOH A . 
E 5 HOH 70 2070 2070 HOH HOH A . 
E 5 HOH 71 2071 2071 HOH HOH A . 
E 5 HOH 72 2072 2072 HOH HOH A . 
E 5 HOH 73 2073 2073 HOH HOH A . 
E 5 HOH 74 2074 2074 HOH HOH A . 
E 5 HOH 75 2075 2075 HOH HOH A . 
E 5 HOH 76 2076 2076 HOH HOH A . 
E 5 HOH 77 2077 2077 HOH HOH A . 
E 5 HOH 78 2078 2078 HOH HOH A . 
E 5 HOH 79 2079 2079 HOH HOH A . 
E 5 HOH 80 2080 2080 HOH HOH A . 
# 
loop_
_pdbx_unobs_or_zero_occ_atoms.id 
_pdbx_unobs_or_zero_occ_atoms.PDB_model_num 
_pdbx_unobs_or_zero_occ_atoms.polymer_flag 
_pdbx_unobs_or_zero_occ_atoms.occupancy_flag 
_pdbx_unobs_or_zero_occ_atoms.auth_asym_id 
_pdbx_unobs_or_zero_occ_atoms.auth_comp_id 
_pdbx_unobs_or_zero_occ_atoms.auth_seq_id 
_pdbx_unobs_or_zero_occ_atoms.PDB_ins_code 
_pdbx_unobs_or_zero_occ_atoms.auth_atom_id 
_pdbx_unobs_or_zero_occ_atoms.label_alt_id 
_pdbx_unobs_or_zero_occ_atoms.label_asym_id 
_pdbx_unobs_or_zero_occ_atoms.label_comp_id 
_pdbx_unobs_or_zero_occ_atoms.label_seq_id 
_pdbx_unobs_or_zero_occ_atoms.label_atom_id 
1  1 Y 1 A GLU 32  ? CG  ? A GLU 32  CG  
2  1 Y 1 A GLU 32  ? CD  ? A GLU 32  CD  
3  1 Y 1 A GLU 32  ? OE1 ? A GLU 32  OE1 
4  1 Y 1 A GLU 32  ? OE2 ? A GLU 32  OE2 
5  1 Y 1 A ARG 128 ? CG  ? A ARG 128 CG  
6  1 Y 1 A ARG 128 ? CD  ? A ARG 128 CD  
7  1 Y 1 A ARG 128 ? NE  ? A ARG 128 NE  
8  1 Y 1 A ARG 128 ? CZ  ? A ARG 128 CZ  
9  1 Y 1 A ARG 128 ? NH1 ? A ARG 128 NH1 
10 1 Y 1 A ARG 128 ? NH2 ? A ARG 128 NH2 
11 1 Y 1 A GLU 142 ? CG  ? A GLU 142 CG  
12 1 Y 1 A GLU 142 ? CD  ? A GLU 142 CD  
13 1 Y 1 A GLU 142 ? OE1 ? A GLU 142 OE1 
14 1 Y 1 A GLU 142 ? OE2 ? A GLU 142 OE2 
# 
loop_
_software.name 
_software.classification 
_software.version 
_software.citation_id 
_software.pdbx_ordinal 
_software.date 
_software.type 
_software.location 
_software.language 
REFMAC    refinement       5.8.0049 ? 1 ? ? ? ? 
HKL-3000  'data reduction' .        ? 2 ? ? ? ? 
SCALEPACK 'data scaling'   .        ? 3 ? ? ? ? 
MOLREP    phasing          .        ? 4 ? ? ? ? 
# 
_cell.entry_id           5A0F 
_cell.length_a           91.392 
_cell.length_b           91.392 
_cell.length_c           56.628 
_cell.angle_alpha        90.00 
_cell.angle_beta         90.00 
_cell.angle_gamma        90.00 
_cell.Z_PDB              8 
_cell.pdbx_unique_axis   ? 
# 
_symmetry.entry_id                         5A0F 
_symmetry.space_group_name_H-M             'P 43 21 2' 
_symmetry.pdbx_full_space_group_name_H-M   ? 
_symmetry.cell_setting                     ? 
_symmetry.Int_Tables_number                96 
# 
_exptl.entry_id          5A0F 
_exptl.method            'X-RAY DIFFRACTION' 
_exptl.crystals_number   1 
# 
_exptl_crystal.id                    1 
_exptl_crystal.density_meas          ? 
_exptl_crystal.density_Matthews      2.93 
_exptl_crystal.density_percent_sol   58.07 
_exptl_crystal.description           NONE 
_exptl_crystal.preparation           ? 
# 
_exptl_crystal_grow.crystal_id      1 
_exptl_crystal_grow.method          'VAPOR DIFFUSION, SITTING DROP' 
_exptl_crystal_grow.temp            293.15 
_exptl_crystal_grow.temp_details    ? 
_exptl_crystal_grow.pH              ? 
_exptl_crystal_grow.pdbx_pH_range   ? 
_exptl_crystal_grow.pdbx_details    
'0.1 M SODIUM ACETATE, PH 5 AND 1.5 M AMMONIUM SULFATE; SITTING-DROP VAPOR-DIFFUSION AT 293.15 K' 
# 
_diffrn.id                               1 
_diffrn.ambient_temp                     100 
_diffrn.ambient_temp_details             ? 
_diffrn.crystal_id                       1 
_diffrn.pdbx_serial_crystal_experiment   ? 
# 
_diffrn_detector.diffrn_id              1 
_diffrn_detector.detector               CCD 
_diffrn_detector.type                   'RIGAKU CCD' 
_diffrn_detector.pdbx_collection_date   2014-02-21 
_diffrn_detector.details                ? 
# 
_diffrn_radiation.diffrn_id                        1 
_diffrn_radiation.wavelength_id                    1 
_diffrn_radiation.pdbx_monochromatic_or_laue_m_l   M 
_diffrn_radiation.monochromator                    ? 
_diffrn_radiation.pdbx_diffrn_protocol             'SINGLE WAVELENGTH' 
_diffrn_radiation.pdbx_scattering_type             x-ray 
# 
_diffrn_radiation_wavelength.id           1 
_diffrn_radiation_wavelength.wavelength   1.54 
_diffrn_radiation_wavelength.wt           1.0 
# 
_diffrn_source.diffrn_id                   1 
_diffrn_source.source                      'ROTATING ANODE' 
_diffrn_source.type                        'RIGAKU MICROMAX-007 HF' 
_diffrn_source.pdbx_synchrotron_site       ? 
_diffrn_source.pdbx_synchrotron_beamline   ? 
_diffrn_source.pdbx_wavelength             1.54 
_diffrn_source.pdbx_wavelength_list        ? 
# 
_reflns.pdbx_diffrn_id               1 
_reflns.pdbx_ordinal                 1 
_reflns.entry_id                     5A0F 
_reflns.observed_criterion_sigma_I   2.0 
_reflns.observed_criterion_sigma_F   ? 
_reflns.d_resolution_low             50.00 
_reflns.d_resolution_high            2.00 
_reflns.number_obs                   31941 
_reflns.number_all                   ? 
_reflns.percent_possible_obs         100.0 
_reflns.pdbx_Rmerge_I_obs            0.11 
_reflns.pdbx_Rsym_value              ? 
_reflns.pdbx_netI_over_sigmaI        21.30 
_reflns.B_iso_Wilson_estimate        ? 
_reflns.pdbx_redundancy              5.8 
# 
_reflns_shell.pdbx_diffrn_id         1 
_reflns_shell.pdbx_ordinal           1 
_reflns_shell.d_res_high             2.00 
_reflns_shell.d_res_low              2.07 
_reflns_shell.percent_possible_all   100.0 
_reflns_shell.Rmerge_I_obs           0.32 
_reflns_shell.pdbx_Rsym_value        ? 
_reflns_shell.meanI_over_sigI_obs    5.50 
_reflns_shell.pdbx_redundancy        5.6 
# 
_refine.pdbx_refine_id                           'X-RAY DIFFRACTION' 
_refine.entry_id                                 5A0F 
_refine.pdbx_diffrn_id                           1 
_refine.pdbx_TLS_residual_ADP_flag               ? 
_refine.ls_number_reflns_obs                     15937 
_refine.ls_number_reflns_all                     ? 
_refine.pdbx_ls_sigma_I                          ? 
_refine.pdbx_ls_sigma_F                          . 
_refine.pdbx_data_cutoff_high_absF               ? 
_refine.pdbx_data_cutoff_low_absF                ? 
_refine.pdbx_data_cutoff_high_rms_absF           ? 
_refine.ls_d_res_low                             91.39 
_refine.ls_d_res_high                            2.00 
_refine.ls_percent_reflns_obs                    99.77 
_refine.ls_R_factor_obs                          0.20571 
_refine.ls_R_factor_all                          ? 
_refine.ls_R_factor_R_work                       0.20533 
_refine.ls_R_factor_R_free                       0.21292 
_refine.ls_R_factor_R_free_error                 ? 
_refine.ls_R_factor_R_free_error_details         ? 
_refine.ls_percent_reflns_R_free                 5.2 
_refine.ls_number_reflns_R_free                  866 
_refine.ls_number_parameters                     ? 
_refine.ls_number_restraints                     ? 
_refine.occupancy_min                            ? 
_refine.occupancy_max                            ? 
_refine.correlation_coeff_Fo_to_Fc               ? 
_refine.correlation_coeff_Fo_to_Fc_free          ? 
_refine.B_iso_mean                               19.808 
_refine.aniso_B[1][1]                            -0.51 
_refine.aniso_B[2][2]                            -0.51 
_refine.aniso_B[3][3]                            1.02 
_refine.aniso_B[1][2]                            0.00 
_refine.aniso_B[1][3]                            0.00 
_refine.aniso_B[2][3]                            0.00 
_refine.solvent_model_details                    MASK 
_refine.solvent_model_param_ksol                 ? 
_refine.solvent_model_param_bsol                 ? 
_refine.pdbx_solvent_vdw_probe_radii             1.20 
_refine.pdbx_solvent_ion_probe_radii             0.80 
_refine.pdbx_solvent_shrinkage_radii             0.80 
_refine.pdbx_ls_cross_valid_method               THROUGHOUT 
_refine.details                                  'HYDROGENS HAVE BEEN ADDED IN THE RIDING POSITIONS. U VALUES REFINED INDIVIDUALLY' 
_refine.pdbx_starting_model                      'PDB ENTRY 1DPF' 
_refine.pdbx_method_to_determine_struct          'MOLECULAR REPLACEMENT' 
_refine.pdbx_isotropic_thermal_model             ? 
_refine.pdbx_stereochemistry_target_values       'MAXIMUM LIKELIHOOD' 
_refine.pdbx_stereochem_target_val_spec_case     ? 
_refine.pdbx_R_Free_selection_details            RANDOM 
_refine.pdbx_overall_ESU_R                       0.164 
_refine.pdbx_overall_ESU_R_Free                  0.134 
_refine.overall_SU_ML                            0.084 
_refine.pdbx_overall_phase_error                 ? 
_refine.overall_SU_B                             2.912 
_refine.overall_SU_R_Cruickshank_DPI             ? 
_refine.pdbx_overall_SU_R_free_Cruickshank_DPI   ? 
_refine.pdbx_overall_SU_R_Blow_DPI               ? 
_refine.pdbx_overall_SU_R_free_Blow_DPI          ? 
# 
_refine_hist.pdbx_refine_id                   'X-RAY DIFFRACTION' 
_refine_hist.cycle_id                         LAST 
_refine_hist.pdbx_number_atoms_protein        1399 
_refine_hist.pdbx_number_atoms_nucleic_acid   0 
_refine_hist.pdbx_number_atoms_ligand         47 
_refine_hist.number_atoms_solvent             80 
_refine_hist.number_atoms_total               1526 
_refine_hist.d_res_high                       2.00 
_refine_hist.d_res_low                        91.39 
# 
loop_
_refine_ls_restr.type 
_refine_ls_restr.dev_ideal 
_refine_ls_restr.dev_ideal_target 
_refine_ls_restr.weight 
_refine_ls_restr.number 
_refine_ls_restr.pdbx_refine_id 
_refine_ls_restr.pdbx_restraint_function 
r_bond_refined_d             0.013  0.019  ? 1476 'X-RAY DIFFRACTION' ? 
r_bond_other_d               0.001  0.020  ? 1391 'X-RAY DIFFRACTION' ? 
r_angle_refined_deg          1.671  2.015  ? 2007 'X-RAY DIFFRACTION' ? 
r_angle_other_deg            2.366  3.000  ? 3214 'X-RAY DIFFRACTION' ? 
r_dihedral_angle_1_deg       5.258  5.000  ? 177  'X-RAY DIFFRACTION' ? 
r_dihedral_angle_2_deg       38.105 24.769 ? 65   'X-RAY DIFFRACTION' ? 
r_dihedral_angle_3_deg       12.846 15.000 ? 254  'X-RAY DIFFRACTION' ? 
r_dihedral_angle_4_deg       21.436 15.000 ? 9    'X-RAY DIFFRACTION' ? 
r_chiral_restr               0.101  0.200  ? 225  'X-RAY DIFFRACTION' ? 
r_gen_planes_refined         0.007  0.021  ? 1617 'X-RAY DIFFRACTION' ? 
r_gen_planes_other           0.007  0.020  ? 306  'X-RAY DIFFRACTION' ? 
r_nbd_refined                ?      ?      ? ?    'X-RAY DIFFRACTION' ? 
r_nbd_other                  ?      ?      ? ?    'X-RAY DIFFRACTION' ? 
r_nbtor_refined              ?      ?      ? ?    'X-RAY DIFFRACTION' ? 
r_nbtor_other                ?      ?      ? ?    'X-RAY DIFFRACTION' ? 
r_xyhbond_nbd_refined        ?      ?      ? ?    'X-RAY DIFFRACTION' ? 
r_xyhbond_nbd_other          ?      ?      ? ?    'X-RAY DIFFRACTION' ? 
r_metal_ion_refined          ?      ?      ? ?    'X-RAY DIFFRACTION' ? 
r_metal_ion_other            ?      ?      ? ?    'X-RAY DIFFRACTION' ? 
r_symmetry_vdw_refined       ?      ?      ? ?    'X-RAY DIFFRACTION' ? 
r_symmetry_vdw_other         ?      ?      ? ?    'X-RAY DIFFRACTION' ? 
r_symmetry_hbond_refined     ?      ?      ? ?    'X-RAY DIFFRACTION' ? 
r_symmetry_hbond_other       ?      ?      ? ?    'X-RAY DIFFRACTION' ? 
r_symmetry_metal_ion_refined ?      ?      ? ?    'X-RAY DIFFRACTION' ? 
r_symmetry_metal_ion_other   ?      ?      ? ?    'X-RAY DIFFRACTION' ? 
r_mcbond_it                  1.237  1.788  ? 711  'X-RAY DIFFRACTION' ? 
r_mcbond_other               1.236  1.788  ? 710  'X-RAY DIFFRACTION' ? 
r_mcangle_it                 1.901  2.673  ? 887  'X-RAY DIFFRACTION' ? 
r_mcangle_other              ?      ?      ? ?    'X-RAY DIFFRACTION' ? 
r_scbond_it                  2.109  2.117  ? 764  'X-RAY DIFFRACTION' ? 
r_scbond_other               ?      ?      ? ?    'X-RAY DIFFRACTION' ? 
r_scangle_it                 ?      ?      ? ?    'X-RAY DIFFRACTION' ? 
r_scangle_other              ?      ?      ? ?    'X-RAY DIFFRACTION' ? 
r_long_range_B_refined       ?      ?      ? ?    'X-RAY DIFFRACTION' ? 
r_long_range_B_other         ?      ?      ? ?    'X-RAY DIFFRACTION' ? 
r_rigid_bond_restr           ?      ?      ? ?    'X-RAY DIFFRACTION' ? 
r_sphericity_free            ?      ?      ? ?    'X-RAY DIFFRACTION' ? 
r_sphericity_bonded          ?      ?      ? ?    'X-RAY DIFFRACTION' ? 
# 
_refine_ls_shell.pdbx_refine_id                   'X-RAY DIFFRACTION' 
_refine_ls_shell.pdbx_total_number_of_bins_used   20 
_refine_ls_shell.d_res_high                       1.996 
_refine_ls_shell.d_res_low                        2.048 
_refine_ls_shell.number_reflns_R_work             1133 
_refine_ls_shell.R_factor_R_work                  0.210 
_refine_ls_shell.percent_reflns_obs               98.52 
_refine_ls_shell.R_factor_R_free                  0.255 
_refine_ls_shell.R_factor_R_free_error            ? 
_refine_ls_shell.percent_reflns_R_free            ? 
_refine_ls_shell.number_reflns_R_free             62 
_refine_ls_shell.number_reflns_all                ? 
_refine_ls_shell.R_factor_all                     ? 
# 
_struct.entry_id                  5A0F 
_struct.title                     'Crystal structure of Yersinia Afp18-modified RhoA' 
_struct.pdbx_model_details        ? 
_struct.pdbx_CASP_flag            ? 
_struct.pdbx_model_type_details   ? 
# 
_struct_keywords.entry_id        5A0F 
_struct_keywords.pdbx_keywords   'SIGNALING PROTEIN' 
_struct_keywords.text            
;SIGNALING PROTEIN, N-ACETYLGLUCOSAMINE-PROTEIN, TYROSINE GLYCOSYLATION, GTPASE, BACTERIAL TOXIN EFFECTOR, TYPE 6 SECRETION SYSTEM, ANTIFEEDING PROPHAGE
;
# 
loop_
_struct_asym.id 
_struct_asym.pdbx_blank_PDB_chainid_flag 
_struct_asym.pdbx_modified 
_struct_asym.entity_id 
_struct_asym.details 
A N N 1 ? 
B N N 2 ? 
C N N 3 ? 
D N N 4 ? 
E N N 5 ? 
# 
_struct_ref.id                         1 
_struct_ref.db_name                    UNP 
_struct_ref.db_code                    RHOA_HUMAN 
_struct_ref.entity_id                  1 
_struct_ref.pdbx_seq_one_letter_code   ? 
_struct_ref.pdbx_align_begin           ? 
_struct_ref.pdbx_db_accession          P61586 
_struct_ref.pdbx_db_isoform            ? 
# 
_struct_ref_seq.align_id                      1 
_struct_ref_seq.ref_id                        1 
_struct_ref_seq.pdbx_PDB_id_code              5A0F 
_struct_ref_seq.pdbx_strand_id                A 
_struct_ref_seq.seq_align_beg                 1 
_struct_ref_seq.pdbx_seq_align_beg_ins_code   ? 
_struct_ref_seq.seq_align_end                 181 
_struct_ref_seq.pdbx_seq_align_end_ins_code   ? 
_struct_ref_seq.pdbx_db_accession             P61586 
_struct_ref_seq.db_align_beg                  1 
_struct_ref_seq.pdbx_db_align_beg_ins_code    ? 
_struct_ref_seq.db_align_end                  181 
_struct_ref_seq.pdbx_db_align_end_ins_code    ? 
_struct_ref_seq.pdbx_auth_seq_align_beg       1 
_struct_ref_seq.pdbx_auth_seq_align_end       181 
# 
_pdbx_struct_assembly.id                   1 
_pdbx_struct_assembly.details              author_and_software_defined_assembly 
_pdbx_struct_assembly.method_details       PISA 
_pdbx_struct_assembly.oligomeric_details   monomeric 
_pdbx_struct_assembly.oligomeric_count     1 
# 
_pdbx_struct_assembly_gen.assembly_id       1 
_pdbx_struct_assembly_gen.oper_expression   1 
_pdbx_struct_assembly_gen.asym_id_list      A,B,C,D,E 
# 
_pdbx_struct_oper_list.id                   1 
_pdbx_struct_oper_list.type                 'identity operation' 
_pdbx_struct_oper_list.name                 1_555 
_pdbx_struct_oper_list.symmetry_operation   x,y,z 
_pdbx_struct_oper_list.matrix[1][1]         1.0000000000 
_pdbx_struct_oper_list.matrix[1][2]         0.0000000000 
_pdbx_struct_oper_list.matrix[1][3]         0.0000000000 
_pdbx_struct_oper_list.vector[1]            0.0000000000 
_pdbx_struct_oper_list.matrix[2][1]         0.0000000000 
_pdbx_struct_oper_list.matrix[2][2]         1.0000000000 
_pdbx_struct_oper_list.matrix[2][3]         0.0000000000 
_pdbx_struct_oper_list.vector[2]            0.0000000000 
_pdbx_struct_oper_list.matrix[3][1]         0.0000000000 
_pdbx_struct_oper_list.matrix[3][2]         0.0000000000 
_pdbx_struct_oper_list.matrix[3][3]         1.0000000000 
_pdbx_struct_oper_list.vector[3]            0.0000000000 
# 
loop_
_struct_conf.conf_type_id 
_struct_conf.id 
_struct_conf.pdbx_PDB_helix_id 
_struct_conf.beg_label_comp_id 
_struct_conf.beg_label_asym_id 
_struct_conf.beg_label_seq_id 
_struct_conf.pdbx_beg_PDB_ins_code 
_struct_conf.end_label_comp_id 
_struct_conf.end_label_asym_id 
_struct_conf.end_label_seq_id 
_struct_conf.pdbx_end_PDB_ins_code 
_struct_conf.beg_auth_comp_id 
_struct_conf.beg_auth_asym_id 
_struct_conf.beg_auth_seq_id 
_struct_conf.end_auth_comp_id 
_struct_conf.end_auth_asym_id 
_struct_conf.end_auth_seq_id 
_struct_conf.pdbx_PDB_helix_class 
_struct_conf.details 
_struct_conf.pdbx_PDB_helix_length 
HELX_P HELX_P1 1 GLY A 17  ? ASP A 28  ? GLY A 17  ASP A 28  1 ? 12 
HELX_P HELX_P2 2 LEU A 69  ? TYR A 74  ? LEU A 69  TYR A 74  5 ? 6  
HELX_P HELX_P3 3 SER A 88  ? CYS A 107 ? SER A 88  CYS A 107 1 ? 20 
HELX_P HELX_P4 4 LYS A 118 ? ARG A 122 ? LYS A 118 ARG A 122 5 ? 5  
HELX_P HELX_P5 5 ASP A 124 ? LYS A 133 ? ASP A 124 LYS A 133 1 ? 10 
HELX_P HELX_P6 6 LYS A 140 ? GLY A 152 ? LYS A 140 GLY A 152 1 ? 13 
HELX_P HELX_P7 7 GLY A 166 ? GLN A 180 ? GLY A 166 GLN A 180 1 ? 15 
# 
_struct_conf_type.id          HELX_P 
_struct_conf_type.criteria    ? 
_struct_conf_type.reference   ? 
# 
_struct_conn.id                            covale1 
_struct_conn.conn_type_id                  covale 
_struct_conn.pdbx_leaving_atom_flag        one 
_struct_conn.pdbx_PDB_id                   ? 
_struct_conn.ptnr1_label_asym_id           A 
_struct_conn.ptnr1_label_comp_id           TYR 
_struct_conn.ptnr1_label_seq_id            34 
_struct_conn.ptnr1_label_atom_id           OH 
_struct_conn.pdbx_ptnr1_label_alt_id       ? 
_struct_conn.pdbx_ptnr1_PDB_ins_code       ? 
_struct_conn.pdbx_ptnr1_standard_comp_id   ? 
_struct_conn.ptnr1_symmetry                1_555 
_struct_conn.ptnr2_label_asym_id           D 
_struct_conn.ptnr2_label_comp_id           NDG 
_struct_conn.ptnr2_label_seq_id            . 
_struct_conn.ptnr2_label_atom_id           C1 
_struct_conn.pdbx_ptnr2_label_alt_id       ? 
_struct_conn.pdbx_ptnr2_PDB_ins_code       ? 
_struct_conn.ptnr1_auth_asym_id            A 
_struct_conn.ptnr1_auth_comp_id            TYR 
_struct_conn.ptnr1_auth_seq_id             34 
_struct_conn.ptnr2_auth_asym_id            A 
_struct_conn.ptnr2_auth_comp_id            NDG 
_struct_conn.ptnr2_auth_seq_id             2501 
_struct_conn.ptnr2_symmetry                1_555 
_struct_conn.pdbx_ptnr3_label_atom_id      ? 
_struct_conn.pdbx_ptnr3_label_seq_id       ? 
_struct_conn.pdbx_ptnr3_label_comp_id      ? 
_struct_conn.pdbx_ptnr3_label_asym_id      ? 
_struct_conn.pdbx_ptnr3_label_alt_id       ? 
_struct_conn.pdbx_ptnr3_PDB_ins_code       ? 
_struct_conn.details                       ? 
_struct_conn.pdbx_dist_value               1.413 
_struct_conn.pdbx_value_order              ? 
_struct_conn.pdbx_role                     O-Glycosylation 
# 
_struct_conn_type.id          covale 
_struct_conn_type.criteria    ? 
_struct_conn_type.reference   ? 
# 
_pdbx_modification_feature.ordinal                            1 
_pdbx_modification_feature.label_comp_id                      NDG 
_pdbx_modification_feature.label_asym_id                      D 
_pdbx_modification_feature.label_seq_id                       . 
_pdbx_modification_feature.label_alt_id                       ? 
_pdbx_modification_feature.modified_residue_label_comp_id     TYR 
_pdbx_modification_feature.modified_residue_label_asym_id     A 
_pdbx_modification_feature.modified_residue_label_seq_id      34 
_pdbx_modification_feature.modified_residue_label_alt_id      ? 
_pdbx_modification_feature.auth_comp_id                       NDG 
_pdbx_modification_feature.auth_asym_id                       A 
_pdbx_modification_feature.auth_seq_id                        2501 
_pdbx_modification_feature.PDB_ins_code                       ? 
_pdbx_modification_feature.symmetry                           1_555 
_pdbx_modification_feature.modified_residue_auth_comp_id      TYR 
_pdbx_modification_feature.modified_residue_auth_asym_id      A 
_pdbx_modification_feature.modified_residue_auth_seq_id       34 
_pdbx_modification_feature.modified_residue_PDB_ins_code      ? 
_pdbx_modification_feature.modified_residue_symmetry          1_555 
_pdbx_modification_feature.comp_id_linking_atom               C1 
_pdbx_modification_feature.modified_residue_id_linking_atom   OH 
_pdbx_modification_feature.modified_residue_id                TYR 
_pdbx_modification_feature.ref_pcm_id                         2 
_pdbx_modification_feature.ref_comp_id                        NDG 
_pdbx_modification_feature.type                               O-Glycosylation 
_pdbx_modification_feature.category                           Carbohydrate 
# 
_struct_mon_prot_cis.pdbx_id                1 
_struct_mon_prot_cis.label_comp_id          PHE 
_struct_mon_prot_cis.label_seq_id           30 
_struct_mon_prot_cis.label_asym_id          A 
_struct_mon_prot_cis.label_alt_id           . 
_struct_mon_prot_cis.pdbx_PDB_ins_code      ? 
_struct_mon_prot_cis.auth_comp_id           PHE 
_struct_mon_prot_cis.auth_seq_id            30 
_struct_mon_prot_cis.auth_asym_id           A 
_struct_mon_prot_cis.pdbx_label_comp_id_2   PRO 
_struct_mon_prot_cis.pdbx_label_seq_id_2    31 
_struct_mon_prot_cis.pdbx_label_asym_id_2   A 
_struct_mon_prot_cis.pdbx_PDB_ins_code_2    ? 
_struct_mon_prot_cis.pdbx_auth_comp_id_2    PRO 
_struct_mon_prot_cis.pdbx_auth_seq_id_2     31 
_struct_mon_prot_cis.pdbx_auth_asym_id_2    A 
_struct_mon_prot_cis.pdbx_PDB_model_num     1 
_struct_mon_prot_cis.pdbx_omega_angle       0.43 
# 
_struct_sheet.id               AA 
_struct_sheet.type             ? 
_struct_sheet.number_strands   6 
_struct_sheet.details          ? 
# 
loop_
_struct_sheet_order.sheet_id 
_struct_sheet_order.range_id_1 
_struct_sheet_order.range_id_2 
_struct_sheet_order.offset 
_struct_sheet_order.sense 
AA 1 2 ? anti-parallel 
AA 2 3 ? parallel      
AA 3 4 ? parallel      
AA 4 5 ? parallel      
AA 5 6 ? parallel      
# 
loop_
_struct_sheet_range.sheet_id 
_struct_sheet_range.id 
_struct_sheet_range.beg_label_comp_id 
_struct_sheet_range.beg_label_asym_id 
_struct_sheet_range.beg_label_seq_id 
_struct_sheet_range.pdbx_beg_PDB_ins_code 
_struct_sheet_range.end_label_comp_id 
_struct_sheet_range.end_label_asym_id 
_struct_sheet_range.end_label_seq_id 
_struct_sheet_range.pdbx_end_PDB_ins_code 
_struct_sheet_range.beg_auth_comp_id 
_struct_sheet_range.beg_auth_asym_id 
_struct_sheet_range.beg_auth_seq_id 
_struct_sheet_range.end_auth_comp_id 
_struct_sheet_range.end_auth_asym_id 
_struct_sheet_range.end_auth_seq_id 
AA 1 TYR A 42  ? VAL A 48  ? TYR A 42  VAL A 48  
AA 2 LYS A 51  ? ASP A 59  ? LYS A 51  ASP A 59  
AA 3 ILE A 4   ? GLY A 12  ? ILE A 4   GLY A 12  
AA 4 VAL A 79  ? SER A 85  ? VAL A 79  SER A 85  
AA 5 ILE A 112 ? ASN A 117 ? ILE A 112 ASN A 117 
AA 6 GLY A 155 ? GLU A 158 ? GLY A 155 GLU A 158 
# 
loop_
_pdbx_struct_sheet_hbond.sheet_id 
_pdbx_struct_sheet_hbond.range_id_1 
_pdbx_struct_sheet_hbond.range_id_2 
_pdbx_struct_sheet_hbond.range_1_label_atom_id 
_pdbx_struct_sheet_hbond.range_1_label_comp_id 
_pdbx_struct_sheet_hbond.range_1_label_asym_id 
_pdbx_struct_sheet_hbond.range_1_label_seq_id 
_pdbx_struct_sheet_hbond.range_1_PDB_ins_code 
_pdbx_struct_sheet_hbond.range_1_auth_atom_id 
_pdbx_struct_sheet_hbond.range_1_auth_comp_id 
_pdbx_struct_sheet_hbond.range_1_auth_asym_id 
_pdbx_struct_sheet_hbond.range_1_auth_seq_id 
_pdbx_struct_sheet_hbond.range_2_label_atom_id 
_pdbx_struct_sheet_hbond.range_2_label_comp_id 
_pdbx_struct_sheet_hbond.range_2_label_asym_id 
_pdbx_struct_sheet_hbond.range_2_label_seq_id 
_pdbx_struct_sheet_hbond.range_2_PDB_ins_code 
_pdbx_struct_sheet_hbond.range_2_auth_atom_id 
_pdbx_struct_sheet_hbond.range_2_auth_comp_id 
_pdbx_struct_sheet_hbond.range_2_auth_asym_id 
_pdbx_struct_sheet_hbond.range_2_auth_seq_id 
AA 1 2 N VAL A 48  ? N VAL A 48  O LYS A 51  ? O LYS A 51  
AA 2 3 N GLU A 54  ? N GLU A 54  O ILE A 4   ? O ILE A 4   
AA 3 4 N VAL A 9   ? N VAL A 9   O VAL A 79  ? O VAL A 79  
AA 4 5 N MET A 82  ? N MET A 82  O ILE A 113 ? O ILE A 113 
AA 5 6 N LEU A 114 ? N LEU A 114 O GLY A 155 ? O GLY A 155 
# 
_pdbx_entry_details.entry_id                   5A0F 
_pdbx_entry_details.compound_details           ? 
_pdbx_entry_details.source_details             ? 
_pdbx_entry_details.nonpolymer_details         
;N-ACETYL-D-GLUCOSAMINE (NAG): N-ACETYL-D-GLUCOSAMINE IS
 COVALENTLY ATTACHED TO THE HYDROXYL GROUP OF TYROSINE 34
 IN THE ALPHA CONFIGURATION.
;
_pdbx_entry_details.sequence_details           ? 
_pdbx_entry_details.has_ligand_of_interest     ? 
_pdbx_entry_details.has_protein_modification   Y 
# 
_pdbx_validate_rmsd_bond.id                        1 
_pdbx_validate_rmsd_bond.PDB_model_num             1 
_pdbx_validate_rmsd_bond.auth_atom_id_1            C 
_pdbx_validate_rmsd_bond.auth_asym_id_1            A 
_pdbx_validate_rmsd_bond.auth_comp_id_1            TYR 
_pdbx_validate_rmsd_bond.auth_seq_id_1             42 
_pdbx_validate_rmsd_bond.PDB_ins_code_1            ? 
_pdbx_validate_rmsd_bond.label_alt_id_1            ? 
_pdbx_validate_rmsd_bond.auth_atom_id_2            N 
_pdbx_validate_rmsd_bond.auth_asym_id_2            A 
_pdbx_validate_rmsd_bond.auth_comp_id_2            VAL 
_pdbx_validate_rmsd_bond.auth_seq_id_2             43 
_pdbx_validate_rmsd_bond.PDB_ins_code_2            ? 
_pdbx_validate_rmsd_bond.label_alt_id_2            ? 
_pdbx_validate_rmsd_bond.bond_value                1.168 
_pdbx_validate_rmsd_bond.bond_target_value         1.336 
_pdbx_validate_rmsd_bond.bond_deviation            -0.168 
_pdbx_validate_rmsd_bond.bond_standard_deviation   0.023 
_pdbx_validate_rmsd_bond.linker_flag               Y 
# 
loop_
_pdbx_validate_torsion.id 
_pdbx_validate_torsion.PDB_model_num 
_pdbx_validate_torsion.auth_comp_id 
_pdbx_validate_torsion.auth_asym_id 
_pdbx_validate_torsion.auth_seq_id 
_pdbx_validate_torsion.PDB_ins_code 
_pdbx_validate_torsion.label_alt_id 
_pdbx_validate_torsion.phi 
_pdbx_validate_torsion.psi 
1 1 LYS A 98  ? ? -124.91 -58.86 
2 1 LYS A 164 ? ? 81.48   -8.91  
# 
_pdbx_validate_polymer_linkage.id               1 
_pdbx_validate_polymer_linkage.PDB_model_num    1 
_pdbx_validate_polymer_linkage.auth_atom_id_1   C 
_pdbx_validate_polymer_linkage.auth_asym_id_1   A 
_pdbx_validate_polymer_linkage.auth_comp_id_1   TYR 
_pdbx_validate_polymer_linkage.auth_seq_id_1    42 
_pdbx_validate_polymer_linkage.PDB_ins_code_1   ? 
_pdbx_validate_polymer_linkage.label_alt_id_1   ? 
_pdbx_validate_polymer_linkage.auth_atom_id_2   N 
_pdbx_validate_polymer_linkage.auth_asym_id_2   A 
_pdbx_validate_polymer_linkage.auth_comp_id_2   VAL 
_pdbx_validate_polymer_linkage.auth_seq_id_2    43 
_pdbx_validate_polymer_linkage.PDB_ins_code_2   ? 
_pdbx_validate_polymer_linkage.label_alt_id_2   ? 
_pdbx_validate_polymer_linkage.dist             1.17 
# 
loop_
_pdbx_unobs_or_zero_occ_residues.id 
_pdbx_unobs_or_zero_occ_residues.PDB_model_num 
_pdbx_unobs_or_zero_occ_residues.polymer_flag 
_pdbx_unobs_or_zero_occ_residues.occupancy_flag 
_pdbx_unobs_or_zero_occ_residues.auth_asym_id 
_pdbx_unobs_or_zero_occ_residues.auth_comp_id 
_pdbx_unobs_or_zero_occ_residues.auth_seq_id 
_pdbx_unobs_or_zero_occ_residues.PDB_ins_code 
_pdbx_unobs_or_zero_occ_residues.label_asym_id 
_pdbx_unobs_or_zero_occ_residues.label_comp_id 
_pdbx_unobs_or_zero_occ_residues.label_seq_id 
1 1 Y 1 A MET 1   ? A MET 1   
2 1 Y 1 A ALA 2   ? A ALA 2   
3 1 Y 1 A ALA 181 ? A ALA 181 
# 
loop_
_chem_comp_atom.comp_id 
_chem_comp_atom.atom_id 
_chem_comp_atom.type_symbol 
_chem_comp_atom.pdbx_aromatic_flag 
_chem_comp_atom.pdbx_stereo_config 
_chem_comp_atom.pdbx_ordinal 
ALA N      N N N 1   
ALA CA     C N S 2   
ALA C      C N N 3   
ALA O      O N N 4   
ALA CB     C N N 5   
ALA OXT    O N N 6   
ALA H      H N N 7   
ALA H2     H N N 8   
ALA HA     H N N 9   
ALA HB1    H N N 10  
ALA HB2    H N N 11  
ALA HB3    H N N 12  
ALA HXT    H N N 13  
ARG N      N N N 14  
ARG CA     C N S 15  
ARG C      C N N 16  
ARG O      O N N 17  
ARG CB     C N N 18  
ARG CG     C N N 19  
ARG CD     C N N 20  
ARG NE     N N N 21  
ARG CZ     C N N 22  
ARG NH1    N N N 23  
ARG NH2    N N N 24  
ARG OXT    O N N 25  
ARG H      H N N 26  
ARG H2     H N N 27  
ARG HA     H N N 28  
ARG HB2    H N N 29  
ARG HB3    H N N 30  
ARG HG2    H N N 31  
ARG HG3    H N N 32  
ARG HD2    H N N 33  
ARG HD3    H N N 34  
ARG HE     H N N 35  
ARG HH11   H N N 36  
ARG HH12   H N N 37  
ARG HH21   H N N 38  
ARG HH22   H N N 39  
ARG HXT    H N N 40  
ASN N      N N N 41  
ASN CA     C N S 42  
ASN C      C N N 43  
ASN O      O N N 44  
ASN CB     C N N 45  
ASN CG     C N N 46  
ASN OD1    O N N 47  
ASN ND2    N N N 48  
ASN OXT    O N N 49  
ASN H      H N N 50  
ASN H2     H N N 51  
ASN HA     H N N 52  
ASN HB2    H N N 53  
ASN HB3    H N N 54  
ASN HD21   H N N 55  
ASN HD22   H N N 56  
ASN HXT    H N N 57  
ASP N      N N N 58  
ASP CA     C N S 59  
ASP C      C N N 60  
ASP O      O N N 61  
ASP CB     C N N 62  
ASP CG     C N N 63  
ASP OD1    O N N 64  
ASP OD2    O N N 65  
ASP OXT    O N N 66  
ASP H      H N N 67  
ASP H2     H N N 68  
ASP HA     H N N 69  
ASP HB2    H N N 70  
ASP HB3    H N N 71  
ASP HD2    H N N 72  
ASP HXT    H N N 73  
CYS N      N N N 74  
CYS CA     C N R 75  
CYS C      C N N 76  
CYS O      O N N 77  
CYS CB     C N N 78  
CYS SG     S N N 79  
CYS OXT    O N N 80  
CYS H      H N N 81  
CYS H2     H N N 82  
CYS HA     H N N 83  
CYS HB2    H N N 84  
CYS HB3    H N N 85  
CYS HG     H N N 86  
CYS HXT    H N N 87  
GDP PB     P N N 88  
GDP O1B    O N N 89  
GDP O2B    O N N 90  
GDP O3B    O N N 91  
GDP O3A    O N N 92  
GDP PA     P N N 93  
GDP O1A    O N N 94  
GDP O2A    O N N 95  
GDP "O5'"  O N N 96  
GDP "C5'"  C N N 97  
GDP "C4'"  C N R 98  
GDP "O4'"  O N N 99  
GDP "C3'"  C N S 100 
GDP "O3'"  O N N 101 
GDP "C2'"  C N R 102 
GDP "O2'"  O N N 103 
GDP "C1'"  C N R 104 
GDP N9     N Y N 105 
GDP C8     C Y N 106 
GDP N7     N Y N 107 
GDP C5     C Y N 108 
GDP C6     C N N 109 
GDP O6     O N N 110 
GDP N1     N N N 111 
GDP C2     C N N 112 
GDP N2     N N N 113 
GDP N3     N N N 114 
GDP C4     C Y N 115 
GDP HOB2   H N N 116 
GDP HOB3   H N N 117 
GDP HOA2   H N N 118 
GDP "H5'"  H N N 119 
GDP "H5''" H N N 120 
GDP "H4'"  H N N 121 
GDP "H3'"  H N N 122 
GDP "HO3'" H N N 123 
GDP "H2'"  H N N 124 
GDP "HO2'" H N N 125 
GDP "H1'"  H N N 126 
GDP H8     H N N 127 
GDP HN1    H N N 128 
GDP HN21   H N N 129 
GDP HN22   H N N 130 
GLN N      N N N 131 
GLN CA     C N S 132 
GLN C      C N N 133 
GLN O      O N N 134 
GLN CB     C N N 135 
GLN CG     C N N 136 
GLN CD     C N N 137 
GLN OE1    O N N 138 
GLN NE2    N N N 139 
GLN OXT    O N N 140 
GLN H      H N N 141 
GLN H2     H N N 142 
GLN HA     H N N 143 
GLN HB2    H N N 144 
GLN HB3    H N N 145 
GLN HG2    H N N 146 
GLN HG3    H N N 147 
GLN HE21   H N N 148 
GLN HE22   H N N 149 
GLN HXT    H N N 150 
GLU N      N N N 151 
GLU CA     C N S 152 
GLU C      C N N 153 
GLU O      O N N 154 
GLU CB     C N N 155 
GLU CG     C N N 156 
GLU CD     C N N 157 
GLU OE1    O N N 158 
GLU OE2    O N N 159 
GLU OXT    O N N 160 
GLU H      H N N 161 
GLU H2     H N N 162 
GLU HA     H N N 163 
GLU HB2    H N N 164 
GLU HB3    H N N 165 
GLU HG2    H N N 166 
GLU HG3    H N N 167 
GLU HE2    H N N 168 
GLU HXT    H N N 169 
GLY N      N N N 170 
GLY CA     C N N 171 
GLY C      C N N 172 
GLY O      O N N 173 
GLY OXT    O N N 174 
GLY H      H N N 175 
GLY H2     H N N 176 
GLY HA2    H N N 177 
GLY HA3    H N N 178 
GLY HXT    H N N 179 
HIS N      N N N 180 
HIS CA     C N S 181 
HIS C      C N N 182 
HIS O      O N N 183 
HIS CB     C N N 184 
HIS CG     C Y N 185 
HIS ND1    N Y N 186 
HIS CD2    C Y N 187 
HIS CE1    C Y N 188 
HIS NE2    N Y N 189 
HIS OXT    O N N 190 
HIS H      H N N 191 
HIS H2     H N N 192 
HIS HA     H N N 193 
HIS HB2    H N N 194 
HIS HB3    H N N 195 
HIS HD1    H N N 196 
HIS HD2    H N N 197 
HIS HE1    H N N 198 
HIS HE2    H N N 199 
HIS HXT    H N N 200 
HOH O      O N N 201 
HOH H1     H N N 202 
HOH H2     H N N 203 
ILE N      N N N 204 
ILE CA     C N S 205 
ILE C      C N N 206 
ILE O      O N N 207 
ILE CB     C N S 208 
ILE CG1    C N N 209 
ILE CG2    C N N 210 
ILE CD1    C N N 211 
ILE OXT    O N N 212 
ILE H      H N N 213 
ILE H2     H N N 214 
ILE HA     H N N 215 
ILE HB     H N N 216 
ILE HG12   H N N 217 
ILE HG13   H N N 218 
ILE HG21   H N N 219 
ILE HG22   H N N 220 
ILE HG23   H N N 221 
ILE HD11   H N N 222 
ILE HD12   H N N 223 
ILE HD13   H N N 224 
ILE HXT    H N N 225 
LEU N      N N N 226 
LEU CA     C N S 227 
LEU C      C N N 228 
LEU O      O N N 229 
LEU CB     C N N 230 
LEU CG     C N N 231 
LEU CD1    C N N 232 
LEU CD2    C N N 233 
LEU OXT    O N N 234 
LEU H      H N N 235 
LEU H2     H N N 236 
LEU HA     H N N 237 
LEU HB2    H N N 238 
LEU HB3    H N N 239 
LEU HG     H N N 240 
LEU HD11   H N N 241 
LEU HD12   H N N 242 
LEU HD13   H N N 243 
LEU HD21   H N N 244 
LEU HD22   H N N 245 
LEU HD23   H N N 246 
LEU HXT    H N N 247 
LYS N      N N N 248 
LYS CA     C N S 249 
LYS C      C N N 250 
LYS O      O N N 251 
LYS CB     C N N 252 
LYS CG     C N N 253 
LYS CD     C N N 254 
LYS CE     C N N 255 
LYS NZ     N N N 256 
LYS OXT    O N N 257 
LYS H      H N N 258 
LYS H2     H N N 259 
LYS HA     H N N 260 
LYS HB2    H N N 261 
LYS HB3    H N N 262 
LYS HG2    H N N 263 
LYS HG3    H N N 264 
LYS HD2    H N N 265 
LYS HD3    H N N 266 
LYS HE2    H N N 267 
LYS HE3    H N N 268 
LYS HZ1    H N N 269 
LYS HZ2    H N N 270 
LYS HZ3    H N N 271 
LYS HXT    H N N 272 
MET N      N N N 273 
MET CA     C N S 274 
MET C      C N N 275 
MET O      O N N 276 
MET CB     C N N 277 
MET CG     C N N 278 
MET SD     S N N 279 
MET CE     C N N 280 
MET OXT    O N N 281 
MET H      H N N 282 
MET H2     H N N 283 
MET HA     H N N 284 
MET HB2    H N N 285 
MET HB3    H N N 286 
MET HG2    H N N 287 
MET HG3    H N N 288 
MET HE1    H N N 289 
MET HE2    H N N 290 
MET HE3    H N N 291 
MET HXT    H N N 292 
NDG C1     C N S 293 
NDG C2     C N R 294 
NDG C3     C N R 295 
NDG C4     C N S 296 
NDG C5     C N R 297 
NDG C6     C N N 298 
NDG C7     C N N 299 
NDG C8     C N N 300 
NDG O5     O N N 301 
NDG O3     O N N 302 
NDG O4     O N N 303 
NDG O6     O N N 304 
NDG O7     O N N 305 
NDG N2     N N N 306 
NDG O1     O N N 307 
NDG H1     H N N 308 
NDG H2     H N N 309 
NDG H3     H N N 310 
NDG H4     H N N 311 
NDG H5     H N N 312 
NDG H61    H N N 313 
NDG H62    H N N 314 
NDG H81    H N N 315 
NDG H82    H N N 316 
NDG H83    H N N 317 
NDG HO3    H N N 318 
NDG HO4    H N N 319 
NDG HO6    H N N 320 
NDG HN2    H N N 321 
NDG HO1    H N N 322 
PHE N      N N N 323 
PHE CA     C N S 324 
PHE C      C N N 325 
PHE O      O N N 326 
PHE CB     C N N 327 
PHE CG     C Y N 328 
PHE CD1    C Y N 329 
PHE CD2    C Y N 330 
PHE CE1    C Y N 331 
PHE CE2    C Y N 332 
PHE CZ     C Y N 333 
PHE OXT    O N N 334 
PHE H      H N N 335 
PHE H2     H N N 336 
PHE HA     H N N 337 
PHE HB2    H N N 338 
PHE HB3    H N N 339 
PHE HD1    H N N 340 
PHE HD2    H N N 341 
PHE HE1    H N N 342 
PHE HE2    H N N 343 
PHE HZ     H N N 344 
PHE HXT    H N N 345 
PRO N      N N N 346 
PRO CA     C N S 347 
PRO C      C N N 348 
PRO O      O N N 349 
PRO CB     C N N 350 
PRO CG     C N N 351 
PRO CD     C N N 352 
PRO OXT    O N N 353 
PRO H      H N N 354 
PRO HA     H N N 355 
PRO HB2    H N N 356 
PRO HB3    H N N 357 
PRO HG2    H N N 358 
PRO HG3    H N N 359 
PRO HD2    H N N 360 
PRO HD3    H N N 361 
PRO HXT    H N N 362 
SER N      N N N 363 
SER CA     C N S 364 
SER C      C N N 365 
SER O      O N N 366 
SER CB     C N N 367 
SER OG     O N N 368 
SER OXT    O N N 369 
SER H      H N N 370 
SER H2     H N N 371 
SER HA     H N N 372 
SER HB2    H N N 373 
SER HB3    H N N 374 
SER HG     H N N 375 
SER HXT    H N N 376 
SO4 S      S N N 377 
SO4 O1     O N N 378 
SO4 O2     O N N 379 
SO4 O3     O N N 380 
SO4 O4     O N N 381 
THR N      N N N 382 
THR CA     C N S 383 
THR C      C N N 384 
THR O      O N N 385 
THR CB     C N R 386 
THR OG1    O N N 387 
THR CG2    C N N 388 
THR OXT    O N N 389 
THR H      H N N 390 
THR H2     H N N 391 
THR HA     H N N 392 
THR HB     H N N 393 
THR HG1    H N N 394 
THR HG21   H N N 395 
THR HG22   H N N 396 
THR HG23   H N N 397 
THR HXT    H N N 398 
TRP N      N N N 399 
TRP CA     C N S 400 
TRP C      C N N 401 
TRP O      O N N 402 
TRP CB     C N N 403 
TRP CG     C Y N 404 
TRP CD1    C Y N 405 
TRP CD2    C Y N 406 
TRP NE1    N Y N 407 
TRP CE2    C Y N 408 
TRP CE3    C Y N 409 
TRP CZ2    C Y N 410 
TRP CZ3    C Y N 411 
TRP CH2    C Y N 412 
TRP OXT    O N N 413 
TRP H      H N N 414 
TRP H2     H N N 415 
TRP HA     H N N 416 
TRP HB2    H N N 417 
TRP HB3    H N N 418 
TRP HD1    H N N 419 
TRP HE1    H N N 420 
TRP HE3    H N N 421 
TRP HZ2    H N N 422 
TRP HZ3    H N N 423 
TRP HH2    H N N 424 
TRP HXT    H N N 425 
TYR N      N N N 426 
TYR CA     C N S 427 
TYR C      C N N 428 
TYR O      O N N 429 
TYR CB     C N N 430 
TYR CG     C Y N 431 
TYR CD1    C Y N 432 
TYR CD2    C Y N 433 
TYR CE1    C Y N 434 
TYR CE2    C Y N 435 
TYR CZ     C Y N 436 
TYR OH     O N N 437 
TYR OXT    O N N 438 
TYR H      H N N 439 
TYR H2     H N N 440 
TYR HA     H N N 441 
TYR HB2    H N N 442 
TYR HB3    H N N 443 
TYR HD1    H N N 444 
TYR HD2    H N N 445 
TYR HE1    H N N 446 
TYR HE2    H N N 447 
TYR HH     H N N 448 
TYR HXT    H N N 449 
VAL N      N N N 450 
VAL CA     C N S 451 
VAL C      C N N 452 
VAL O      O N N 453 
VAL CB     C N N 454 
VAL CG1    C N N 455 
VAL CG2    C N N 456 
VAL OXT    O N N 457 
VAL H      H N N 458 
VAL H2     H N N 459 
VAL HA     H N N 460 
VAL HB     H N N 461 
VAL HG11   H N N 462 
VAL HG12   H N N 463 
VAL HG13   H N N 464 
VAL HG21   H N N 465 
VAL HG22   H N N 466 
VAL HG23   H N N 467 
VAL HXT    H N N 468 
# 
loop_
_chem_comp_bond.comp_id 
_chem_comp_bond.atom_id_1 
_chem_comp_bond.atom_id_2 
_chem_comp_bond.value_order 
_chem_comp_bond.pdbx_aromatic_flag 
_chem_comp_bond.pdbx_stereo_config 
_chem_comp_bond.pdbx_ordinal 
ALA N     CA     sing N N 1   
ALA N     H      sing N N 2   
ALA N     H2     sing N N 3   
ALA CA    C      sing N N 4   
ALA CA    CB     sing N N 5   
ALA CA    HA     sing N N 6   
ALA C     O      doub N N 7   
ALA C     OXT    sing N N 8   
ALA CB    HB1    sing N N 9   
ALA CB    HB2    sing N N 10  
ALA CB    HB3    sing N N 11  
ALA OXT   HXT    sing N N 12  
ARG N     CA     sing N N 13  
ARG N     H      sing N N 14  
ARG N     H2     sing N N 15  
ARG CA    C      sing N N 16  
ARG CA    CB     sing N N 17  
ARG CA    HA     sing N N 18  
ARG C     O      doub N N 19  
ARG C     OXT    sing N N 20  
ARG CB    CG     sing N N 21  
ARG CB    HB2    sing N N 22  
ARG CB    HB3    sing N N 23  
ARG CG    CD     sing N N 24  
ARG CG    HG2    sing N N 25  
ARG CG    HG3    sing N N 26  
ARG CD    NE     sing N N 27  
ARG CD    HD2    sing N N 28  
ARG CD    HD3    sing N N 29  
ARG NE    CZ     sing N N 30  
ARG NE    HE     sing N N 31  
ARG CZ    NH1    sing N N 32  
ARG CZ    NH2    doub N N 33  
ARG NH1   HH11   sing N N 34  
ARG NH1   HH12   sing N N 35  
ARG NH2   HH21   sing N N 36  
ARG NH2   HH22   sing N N 37  
ARG OXT   HXT    sing N N 38  
ASN N     CA     sing N N 39  
ASN N     H      sing N N 40  
ASN N     H2     sing N N 41  
ASN CA    C      sing N N 42  
ASN CA    CB     sing N N 43  
ASN CA    HA     sing N N 44  
ASN C     O      doub N N 45  
ASN C     OXT    sing N N 46  
ASN CB    CG     sing N N 47  
ASN CB    HB2    sing N N 48  
ASN CB    HB3    sing N N 49  
ASN CG    OD1    doub N N 50  
ASN CG    ND2    sing N N 51  
ASN ND2   HD21   sing N N 52  
ASN ND2   HD22   sing N N 53  
ASN OXT   HXT    sing N N 54  
ASP N     CA     sing N N 55  
ASP N     H      sing N N 56  
ASP N     H2     sing N N 57  
ASP CA    C      sing N N 58  
ASP CA    CB     sing N N 59  
ASP CA    HA     sing N N 60  
ASP C     O      doub N N 61  
ASP C     OXT    sing N N 62  
ASP CB    CG     sing N N 63  
ASP CB    HB2    sing N N 64  
ASP CB    HB3    sing N N 65  
ASP CG    OD1    doub N N 66  
ASP CG    OD2    sing N N 67  
ASP OD2   HD2    sing N N 68  
ASP OXT   HXT    sing N N 69  
CYS N     CA     sing N N 70  
CYS N     H      sing N N 71  
CYS N     H2     sing N N 72  
CYS CA    C      sing N N 73  
CYS CA    CB     sing N N 74  
CYS CA    HA     sing N N 75  
CYS C     O      doub N N 76  
CYS C     OXT    sing N N 77  
CYS CB    SG     sing N N 78  
CYS CB    HB2    sing N N 79  
CYS CB    HB3    sing N N 80  
CYS SG    HG     sing N N 81  
CYS OXT   HXT    sing N N 82  
GDP PB    O1B    doub N N 83  
GDP PB    O2B    sing N N 84  
GDP PB    O3B    sing N N 85  
GDP PB    O3A    sing N N 86  
GDP O2B   HOB2   sing N N 87  
GDP O3B   HOB3   sing N N 88  
GDP O3A   PA     sing N N 89  
GDP PA    O1A    doub N N 90  
GDP PA    O2A    sing N N 91  
GDP PA    "O5'"  sing N N 92  
GDP O2A   HOA2   sing N N 93  
GDP "O5'" "C5'"  sing N N 94  
GDP "C5'" "C4'"  sing N N 95  
GDP "C5'" "H5'"  sing N N 96  
GDP "C5'" "H5''" sing N N 97  
GDP "C4'" "O4'"  sing N N 98  
GDP "C4'" "C3'"  sing N N 99  
GDP "C4'" "H4'"  sing N N 100 
GDP "O4'" "C1'"  sing N N 101 
GDP "C3'" "O3'"  sing N N 102 
GDP "C3'" "C2'"  sing N N 103 
GDP "C3'" "H3'"  sing N N 104 
GDP "O3'" "HO3'" sing N N 105 
GDP "C2'" "O2'"  sing N N 106 
GDP "C2'" "C1'"  sing N N 107 
GDP "C2'" "H2'"  sing N N 108 
GDP "O2'" "HO2'" sing N N 109 
GDP "C1'" N9     sing N N 110 
GDP "C1'" "H1'"  sing N N 111 
GDP N9    C8     sing Y N 112 
GDP N9    C4     sing Y N 113 
GDP C8    N7     doub Y N 114 
GDP C8    H8     sing N N 115 
GDP N7    C5     sing Y N 116 
GDP C5    C6     sing N N 117 
GDP C5    C4     doub Y N 118 
GDP C6    O6     doub N N 119 
GDP C6    N1     sing N N 120 
GDP N1    C2     sing N N 121 
GDP N1    HN1    sing N N 122 
GDP C2    N2     sing N N 123 
GDP C2    N3     doub N N 124 
GDP N2    HN21   sing N N 125 
GDP N2    HN22   sing N N 126 
GDP N3    C4     sing N N 127 
GLN N     CA     sing N N 128 
GLN N     H      sing N N 129 
GLN N     H2     sing N N 130 
GLN CA    C      sing N N 131 
GLN CA    CB     sing N N 132 
GLN CA    HA     sing N N 133 
GLN C     O      doub N N 134 
GLN C     OXT    sing N N 135 
GLN CB    CG     sing N N 136 
GLN CB    HB2    sing N N 137 
GLN CB    HB3    sing N N 138 
GLN CG    CD     sing N N 139 
GLN CG    HG2    sing N N 140 
GLN CG    HG3    sing N N 141 
GLN CD    OE1    doub N N 142 
GLN CD    NE2    sing N N 143 
GLN NE2   HE21   sing N N 144 
GLN NE2   HE22   sing N N 145 
GLN OXT   HXT    sing N N 146 
GLU N     CA     sing N N 147 
GLU N     H      sing N N 148 
GLU N     H2     sing N N 149 
GLU CA    C      sing N N 150 
GLU CA    CB     sing N N 151 
GLU CA    HA     sing N N 152 
GLU C     O      doub N N 153 
GLU C     OXT    sing N N 154 
GLU CB    CG     sing N N 155 
GLU CB    HB2    sing N N 156 
GLU CB    HB3    sing N N 157 
GLU CG    CD     sing N N 158 
GLU CG    HG2    sing N N 159 
GLU CG    HG3    sing N N 160 
GLU CD    OE1    doub N N 161 
GLU CD    OE2    sing N N 162 
GLU OE2   HE2    sing N N 163 
GLU OXT   HXT    sing N N 164 
GLY N     CA     sing N N 165 
GLY N     H      sing N N 166 
GLY N     H2     sing N N 167 
GLY CA    C      sing N N 168 
GLY CA    HA2    sing N N 169 
GLY CA    HA3    sing N N 170 
GLY C     O      doub N N 171 
GLY C     OXT    sing N N 172 
GLY OXT   HXT    sing N N 173 
HIS N     CA     sing N N 174 
HIS N     H      sing N N 175 
HIS N     H2     sing N N 176 
HIS CA    C      sing N N 177 
HIS CA    CB     sing N N 178 
HIS CA    HA     sing N N 179 
HIS C     O      doub N N 180 
HIS C     OXT    sing N N 181 
HIS CB    CG     sing N N 182 
HIS CB    HB2    sing N N 183 
HIS CB    HB3    sing N N 184 
HIS CG    ND1    sing Y N 185 
HIS CG    CD2    doub Y N 186 
HIS ND1   CE1    doub Y N 187 
HIS ND1   HD1    sing N N 188 
HIS CD2   NE2    sing Y N 189 
HIS CD2   HD2    sing N N 190 
HIS CE1   NE2    sing Y N 191 
HIS CE1   HE1    sing N N 192 
HIS NE2   HE2    sing N N 193 
HIS OXT   HXT    sing N N 194 
HOH O     H1     sing N N 195 
HOH O     H2     sing N N 196 
ILE N     CA     sing N N 197 
ILE N     H      sing N N 198 
ILE N     H2     sing N N 199 
ILE CA    C      sing N N 200 
ILE CA    CB     sing N N 201 
ILE CA    HA     sing N N 202 
ILE C     O      doub N N 203 
ILE C     OXT    sing N N 204 
ILE CB    CG1    sing N N 205 
ILE CB    CG2    sing N N 206 
ILE CB    HB     sing N N 207 
ILE CG1   CD1    sing N N 208 
ILE CG1   HG12   sing N N 209 
ILE CG1   HG13   sing N N 210 
ILE CG2   HG21   sing N N 211 
ILE CG2   HG22   sing N N 212 
ILE CG2   HG23   sing N N 213 
ILE CD1   HD11   sing N N 214 
ILE CD1   HD12   sing N N 215 
ILE CD1   HD13   sing N N 216 
ILE OXT   HXT    sing N N 217 
LEU N     CA     sing N N 218 
LEU N     H      sing N N 219 
LEU N     H2     sing N N 220 
LEU CA    C      sing N N 221 
LEU CA    CB     sing N N 222 
LEU CA    HA     sing N N 223 
LEU C     O      doub N N 224 
LEU C     OXT    sing N N 225 
LEU CB    CG     sing N N 226 
LEU CB    HB2    sing N N 227 
LEU CB    HB3    sing N N 228 
LEU CG    CD1    sing N N 229 
LEU CG    CD2    sing N N 230 
LEU CG    HG     sing N N 231 
LEU CD1   HD11   sing N N 232 
LEU CD1   HD12   sing N N 233 
LEU CD1   HD13   sing N N 234 
LEU CD2   HD21   sing N N 235 
LEU CD2   HD22   sing N N 236 
LEU CD2   HD23   sing N N 237 
LEU OXT   HXT    sing N N 238 
LYS N     CA     sing N N 239 
LYS N     H      sing N N 240 
LYS N     H2     sing N N 241 
LYS CA    C      sing N N 242 
LYS CA    CB     sing N N 243 
LYS CA    HA     sing N N 244 
LYS C     O      doub N N 245 
LYS C     OXT    sing N N 246 
LYS CB    CG     sing N N 247 
LYS CB    HB2    sing N N 248 
LYS CB    HB3    sing N N 249 
LYS CG    CD     sing N N 250 
LYS CG    HG2    sing N N 251 
LYS CG    HG3    sing N N 252 
LYS CD    CE     sing N N 253 
LYS CD    HD2    sing N N 254 
LYS CD    HD3    sing N N 255 
LYS CE    NZ     sing N N 256 
LYS CE    HE2    sing N N 257 
LYS CE    HE3    sing N N 258 
LYS NZ    HZ1    sing N N 259 
LYS NZ    HZ2    sing N N 260 
LYS NZ    HZ3    sing N N 261 
LYS OXT   HXT    sing N N 262 
MET N     CA     sing N N 263 
MET N     H      sing N N 264 
MET N     H2     sing N N 265 
MET CA    C      sing N N 266 
MET CA    CB     sing N N 267 
MET CA    HA     sing N N 268 
MET C     O      doub N N 269 
MET C     OXT    sing N N 270 
MET CB    CG     sing N N 271 
MET CB    HB2    sing N N 272 
MET CB    HB3    sing N N 273 
MET CG    SD     sing N N 274 
MET CG    HG2    sing N N 275 
MET CG    HG3    sing N N 276 
MET SD    CE     sing N N 277 
MET CE    HE1    sing N N 278 
MET CE    HE2    sing N N 279 
MET CE    HE3    sing N N 280 
MET OXT   HXT    sing N N 281 
NDG C1    C2     sing N N 282 
NDG C1    O5     sing N N 283 
NDG C1    O1     sing N N 284 
NDG C1    H1     sing N N 285 
NDG C2    C3     sing N N 286 
NDG C2    N2     sing N N 287 
NDG C2    H2     sing N N 288 
NDG C3    C4     sing N N 289 
NDG C3    O3     sing N N 290 
NDG C3    H3     sing N N 291 
NDG C4    C5     sing N N 292 
NDG C4    O4     sing N N 293 
NDG C4    H4     sing N N 294 
NDG C5    C6     sing N N 295 
NDG C5    O5     sing N N 296 
NDG C5    H5     sing N N 297 
NDG C6    O6     sing N N 298 
NDG C6    H61    sing N N 299 
NDG C6    H62    sing N N 300 
NDG C7    C8     sing N N 301 
NDG C7    O7     doub N N 302 
NDG C7    N2     sing N N 303 
NDG C8    H81    sing N N 304 
NDG C8    H82    sing N N 305 
NDG C8    H83    sing N N 306 
NDG O3    HO3    sing N N 307 
NDG O4    HO4    sing N N 308 
NDG O6    HO6    sing N N 309 
NDG N2    HN2    sing N N 310 
NDG O1    HO1    sing N N 311 
PHE N     CA     sing N N 312 
PHE N     H      sing N N 313 
PHE N     H2     sing N N 314 
PHE CA    C      sing N N 315 
PHE CA    CB     sing N N 316 
PHE CA    HA     sing N N 317 
PHE C     O      doub N N 318 
PHE C     OXT    sing N N 319 
PHE CB    CG     sing N N 320 
PHE CB    HB2    sing N N 321 
PHE CB    HB3    sing N N 322 
PHE CG    CD1    doub Y N 323 
PHE CG    CD2    sing Y N 324 
PHE CD1   CE1    sing Y N 325 
PHE CD1   HD1    sing N N 326 
PHE CD2   CE2    doub Y N 327 
PHE CD2   HD2    sing N N 328 
PHE CE1   CZ     doub Y N 329 
PHE CE1   HE1    sing N N 330 
PHE CE2   CZ     sing Y N 331 
PHE CE2   HE2    sing N N 332 
PHE CZ    HZ     sing N N 333 
PHE OXT   HXT    sing N N 334 
PRO N     CA     sing N N 335 
PRO N     CD     sing N N 336 
PRO N     H      sing N N 337 
PRO CA    C      sing N N 338 
PRO CA    CB     sing N N 339 
PRO CA    HA     sing N N 340 
PRO C     O      doub N N 341 
PRO C     OXT    sing N N 342 
PRO CB    CG     sing N N 343 
PRO CB    HB2    sing N N 344 
PRO CB    HB3    sing N N 345 
PRO CG    CD     sing N N 346 
PRO CG    HG2    sing N N 347 
PRO CG    HG3    sing N N 348 
PRO CD    HD2    sing N N 349 
PRO CD    HD3    sing N N 350 
PRO OXT   HXT    sing N N 351 
SER N     CA     sing N N 352 
SER N     H      sing N N 353 
SER N     H2     sing N N 354 
SER CA    C      sing N N 355 
SER CA    CB     sing N N 356 
SER CA    HA     sing N N 357 
SER C     O      doub N N 358 
SER C     OXT    sing N N 359 
SER CB    OG     sing N N 360 
SER CB    HB2    sing N N 361 
SER CB    HB3    sing N N 362 
SER OG    HG     sing N N 363 
SER OXT   HXT    sing N N 364 
SO4 S     O1     doub N N 365 
SO4 S     O2     doub N N 366 
SO4 S     O3     sing N N 367 
SO4 S     O4     sing N N 368 
THR N     CA     sing N N 369 
THR N     H      sing N N 370 
THR N     H2     sing N N 371 
THR CA    C      sing N N 372 
THR CA    CB     sing N N 373 
THR CA    HA     sing N N 374 
THR C     O      doub N N 375 
THR C     OXT    sing N N 376 
THR CB    OG1    sing N N 377 
THR CB    CG2    sing N N 378 
THR CB    HB     sing N N 379 
THR OG1   HG1    sing N N 380 
THR CG2   HG21   sing N N 381 
THR CG2   HG22   sing N N 382 
THR CG2   HG23   sing N N 383 
THR OXT   HXT    sing N N 384 
TRP N     CA     sing N N 385 
TRP N     H      sing N N 386 
TRP N     H2     sing N N 387 
TRP CA    C      sing N N 388 
TRP CA    CB     sing N N 389 
TRP CA    HA     sing N N 390 
TRP C     O      doub N N 391 
TRP C     OXT    sing N N 392 
TRP CB    CG     sing N N 393 
TRP CB    HB2    sing N N 394 
TRP CB    HB3    sing N N 395 
TRP CG    CD1    doub Y N 396 
TRP CG    CD2    sing Y N 397 
TRP CD1   NE1    sing Y N 398 
TRP CD1   HD1    sing N N 399 
TRP CD2   CE2    doub Y N 400 
TRP CD2   CE3    sing Y N 401 
TRP NE1   CE2    sing Y N 402 
TRP NE1   HE1    sing N N 403 
TRP CE2   CZ2    sing Y N 404 
TRP CE3   CZ3    doub Y N 405 
TRP CE3   HE3    sing N N 406 
TRP CZ2   CH2    doub Y N 407 
TRP CZ2   HZ2    sing N N 408 
TRP CZ3   CH2    sing Y N 409 
TRP CZ3   HZ3    sing N N 410 
TRP CH2   HH2    sing N N 411 
TRP OXT   HXT    sing N N 412 
TYR N     CA     sing N N 413 
TYR N     H      sing N N 414 
TYR N     H2     sing N N 415 
TYR CA    C      sing N N 416 
TYR CA    CB     sing N N 417 
TYR CA    HA     sing N N 418 
TYR C     O      doub N N 419 
TYR C     OXT    sing N N 420 
TYR CB    CG     sing N N 421 
TYR CB    HB2    sing N N 422 
TYR CB    HB3    sing N N 423 
TYR CG    CD1    doub Y N 424 
TYR CG    CD2    sing Y N 425 
TYR CD1   CE1    sing Y N 426 
TYR CD1   HD1    sing N N 427 
TYR CD2   CE2    doub Y N 428 
TYR CD2   HD2    sing N N 429 
TYR CE1   CZ     doub Y N 430 
TYR CE1   HE1    sing N N 431 
TYR CE2   CZ     sing Y N 432 
TYR CE2   HE2    sing N N 433 
TYR CZ    OH     sing N N 434 
TYR OH    HH     sing N N 435 
TYR OXT   HXT    sing N N 436 
VAL N     CA     sing N N 437 
VAL N     H      sing N N 438 
VAL N     H2     sing N N 439 
VAL CA    C      sing N N 440 
VAL CA    CB     sing N N 441 
VAL CA    HA     sing N N 442 
VAL C     O      doub N N 443 
VAL C     OXT    sing N N 444 
VAL CB    CG1    sing N N 445 
VAL CB    CG2    sing N N 446 
VAL CB    HB     sing N N 447 
VAL CG1   HG11   sing N N 448 
VAL CG1   HG12   sing N N 449 
VAL CG1   HG13   sing N N 450 
VAL CG2   HG21   sing N N 451 
VAL CG2   HG22   sing N N 452 
VAL CG2   HG23   sing N N 453 
VAL OXT   HXT    sing N N 454 
# 
_pdbx_initial_refinement_model.id               1 
_pdbx_initial_refinement_model.entity_id_list   ? 
_pdbx_initial_refinement_model.type             'experimental model' 
_pdbx_initial_refinement_model.source_name      PDB 
_pdbx_initial_refinement_model.accession_code   1DPF 
_pdbx_initial_refinement_model.details          'PDB ENTRY 1DPF' 
# 
_atom_sites.entry_id                    5A0F 
_atom_sites.fract_transf_matrix[1][1]   0.00843427 
_atom_sites.fract_transf_matrix[1][2]   -0.00559826 
_atom_sites.fract_transf_matrix[1][3]   0.00415331 
_atom_sites.fract_transf_matrix[2][1]   0.00429021 
_atom_sites.fract_transf_matrix[2][2]   0.00930741 
_atom_sites.fract_transf_matrix[2][3]   0.00383322 
_atom_sites.fract_transf_matrix[3][1]   -0.00886671 
_atom_sites.fract_transf_matrix[3][2]   -0.00214040 
_atom_sites.fract_transf_matrix[3][3]   0.01512086 
_atom_sites.fract_transf_vector[1]      0.095350 
_atom_sites.fract_transf_vector[2]      0.301540 
_atom_sites.fract_transf_vector[3]      0.309930 
# 
loop_
_atom_type.symbol 
C 
N 
O 
P 
S 
# 
loop_
_atom_site.group_PDB 
_atom_site.id 
_atom_site.type_symbol 
_atom_site.label_atom_id 
_atom_site.label_alt_id 
_atom_site.label_comp_id 
_atom_site.label_asym_id 
_atom_site.label_entity_id 
_atom_site.label_seq_id 
_atom_site.pdbx_PDB_ins_code 
_atom_site.Cartn_x 
_atom_site.Cartn_y 
_atom_site.Cartn_z 
_atom_site.occupancy 
_atom_site.B_iso_or_equiv 
_atom_site.pdbx_formal_charge 
_atom_site.auth_seq_id 
_atom_site.auth_comp_id 
_atom_site.auth_asym_id 
_atom_site.auth_atom_id 
_atom_site.pdbx_PDB_model_num 
ATOM   1    N N     . ALA A 1 3   ? 13.426  -6.276  20.776  1.00 40.58 ? 3    ALA A N     1 
ATOM   2    C CA    . ALA A 1 3   ? 13.154  -6.470  19.315  1.00 39.39 ? 3    ALA A CA    1 
ATOM   3    C C     . ALA A 1 3   ? 12.150  -5.412  18.830  1.00 35.70 ? 3    ALA A C     1 
ATOM   4    O O     . ALA A 1 3   ? 11.021  -5.372  19.357  1.00 39.29 ? 3    ALA A O     1 
ATOM   5    C CB    . ALA A 1 3   ? 12.606  -7.870  19.082  1.00 40.49 ? 3    ALA A CB    1 
ATOM   6    N N     . ILE A 1 4   ? 12.555  -4.551  17.877  1.00 30.03 ? 4    ILE A N     1 
ATOM   7    C CA    . ILE A 1 4   ? 11.670  -3.466  17.391  1.00 25.61 ? 4    ILE A CA    1 
ATOM   8    C C     . ILE A 1 4   ? 10.577  -3.994  16.457  1.00 21.23 ? 4    ILE A C     1 
ATOM   9    O O     . ILE A 1 4   ? 10.879  -4.476  15.371  1.00 21.45 ? 4    ILE A O     1 
ATOM   10   C CB    . ILE A 1 4   ? 12.427  -2.357  16.632  1.00 27.66 ? 4    ILE A CB    1 
ATOM   11   C CG1   . ILE A 1 4   ? 13.445  -1.656  17.544  1.00 30.49 ? 4    ILE A CG1   1 
ATOM   12   C CG2   . ILE A 1 4   ? 11.461  -1.295  16.113  1.00 27.19 ? 4    ILE A CG2   1 
ATOM   13   C CD1   . ILE A 1 4   ? 14.484  -0.850  16.779  1.00 31.83 ? 4    ILE A CD1   1 
ATOM   14   N N     . ARG A 1 5   ? 9.319   -3.826  16.860  1.00 18.09 ? 5    ARG A N     1 
ATOM   15   C CA    . ARG A 1 5   ? 8.181   -4.302  16.087  1.00 16.83 ? 5    ARG A CA    1 
ATOM   16   C C     . ARG A 1 5   ? 7.303   -3.137  15.698  1.00 15.05 ? 5    ARG A C     1 
ATOM   17   O O     . ARG A 1 5   ? 6.960   -2.348  16.554  1.00 13.43 ? 5    ARG A O     1 
ATOM   18   C CB    . ARG A 1 5   ? 7.323   -5.306  16.872  1.00 18.63 ? 5    ARG A CB    1 
ATOM   19   C CG    . ARG A 1 5   ? 6.353   -6.005  15.914  1.00 19.40 ? 5    ARG A CG    1 
ATOM   20   C CD    . ARG A 1 5   ? 5.615   -7.139  16.517  1.00 20.88 ? 5    ARG A CD    1 
ATOM   21   N NE    . ARG A 1 5   ? 6.543   -8.115  17.050  1.00 20.69 ? 5    ARG A NE    1 
ATOM   22   C CZ    . ARG A 1 5   ? 6.235   -8.985  17.990  1.00 19.73 ? 5    ARG A CZ    1 
ATOM   23   N NH1   . ARG A 1 5   ? 5.008   -9.037  18.467  1.00 18.91 ? 5    ARG A NH1   1 
ATOM   24   N NH2   . ARG A 1 5   ? 7.165   -9.824  18.434  1.00 19.86 ? 5    ARG A NH2   1 
ATOM   25   N N     . LYS A 1 6   ? 6.933   -3.055  14.424  1.00 12.84 ? 6    LYS A N     1 
ATOM   26   C CA    . LYS A 1 6   ? 6.059   -2.004  13.927  1.00 12.20 ? 6    LYS A CA    1 
ATOM   27   C C     . LYS A 1 6   ? 4.890   -2.638  13.189  1.00 12.01 ? 6    LYS A C     1 
ATOM   28   O O     . LYS A 1 6   ? 5.094   -3.584  12.404  1.00 11.81 ? 6    LYS A O     1 
ATOM   29   C CB    . LYS A 1 6   ? 6.859   -1.063  13.001  1.00 13.24 ? 6    LYS A CB    1 
ATOM   30   C CG    . LYS A 1 6   ? 7.987   -0.313  13.706  1.00 13.07 ? 6    LYS A CG    1 
ATOM   31   C CD    . LYS A 1 6   ? 7.437   0.643   14.741  1.00 14.23 ? 6    LYS A CD    1 
ATOM   32   C CE    . LYS A 1 6   ? 8.541   1.537   15.300  1.00 15.49 ? 6    LYS A CE    1 
ATOM   33   N NZ    . LYS A 1 6   ? 8.037   2.479   16.329  1.00 15.91 ? 6    LYS A NZ    1 
ATOM   34   N N     . LYS A 1 7   ? 3.676   -2.149  13.451  1.00 11.54 ? 7    LYS A N     1 
ATOM   35   C CA    . LYS A 1 7   ? 2.442   -2.658  12.818  1.00 11.56 ? 7    LYS A CA    1 
ATOM   36   C C     . LYS A 1 7   ? 2.153   -1.835  11.580  1.00 11.37 ? 7    LYS A C     1 
ATOM   37   O O     . LYS A 1 7   ? 2.054   -0.607  11.648  1.00 11.36 ? 7    LYS A O     1 
ATOM   38   C CB    . LYS A 1 7   ? 1.227   -2.591  13.769  1.00 11.38 ? 7    LYS A CB    1 
ATOM   39   C CG    . LYS A 1 7   ? -0.072  -3.106  13.153  1.00 10.91 ? 7    LYS A CG    1 
ATOM   40   C CD    . LYS A 1 7   ? -1.171  -3.123  14.176  1.00 11.32 ? 7    LYS A CD    1 
ATOM   41   C CE    . LYS A 1 7   ? -2.546  -3.337  13.569  1.00 11.50 ? 7    LYS A CE    1 
ATOM   42   N NZ    . LYS A 1 7   ? -3.551  -3.686  14.599  1.00 11.83 ? 7    LYS A NZ    1 
ATOM   43   N N     . LEU A 1 8   ? 2.033   -2.535  10.463  1.00 11.04 ? 8    LEU A N     1 
ATOM   44   C CA    . LEU A 1 8   ? 1.744   -1.965  9.174   1.00 11.17 ? 8    LEU A CA    1 
ATOM   45   C C     . LEU A 1 8   ? 0.390   -2.474  8.711   1.00 11.27 ? 8    LEU A C     1 
ATOM   46   O O     . LEU A 1 8   ? 0.150   -3.677  8.738   1.00 10.72 ? 8    LEU A O     1 
ATOM   47   C CB    . LEU A 1 8   ? 2.834   -2.407  8.199   1.00 11.00 ? 8    LEU A CB    1 
ATOM   48   C CG    . LEU A 1 8   ? 2.760   -1.892  6.755   1.00 11.33 ? 8    LEU A CG    1 
ATOM   49   C CD1   . LEU A 1 8   ? 4.164   -1.899  6.203   1.00 11.73 ? 8    LEU A CD1   1 
ATOM   50   C CD2   . LEU A 1 8   ? 1.830   -2.701  5.825   1.00 11.12 ? 8    LEU A CD2   1 
ATOM   51   N N     . VAL A 1 9   ? -0.506  -1.546  8.356   1.00 11.80 ? 9    VAL A N     1 
ATOM   52   C CA    . VAL A 1 9   ? -1.800  -1.865  7.776   1.00 11.47 ? 9    VAL A CA    1 
ATOM   53   C C     . VAL A 1 9   ? -1.851  -1.328  6.346   1.00 11.38 ? 9    VAL A C     1 
ATOM   54   O O     . VAL A 1 9   ? -1.527  -0.167  6.105   1.00 11.73 ? 9    VAL A O     1 
ATOM   55   C CB    . VAL A 1 9   ? -2.969  -1.283  8.587   1.00 11.78 ? 9    VAL A CB    1 
ATOM   56   C CG1   . VAL A 1 9   ? -4.285  -1.649  7.947   1.00 12.27 ? 9    VAL A CG1   1 
ATOM   57   C CG2   . VAL A 1 9   ? -2.943  -1.799  10.016  1.00 11.84 ? 9    VAL A CG2   1 
ATOM   58   N N     . ILE A 1 10  ? -2.239  -2.195  5.421   1.00 11.26 ? 10   ILE A N     1 
ATOM   59   C CA    . ILE A 1 10  ? -2.425  -1.813  4.019   1.00 12.05 ? 10   ILE A CA    1 
ATOM   60   C C     . ILE A 1 10  ? -3.914  -1.711  3.693   1.00 11.70 ? 10   ILE A C     1 
ATOM   61   O O     . ILE A 1 10  ? -4.720  -2.636  3.993   1.00 11.07 ? 10   ILE A O     1 
ATOM   62   C CB    . ILE A 1 10  ? -1.623  -2.702  3.062   1.00 11.87 ? 10   ILE A CB    1 
ATOM   63   C CG1   . ILE A 1 10  ? -1.772  -2.236  1.626   1.00 12.37 ? 10   ILE A CG1   1 
ATOM   64   C CG2   . ILE A 1 10  ? -2.000  -4.186  3.191   1.00 12.19 ? 10   ILE A CG2   1 
ATOM   65   C CD1   . ILE A 1 10  ? -0.751  -2.885  0.714   1.00 12.67 ? 10   ILE A CD1   1 
ATOM   66   N N     . VAL A 1 11  ? -4.271  -0.554  3.119   1.00 11.89 ? 11   VAL A N     1 
ATOM   67   C CA    . VAL A 1 11  ? -5.640  -0.232  2.726   1.00 12.49 ? 11   VAL A CA    1 
ATOM   68   C C     . VAL A 1 11  ? -5.748  0.258   1.271   1.00 13.41 ? 11   VAL A C     1 
ATOM   69   O O     . VAL A 1 11  ? -4.747  0.571   0.611   1.00 13.14 ? 11   VAL A O     1 
ATOM   70   C CB    . VAL A 1 11  ? -6.295  0.817   3.666   1.00 12.81 ? 11   VAL A CB    1 
ATOM   71   C CG1   . VAL A 1 11  ? -6.157  0.414   5.136   1.00 12.74 ? 11   VAL A CG1   1 
ATOM   72   C CG2   . VAL A 1 11  ? -5.707  2.212   3.482   1.00 12.83 ? 11   VAL A CG2   1 
ATOM   73   N N     . GLY A 1 12  ? -6.975  0.266   0.765   1.00 12.78 ? 12   GLY A N     1 
ATOM   74   C CA    . GLY A 1 12  ? -7.234  0.722   -0.590  1.00 14.16 ? 12   GLY A CA    1 
ATOM   75   C C     . GLY A 1 12  ? -8.262  -0.181  -1.232  1.00 13.90 ? 12   GLY A C     1 
ATOM   76   O O     . GLY A 1 12  ? -8.641  -1.235  -0.670  1.00 13.52 ? 12   GLY A O     1 
ATOM   77   N N     . ASP A 1 13  ? -8.735  0.241   -2.392  1.00 13.89 ? 13   ASP A N     1 
ATOM   78   C CA    . ASP A 1 13  ? -9.873  -0.413  -3.030  1.00 14.39 ? 13   ASP A CA    1 
ATOM   79   C C     . ASP A 1 13  ? -9.578  -1.896  -3.375  1.00 15.30 ? 13   ASP A C     1 
ATOM   80   O O     . ASP A 1 13  ? -8.430  -2.279  -3.602  1.00 13.63 ? 13   ASP A O     1 
ATOM   81   C CB    . ASP A 1 13  ? -10.277 0.350   -4.303  1.00 15.28 ? 13   ASP A CB    1 
ATOM   82   C CG    . ASP A 1 13  ? -10.970 1.675   -4.034  1.00 14.39 ? 13   ASP A CG    1 
ATOM   83   O OD1   . ASP A 1 13  ? -11.236 2.082   -2.898  1.00 14.75 ? 13   ASP A OD1   1 
ATOM   84   O OD2   . ASP A 1 13  ? -11.312 2.332   -5.022  1.00 14.96 ? 13   ASP A OD2   1 
ATOM   85   N N     . GLY A 1 14  ? -10.642 -2.711  -3.429  1.00 16.14 ? 14   GLY A N     1 
ATOM   86   C CA    . GLY A 1 14  ? -10.572 -4.077  -3.956  1.00 16.33 ? 14   GLY A CA    1 
ATOM   87   C C     . GLY A 1 14  ? -9.866  -4.091  -5.289  1.00 17.01 ? 14   GLY A C     1 
ATOM   88   O O     . GLY A 1 14  ? -10.046 -3.183  -6.090  1.00 15.60 ? 14   GLY A O     1 
ATOM   89   N N     . ALA A 1 15  ? -9.035  -5.101  -5.502  1.00 18.42 ? 15   ALA A N     1 
ATOM   90   C CA    . ALA A 1 15  ? -8.317  -5.322  -6.756  1.00 18.81 ? 15   ALA A CA    1 
ATOM   91   C C     . ALA A 1 15  ? -7.173  -4.350  -7.051  1.00 19.53 ? 15   ALA A C     1 
ATOM   92   O O     . ALA A 1 15  ? -6.601  -4.401  -8.131  1.00 18.41 ? 15   ALA A O     1 
ATOM   93   C CB    . ALA A 1 15  ? -9.299  -5.368  -7.947  1.00 20.62 ? 15   ALA A CB    1 
ATOM   94   N N     . CYS A 1 16  ? -6.800  -3.487  -6.106  1.00 18.30 ? 16   CYS A N     1 
ATOM   95   C CA    . CYS A 1 16  ? -5.746  -2.538  -6.389  1.00 18.69 ? 16   CYS A CA    1 
ATOM   96   C C     . CYS A 1 16  ? -4.356  -3.120  -6.127  1.00 17.90 ? 16   CYS A C     1 
ATOM   97   O O     . CYS A 1 16  ? -3.387  -2.420  -6.284  1.00 18.50 ? 16   CYS A O     1 
ATOM   98   C CB    . CYS A 1 16  ? -5.961  -1.229  -5.630  1.00 20.52 ? 16   CYS A CB    1 
ATOM   99   S SG    . CYS A 1 16  ? -5.419  -1.238  -3.916  1.00 21.90 ? 16   CYS A SG    1 
ATOM   100  N N     . GLY A 1 17  ? -4.270  -4.389  -5.710  1.00 16.08 ? 17   GLY A N     1 
ATOM   101  C CA    . GLY A 1 17  ? -2.988  -5.098  -5.621  1.00 15.00 ? 17   GLY A CA    1 
ATOM   102  C C     . GLY A 1 17  ? -2.372  -5.190  -4.228  1.00 14.15 ? 17   GLY A C     1 
ATOM   103  O O     . GLY A 1 17  ? -1.172  -5.406  -4.111  1.00 13.82 ? 17   GLY A O     1 
ATOM   104  N N     . LYS A 1 18  ? -3.179  -5.047  -3.181  1.00 12.80 ? 18   LYS A N     1 
ATOM   105  C CA    . LYS A 1 18  ? -2.659  -5.013  -1.808  1.00 12.72 ? 18   LYS A CA    1 
ATOM   106  C C     . LYS A 1 18  ? -2.008  -6.334  -1.418  1.00 12.77 ? 18   LYS A C     1 
ATOM   107  O O     . LYS A 1 18  ? -0.900  -6.354  -0.869  1.00 12.80 ? 18   LYS A O     1 
ATOM   108  C CB    . LYS A 1 18  ? -3.777  -4.718  -0.813  1.00 12.79 ? 18   LYS A CB    1 
ATOM   109  C CG    . LYS A 1 18  ? -4.431  -3.352  -0.954  1.00 12.61 ? 18   LYS A CG    1 
ATOM   110  C CD    . LYS A 1 18  ? -5.466  -3.116  0.129   1.00 12.23 ? 18   LYS A CD    1 
ATOM   111  C CE    . LYS A 1 18  ? -6.681  -4.025  -0.007  1.00 12.52 ? 18   LYS A CE    1 
ATOM   112  N NZ    . LYS A 1 18  ? -7.377  -3.887  -1.326  1.00 12.69 ? 18   LYS A NZ    1 
ATOM   113  N N     . THR A 1 19  ? -2.698  -7.436  -1.696  1.00 13.02 ? 19   THR A N     1 
ATOM   114  C CA    . THR A 1 19  ? -2.210  -8.731  -1.250  1.00 13.93 ? 19   THR A CA    1 
ATOM   115  C C     . THR A 1 19  ? -0.958  -9.134  -2.055  1.00 14.50 ? 19   THR A C     1 
ATOM   116  O O     . THR A 1 19  ? 0.002   -9.594  -1.460  1.00 13.26 ? 19   THR A O     1 
ATOM   117  C CB    . THR A 1 19  ? -3.291  -9.807  -1.287  1.00 13.98 ? 19   THR A CB    1 
ATOM   118  O OG1   . THR A 1 19  ? -4.443  -9.331  -0.572  1.00 13.98 ? 19   THR A OG1   1 
ATOM   119  C CG2   . THR A 1 19  ? -2.774  -11.092 -0.618  1.00 14.31 ? 19   THR A CG2   1 
ATOM   120  N N     . CYS A 1 20  ? -0.954  -8.924  -3.376  1.00 14.64 ? 20   CYS A N     1 
ATOM   121  C CA    . CYS A 1 20  ? 0.237   -9.249  -4.184  1.00 15.69 ? 20   CYS A CA    1 
ATOM   122  C C     . CYS A 1 20  ? 1.504   -8.470  -3.757  1.00 15.76 ? 20   CYS A C     1 
ATOM   123  O O     . CYS A 1 20  ? 2.630   -8.996  -3.768  1.00 15.85 ? 20   CYS A O     1 
ATOM   124  C CB    . CYS A 1 20  ? -0.053  -9.052  -5.671  1.00 17.91 ? 20   CYS A CB    1 
ATOM   125  S SG    . CYS A 1 20  ? -1.127  -10.342 -6.356  1.00 21.33 ? 20   CYS A SG    1 
ATOM   126  N N     . LEU A 1 21  ? 1.300   -7.225  -3.346  1.00 14.83 ? 21   LEU A N     1 
ATOM   127  C CA    . LEU A 1 21  ? 2.370   -6.402  -2.830  1.00 14.71 ? 21   LEU A CA    1 
ATOM   128  C C     . LEU A 1 21  ? 2.974   -7.003  -1.550  1.00 13.49 ? 21   LEU A C     1 
ATOM   129  O O     . LEU A 1 21  ? 4.206   -7.113  -1.468  1.00 13.95 ? 21   LEU A O     1 
ATOM   130  C CB    . LEU A 1 21  ? 1.890   -4.972  -2.582  1.00 15.22 ? 21   LEU A CB    1 
ATOM   131  C CG    . LEU A 1 21  ? 2.933   -3.997  -2.025  1.00 15.93 ? 21   LEU A CG    1 
ATOM   132  C CD1   . LEU A 1 21  ? 4.156   -3.900  -2.930  1.00 16.03 ? 21   LEU A CD1   1 
ATOM   133  C CD2   . LEU A 1 21  ? 2.312   -2.605  -1.825  1.00 17.09 ? 21   LEU A CD2   1 
ATOM   134  N N     . LEU A 1 22  ? 2.139   -7.419  -0.585  1.00 12.79 ? 22   LEU A N     1 
ATOM   135  C CA    . LEU A 1 22  ? 2.658   -8.043  0.632   1.00 12.34 ? 22   LEU A CA    1 
ATOM   136  C C     . LEU A 1 22  ? 3.343   -9.355  0.294   1.00 12.88 ? 22   LEU A C     1 
ATOM   137  O O     . LEU A 1 22  ? 4.338   -9.723  0.950   1.00 14.33 ? 22   LEU A O     1 
ATOM   138  C CB    . LEU A 1 22  ? 1.566   -8.332  1.650   1.00 12.31 ? 22   LEU A CB    1 
ATOM   139  C CG    . LEU A 1 22  ? 0.709   -7.174  2.107   1.00 12.40 ? 22   LEU A CG    1 
ATOM   140  C CD1   . LEU A 1 22  ? -0.239  -7.682  3.174   1.00 12.37 ? 22   LEU A CD1   1 
ATOM   141  C CD2   . LEU A 1 22  ? 1.556   -6.027  2.621   1.00 12.44 ? 22   LEU A CD2   1 
ATOM   142  N N     . ILE A 1 23  ? 2.787   -10.088 -0.667  1.00 13.36 ? 23   ILE A N     1 
ATOM   143  C CA    . ILE A 1 23  ? 3.342   -11.396 -1.028  1.00 14.01 ? 23   ILE A CA    1 
ATOM   144  C C     . ILE A 1 23  ? 4.744   -11.221 -1.615  1.00 13.95 ? 23   ILE A C     1 
ATOM   145  O O     . ILE A 1 23  ? 5.650   -11.939 -1.218  1.00 13.64 ? 23   ILE A O     1 
ATOM   146  C CB    . ILE A 1 23  ? 2.472   -12.160 -2.015  1.00 14.52 ? 23   ILE A CB    1 
ATOM   147  C CG1   . ILE A 1 23  ? 1.188   -12.661 -1.303  1.00 14.82 ? 23   ILE A CG1   1 
ATOM   148  C CG2   . ILE A 1 23  ? 3.250   -13.351 -2.555  1.00 15.33 ? 23   ILE A CG2   1 
ATOM   149  C CD1   . ILE A 1 23  ? 0.140   -13.236 -2.225  1.00 15.93 ? 23   ILE A CD1   1 
ATOM   150  N N     . VAL A 1 24  ? 4.915   -10.289 -2.555  1.00 14.67 ? 24   VAL A N     1 
ATOM   151  C CA    . VAL A 1 24  ? 6.230   -10.098 -3.213  1.00 15.43 ? 24   VAL A CA    1 
ATOM   152  C C     . VAL A 1 24  ? 7.278   -9.692  -2.216  1.00 15.29 ? 24   VAL A C     1 
ATOM   153  O O     . VAL A 1 24  ? 8.402   -10.238 -2.211  1.00 15.94 ? 24   VAL A O     1 
ATOM   154  C CB    . VAL A 1 24  ? 6.153   -9.102  -4.393  1.00 17.08 ? 24   VAL A CB    1 
ATOM   155  C CG1   . VAL A 1 24  ? 7.544   -8.767  -4.946  1.00 17.27 ? 24   VAL A CG1   1 
ATOM   156  C CG2   . VAL A 1 24  ? 5.309   -9.716  -5.490  1.00 18.44 ? 24   VAL A CG2   1 
ATOM   157  N N     . PHE A 1 25  ? 6.923   -8.766  -1.337  1.00 14.81 ? 25   PHE A N     1 
ATOM   158  C CA    . PHE A 1 25  ? 7.819   -8.345  -0.271  1.00 15.16 ? 25   PHE A CA    1 
ATOM   159  C C     . PHE A 1 25  ? 8.187   -9.507  0.657   1.00 15.44 ? 25   PHE A C     1 
ATOM   160  O O     . PHE A 1 25  ? 9.353   -9.693  1.017   1.00 15.29 ? 25   PHE A O     1 
ATOM   161  C CB    . PHE A 1 25  ? 7.205   -7.199  0.542   1.00 14.71 ? 25   PHE A CB    1 
ATOM   162  C CG    . PHE A 1 25  ? 7.946   -6.886  1.828   1.00 15.99 ? 25   PHE A CG    1 
ATOM   163  C CD1   . PHE A 1 25  ? 9.205   -6.298  1.803   1.00 16.20 ? 25   PHE A CD1   1 
ATOM   164  C CD2   . PHE A 1 25  ? 7.384   -7.195  3.063   1.00 16.50 ? 25   PHE A CD2   1 
ATOM   165  C CE1   . PHE A 1 25  ? 9.892   -6.024  2.961   1.00 16.81 ? 25   PHE A CE1   1 
ATOM   166  C CE2   . PHE A 1 25  ? 8.076   -6.931  4.240   1.00 16.94 ? 25   PHE A CE2   1 
ATOM   167  C CZ    . PHE A 1 25  ? 9.322   -6.336  4.194   1.00 17.22 ? 25   PHE A CZ    1 
ATOM   168  N N     . SER A 1 26  ? 7.184   -10.284 1.050   1.00 15.00 ? 26   SER A N     1 
ATOM   169  C CA    . SER A 1 26  ? 7.408   -11.346 2.013   1.00 14.55 ? 26   SER A CA    1 
ATOM   170  C C     . SER A 1 26  ? 8.302   -12.451 1.426   1.00 14.89 ? 26   SER A C     1 
ATOM   171  O O     . SER A 1 26  ? 9.147   -13.005 2.125   1.00 14.86 ? 26   SER A O     1 
ATOM   172  C CB    . SER A 1 26  ? 6.072   -11.902 2.502   1.00 13.96 ? 26   SER A CB    1 
ATOM   173  O OG    . SER A 1 26  ? 5.379   -10.947 3.322   1.00 13.57 ? 26   SER A OG    1 
ATOM   174  N N     . LYS A 1 27  ? 8.142   -12.714 0.247   1.00 15.91 ? 27   LYS A N     1 
ATOM   175  C CA    . LYS A 1 27  ? 8.939   -13.653 -0.540  1.00 17.50 ? 27   LYS A CA    1 
ATOM   176  C C     . LYS A 1 27  ? 10.370  -13.167 -0.752  1.00 18.64 ? 27   LYS A C     1 
ATOM   177  O O     . LYS A 1 27  ? 11.268  -13.969 -1.020  1.00 18.14 ? 27   LYS A O     1 
ATOM   178  C CB    . LYS A 1 27  ? 8.273   -13.906 -1.893  1.00 18.45 ? 27   LYS A CB    1 
ATOM   179  C CG    . LYS A 1 27  ? 7.174   -14.950 -1.848  1.00 19.76 ? 27   LYS A CG    1 
ATOM   180  C CD    . LYS A 1 27  ? 6.574   -15.179 -3.223  1.00 21.82 ? 27   LYS A CD    1 
ATOM   181  C CE    . LYS A 1 27  ? 5.505   -16.254 -3.179  1.00 24.72 ? 27   LYS A CE    1 
ATOM   182  N NZ    . LYS A 1 27  ? 5.225   -16.799 -4.526  1.00 27.73 ? 27   LYS A NZ    1 
ATOM   183  N N     . ASP A 1 28  ? 10.604  -11.917 -0.661  1.00 19.53 ? 28   ASP A N     1 
ATOM   184  C CA    . ASP A 1 28  ? 11.939  -11.316 -0.810  1.00 21.96 ? 28   ASP A CA    1 
ATOM   185  C C     . ASP A 1 28  ? 12.787  -11.469 0.484   1.00 20.88 ? 28   ASP A C     1 
ATOM   186  O O     . ASP A 1 28  ? 13.976  -11.251 0.467   1.00 19.05 ? 28   ASP A O     1 
ATOM   187  C CB    . ASP A 1 28  ? 11.796  -9.832  -1.188  1.00 25.16 ? 28   ASP A CB    1 
ATOM   188  C CG    . ASP A 1 28  ? 13.127  -9.179  -1.581  1.00 33.64 ? 28   ASP A CG    1 
ATOM   189  O OD1   . ASP A 1 28  ? 13.824  -9.745  -2.460  1.00 38.53 ? 28   ASP A OD1   1 
ATOM   190  O OD2   . ASP A 1 28  ? 13.474  -8.111  -1.013  1.00 39.21 ? 28   ASP A OD2   1 
ATOM   191  N N     . GLN A 1 29  ? 12.173  -11.877 1.589   1.00 20.01 ? 29   GLN A N     1 
ATOM   192  C CA    . GLN A 1 29  ? 12.931  -12.056 2.849   1.00 20.46 ? 29   GLN A CA    1 
ATOM   193  C C     . GLN A 1 29  ? 14.008  -13.152 2.723   1.00 19.61 ? 29   GLN A C     1 
ATOM   194  O O     . GLN A 1 29  ? 13.818  -14.141 2.048   1.00 19.31 ? 29   GLN A O     1 
ATOM   195  C CB    . GLN A 1 29  ? 12.022  -12.473 4.010   1.00 20.17 ? 29   GLN A CB    1 
ATOM   196  C CG    . GLN A 1 29  ? 10.873  -11.531 4.362   1.00 20.75 ? 29   GLN A CG    1 
ATOM   197  C CD    . GLN A 1 29  ? 9.956   -12.129 5.454   1.00 20.14 ? 29   GLN A CD    1 
ATOM   198  O OE1   . GLN A 1 29  ? 10.287  -12.091 6.653   1.00 20.84 ? 29   GLN A OE1   1 
ATOM   199  N NE2   . GLN A 1 29  ? 8.828   -12.715 5.039   1.00 17.84 ? 29   GLN A NE2   1 
ATOM   200  N N     . PHE A 1 30  ? 15.093  -12.997 3.463   1.00 20.54 ? 30   PHE A N     1 
ATOM   201  C CA    . PHE A 1 30  ? 16.128  -14.008 3.533   1.00 21.15 ? 30   PHE A CA    1 
ATOM   202  C C     . PHE A 1 30  ? 16.517  -14.177 4.998   1.00 21.70 ? 30   PHE A C     1 
ATOM   203  O O     . PHE A 1 30  ? 16.678  -13.182 5.710   1.00 21.81 ? 30   PHE A O     1 
ATOM   204  C CB    . PHE A 1 30  ? 17.353  -13.649 2.671   1.00 22.69 ? 30   PHE A CB    1 
ATOM   205  C CG    . PHE A 1 30  ? 18.341  -14.776 2.575   1.00 23.21 ? 30   PHE A CG    1 
ATOM   206  C CD1   . PHE A 1 30  ? 18.196  -15.754 1.607   1.00 23.67 ? 30   PHE A CD1   1 
ATOM   207  C CD2   . PHE A 1 30  ? 19.357  -14.901 3.513   1.00 23.27 ? 30   PHE A CD2   1 
ATOM   208  C CE1   . PHE A 1 30  ? 19.063  -16.837 1.542   1.00 25.09 ? 30   PHE A CE1   1 
ATOM   209  C CE2   . PHE A 1 30  ? 20.237  -15.977 3.451   1.00 24.80 ? 30   PHE A CE2   1 
ATOM   210  C CZ    . PHE A 1 30  ? 20.079  -16.950 2.463   1.00 24.38 ? 30   PHE A CZ    1 
ATOM   211  N N     . PRO A 1 31  ? 16.642  -15.423 5.472   1.00 21.53 ? 31   PRO A N     1 
ATOM   212  C CA    . PRO A 1 31  ? 16.450  -16.673 4.717   1.00 22.40 ? 31   PRO A CA    1 
ATOM   213  C C     . PRO A 1 31  ? 15.041  -16.838 4.155   1.00 20.54 ? 31   PRO A C     1 
ATOM   214  O O     . PRO A 1 31  ? 14.083  -16.246 4.699   1.00 18.44 ? 31   PRO A O     1 
ATOM   215  C CB    . PRO A 1 31  ? 16.802  -17.783 5.721   1.00 23.71 ? 31   PRO A CB    1 
ATOM   216  C CG    . PRO A 1 31  ? 17.208  -17.132 6.990   1.00 24.03 ? 31   PRO A CG    1 
ATOM   217  C CD    . PRO A 1 31  ? 17.053  -15.644 6.871   1.00 24.41 ? 31   PRO A CD    1 
ATOM   218  N N     . GLU A 1 32  ? 14.937  -17.579 3.051   1.00 18.52 ? 32   GLU A N     1 
ATOM   219  C CA    . GLU A 1 32  ? 13.684  -17.820 2.358   1.00 19.41 ? 32   GLU A CA    1 
ATOM   220  C C     . GLU A 1 32  ? 12.716  -18.592 3.247   1.00 20.07 ? 32   GLU A C     1 
ATOM   221  O O     . GLU A 1 32  ? 13.085  -19.570 3.878   1.00 18.34 ? 32   GLU A O     1 
ATOM   222  C CB    . GLU A 1 32  ? 13.903  -18.591 1.050   1.00 19.73 ? 32   GLU A CB    1 
ATOM   223  N N     . VAL A 1 33  ? 11.484  -18.106 3.296   1.00 20.19 ? 33   VAL A N     1 
ATOM   224  C CA    . VAL A 1 33  ? 10.415  -18.777 4.004   1.00 20.04 ? 33   VAL A CA    1 
ATOM   225  C C     . VAL A 1 33  ? 9.233   -18.974 3.060   1.00 17.67 ? 33   VAL A C     1 
ATOM   226  O O     . VAL A 1 33  ? 9.040   -18.231 2.097   1.00 16.47 ? 33   VAL A O     1 
ATOM   227  C CB    . VAL A 1 33  ? 9.981   -17.997 5.257   1.00 20.63 ? 33   VAL A CB    1 
ATOM   228  C CG1   . VAL A 1 33  ? 11.128  -17.955 6.261   1.00 22.67 ? 33   VAL A CG1   1 
ATOM   229  C CG2   . VAL A 1 33  ? 9.500   -16.585 4.911   1.00 22.13 ? 33   VAL A CG2   1 
ATOM   230  N N     . TYR A 1 34  ? 8.437   -19.980 3.371   1.00 16.20 ? 34   TYR A N     1 
ATOM   231  C CA    . TYR A 1 34  ? 7.165   -20.186 2.722   1.00 15.62 ? 34   TYR A CA    1 
ATOM   232  C C     . TYR A 1 34  ? 6.219   -19.076 3.182   1.00 15.49 ? 34   TYR A C     1 
ATOM   233  O O     . TYR A 1 34  ? 6.109   -18.816 4.371   1.00 15.19 ? 34   TYR A O     1 
ATOM   234  C CB    . TYR A 1 34  ? 6.596   -21.554 3.105   1.00 14.91 ? 34   TYR A CB    1 
ATOM   235  C CG    . TYR A 1 34  ? 5.243   -21.742 2.551   1.00 14.45 ? 34   TYR A CG    1 
ATOM   236  C CD1   . TYR A 1 34  ? 5.067   -21.872 1.181   1.00 15.19 ? 34   TYR A CD1   1 
ATOM   237  C CD2   . TYR A 1 34  ? 4.119   -21.729 3.368   1.00 14.31 ? 34   TYR A CD2   1 
ATOM   238  C CE1   . TYR A 1 34  ? 3.825   -21.999 0.650   1.00 14.54 ? 34   TYR A CE1   1 
ATOM   239  C CE2   . TYR A 1 34  ? 2.852   -21.881 2.832   1.00 14.57 ? 34   TYR A CE2   1 
ATOM   240  C CZ    . TYR A 1 34  ? 2.720   -22.039 1.485   1.00 15.12 ? 34   TYR A CZ    1 
ATOM   241  O OH    . TYR A 1 34  ? 1.484   -22.162 0.947   1.00 15.90 ? 34   TYR A OH    1 
ATOM   242  N N     . VAL A 1 35  ? 5.542   -18.450 2.237   1.00 16.05 ? 35   VAL A N     1 
ATOM   243  C CA    . VAL A 1 35  ? 4.698   -17.290 2.496   1.00 17.04 ? 35   VAL A CA    1 
ATOM   244  C C     . VAL A 1 35  ? 3.240   -17.706 2.301   1.00 15.92 ? 35   VAL A C     1 
ATOM   245  O O     . VAL A 1 35  ? 2.927   -18.316 1.282   1.00 16.88 ? 35   VAL A O     1 
ATOM   246  C CB    . VAL A 1 35  ? 5.066   -16.158 1.509   1.00 17.31 ? 35   VAL A CB    1 
ATOM   247  C CG1   . VAL A 1 35  ? 4.198   -14.922 1.706   1.00 17.85 ? 35   VAL A CG1   1 
ATOM   248  C CG2   . VAL A 1 35  ? 6.518   -15.782 1.699   1.00 17.89 ? 35   VAL A CG2   1 
ATOM   249  N N     . PRO A 1 36  ? 2.350   -17.395 3.272   1.00 14.22 ? 36   PRO A N     1 
ATOM   250  C CA    . PRO A 1 36  ? 0.930   -17.657 3.136   1.00 13.84 ? 36   PRO A CA    1 
ATOM   251  C C     . PRO A 1 36  ? 0.285   -16.669 2.159   1.00 14.95 ? 36   PRO A C     1 
ATOM   252  O O     . PRO A 1 36  ? 0.963   -15.752 1.663   1.00 14.49 ? 36   PRO A O     1 
ATOM   253  C CB    . PRO A 1 36  ? 0.408   -17.418 4.533   1.00 14.38 ? 36   PRO A CB    1 
ATOM   254  C CG    . PRO A 1 36  ? 1.275   -16.315 5.073   1.00 14.27 ? 36   PRO A CG    1 
ATOM   255  C CD    . PRO A 1 36  ? 2.627   -16.538 4.439   1.00 14.81 ? 36   PRO A CD    1 
ATOM   256  N N     . THR A 1 37  ? -1.002  -16.847 1.919   1.00 15.29 ? 37   THR A N     1 
ATOM   257  C CA    . THR A 1 37  ? -1.767  -15.967 1.051   1.00 16.75 ? 37   THR A CA    1 
ATOM   258  C C     . THR A 1 37  ? -2.685  -15.027 1.811   1.00 16.34 ? 37   THR A C     1 
ATOM   259  O O     . THR A 1 37  ? -3.475  -14.344 1.186   1.00 16.50 ? 37   THR A O     1 
ATOM   260  C CB    . THR A 1 37  ? -2.609  -16.777 0.027   1.00 17.38 ? 37   THR A CB    1 
ATOM   261  O OG1   . THR A 1 37  ? -3.427  -17.729 0.716   1.00 18.94 ? 37   THR A OG1   1 
ATOM   262  C CG2   . THR A 1 37  ? -1.701  -17.487 -0.942  1.00 18.87 ? 37   THR A CG2   1 
ATOM   263  N N     . VAL A 1 38  ? -2.610  -15.003 3.144   1.00 15.74 ? 38   VAL A N     1 
ATOM   264  C CA    . VAL A 1 38  ? -3.355  -14.060 3.969   1.00 16.09 ? 38   VAL A CA    1 
ATOM   265  C C     . VAL A 1 38  ? -2.386  -13.477 5.004   1.00 14.07 ? 38   VAL A C     1 
ATOM   266  O O     . VAL A 1 38  ? -1.480  -14.185 5.509   1.00 13.18 ? 38   VAL A O     1 
ATOM   267  C CB    . VAL A 1 38  ? -4.528  -14.701 4.781   1.00 19.04 ? 38   VAL A CB    1 
ATOM   268  C CG1   . VAL A 1 38  ? -5.694  -15.113 3.890   1.00 21.63 ? 38   VAL A CG1   1 
ATOM   269  C CG2   . VAL A 1 38  ? -4.034  -15.883 5.601   1.00 20.11 ? 38   VAL A CG2   1 
ATOM   270  N N     . PHE A 1 39  ? -2.592  -12.205 5.321   1.00 11.97 ? 39   PHE A N     1 
ATOM   271  C CA    . PHE A 1 39  ? -1.700  -11.427 6.179   1.00 11.48 ? 39   PHE A CA    1 
ATOM   272  C C     . PHE A 1 39  ? -2.452  -10.681 7.278   1.00 11.46 ? 39   PHE A C     1 
ATOM   273  O O     . PHE A 1 39  ? -3.126  -9.684  7.018   1.00 10.98 ? 39   PHE A O     1 
ATOM   274  C CB    . PHE A 1 39  ? -0.901  -10.434 5.335   1.00 11.55 ? 39   PHE A CB    1 
ATOM   275  C CG    . PHE A 1 39  ? -0.059  -11.094 4.281   1.00 11.53 ? 39   PHE A CG    1 
ATOM   276  C CD1   . PHE A 1 39  ? -0.640  -11.497 3.093   1.00 11.88 ? 39   PHE A CD1   1 
ATOM   277  C CD2   . PHE A 1 39  ? 1.277   -11.358 4.501   1.00 11.83 ? 39   PHE A CD2   1 
ATOM   278  C CE1   . PHE A 1 39  ? 0.089   -12.168 2.117   1.00 11.93 ? 39   PHE A CE1   1 
ATOM   279  C CE2   . PHE A 1 39  ? 2.028   -12.025 3.536   1.00 12.66 ? 39   PHE A CE2   1 
ATOM   280  C CZ    . PHE A 1 39  ? 1.425   -12.418 2.333   1.00 12.08 ? 39   PHE A CZ    1 
ATOM   281  N N     . GLU A 1 40  ? -2.317  -11.160 8.504   1.00 11.51 ? 40   GLU A N     1 
ATOM   282  C CA    . GLU A 1 40  ? -2.872  -10.479 9.675   1.00 12.15 ? 40   GLU A CA    1 
ATOM   283  C C     . GLU A 1 40  ? -1.899  -10.710 10.839  1.00 12.43 ? 40   GLU A C     1 
ATOM   284  O O     . GLU A 1 40  ? -1.758  -11.826 11.317  1.00 12.41 ? 40   GLU A O     1 
ATOM   285  C CB    . GLU A 1 40  ? -4.275  -10.973 10.040  1.00 12.25 ? 40   GLU A CB    1 
ATOM   286  C CG    . GLU A 1 40  ? -5.348  -11.016 8.938   1.00 13.31 ? 40   GLU A CG    1 
ATOM   287  C CD    . GLU A 1 40  ? -5.714  -9.674  8.330   1.00 14.05 ? 40   GLU A CD    1 
ATOM   288  O OE1   . GLU A 1 40  ? -5.448  -8.643  8.968   1.00 13.90 ? 40   GLU A OE1   1 
ATOM   289  O OE2   . GLU A 1 40  ? -6.278  -9.655  7.191   1.00 14.45 ? 40   GLU A OE2   1 
ATOM   290  N N     . ASN A 1 41  ? -1.212  -9.649  11.255  1.00 12.03 ? 41   ASN A N     1 
ATOM   291  C CA    . ASN A 1 41  ? -0.112  -9.740  12.227  1.00 11.93 ? 41   ASN A CA    1 
ATOM   292  C C     . ASN A 1 41  ? 0.939   -10.737 11.728  1.00 11.74 ? 41   ASN A C     1 
ATOM   293  O O     . ASN A 1 41  ? 1.517   -11.449 12.526  1.00 10.81 ? 41   ASN A O     1 
ATOM   294  C CB    . ASN A 1 41  ? -0.637  -10.112 13.613  1.00 12.72 ? 41   ASN A CB    1 
ATOM   295  C CG    . ASN A 1 41  ? 0.399   -9.931  14.730  1.00 14.29 ? 41   ASN A CG    1 
ATOM   296  O OD1   . ASN A 1 41  ? 0.524   -10.777 15.651  1.00 17.19 ? 41   ASN A OD1   1 
ATOM   297  N ND2   . ASN A 1 41  ? 1.145   -8.870  14.660  1.00 13.84 ? 41   ASN A ND2   1 
ATOM   298  N N     . TYR A 1 42  ? 1.127   -10.793 10.397  1.00 11.92 ? 42   TYR A N     1 
ATOM   299  C CA    . TYR A 1 42  ? 2.179   -11.587 9.743   1.00 12.29 ? 42   TYR A CA    1 
ATOM   300  C C     . TYR A 1 42  ? 3.522   -10.937 10.005  1.00 12.62 ? 42   TYR A C     1 
ATOM   301  O O     . TYR A 1 42  ? 3.729   -9.794  9.614   1.00 11.40 ? 42   TYR A O     1 
ATOM   302  C CB    . TYR A 1 42  ? 1.922   -11.657 8.218   1.00 12.73 ? 42   TYR A CB    1 
ATOM   303  C CG    . TYR A 1 42  ? 3.022   -12.348 7.468   1.00 12.38 ? 42   TYR A CG    1 
ATOM   304  C CD1   . TYR A 1 42  ? 4.158   -11.652 7.056   1.00 12.85 ? 42   TYR A CD1   1 
ATOM   305  C CD2   . TYR A 1 42  ? 2.968   -13.724 7.209   1.00 12.51 ? 42   TYR A CD2   1 
ATOM   306  C CE1   . TYR A 1 42  ? 5.191   -12.290 6.388   1.00 12.28 ? 42   TYR A CE1   1 
ATOM   307  C CE2   . TYR A 1 42  ? 4.000   -14.355 6.561   1.00 12.13 ? 42   TYR A CE2   1 
ATOM   308  C CZ    . TYR A 1 42  ? 5.110   -13.630 6.149   1.00 12.69 ? 42   TYR A CZ    1 
ATOM   309  O OH    . TYR A 1 42  ? 6.154   -14.281 5.496   1.00 13.72 ? 42   TYR A OH    1 
ATOM   310  N N     . VAL A 1 43  ? 4.363   -11.563 10.519  1.00 13.25 ? 43   VAL A N     1 
ATOM   311  C CA    . VAL A 1 43  ? 5.657   -11.005 10.922  1.00 14.12 ? 43   VAL A CA    1 
ATOM   312  C C     . VAL A 1 43  ? 6.694   -11.304 9.913   1.00 13.96 ? 43   VAL A C     1 
ATOM   313  O O     . VAL A 1 43  ? 7.002   -12.483 9.700   1.00 13.69 ? 43   VAL A O     1 
ATOM   314  C CB    . VAL A 1 43  ? 6.276   -11.589 12.225  1.00 16.68 ? 43   VAL A CB    1 
ATOM   315  C CG1   . VAL A 1 43  ? 6.628   -13.055 12.104  1.00 18.38 ? 43   VAL A CG1   1 
ATOM   316  C CG2   . VAL A 1 43  ? 7.370   -10.729 12.841  1.00 17.11 ? 43   VAL A CG2   1 
ATOM   317  N N     . ALA A 1 44  ? 7.178   -10.113 9.311   1.00 13.23 ? 44   ALA A N     1 
ATOM   318  C CA    . ALA A 1 44  ? 8.195   -10.137 8.325   1.00 14.86 ? 44   ALA A CA    1 
ATOM   319  C C     . ALA A 1 44  ? 9.394   -9.490  8.969   1.00 17.08 ? 44   ALA A C     1 
ATOM   320  O O     . ALA A 1 44  ? 9.241   -8.608  9.819   1.00 20.43 ? 44   ALA A O     1 
ATOM   321  C CB    . ALA A 1 44  ? 7.742   -9.374  7.101   1.00 14.92 ? 44   ALA A CB    1 
ATOM   322  N N     . ASP A 1 45  ? 10.584  -9.972  8.650   1.00 17.83 ? 45   ASP A N     1 
ATOM   323  C CA    . ASP A 1 45  ? 11.789  -9.365  9.179   1.00 20.98 ? 45   ASP A CA    1 
ATOM   324  C C     . ASP A 1 45  ? 12.398  -8.511  8.064   1.00 21.11 ? 45   ASP A C     1 
ATOM   325  O O     . ASP A 1 45  ? 12.513  -8.977  6.930   1.00 24.03 ? 45   ASP A O     1 
ATOM   326  C CB    . ASP A 1 45  ? 12.749  -10.453 9.662   1.00 22.00 ? 45   ASP A CB    1 
ATOM   327  C CG    . ASP A 1 45  ? 12.147  -11.256 10.789  1.00 24.19 ? 45   ASP A CG    1 
ATOM   328  O OD1   . ASP A 1 45  ? 11.901  -10.672 11.872  1.00 24.40 ? 45   ASP A OD1   1 
ATOM   329  O OD2   . ASP A 1 45  ? 11.824  -12.445 10.569  1.00 25.84 ? 45   ASP A OD2   1 
ATOM   330  N N     . ILE A 1 46  ? 12.735  -7.266  8.383   1.00 19.31 ? 46   ILE A N     1 
ATOM   331  C CA    . ILE A 1 46  ? 13.391  -6.376  7.436   1.00 18.88 ? 46   ILE A CA    1 
ATOM   332  C C     . ILE A 1 46  ? 14.610  -5.750  8.089   1.00 20.08 ? 46   ILE A C     1 
ATOM   333  O O     . ILE A 1 46  ? 14.645  -5.552  9.304   1.00 18.50 ? 46   ILE A O     1 
ATOM   334  C CB    . ILE A 1 46  ? 12.415  -5.297  6.898   1.00 19.24 ? 46   ILE A CB    1 
ATOM   335  C CG1   . ILE A 1 46  ? 12.934  -4.651  5.598   1.00 19.77 ? 46   ILE A CG1   1 
ATOM   336  C CG2   . ILE A 1 46  ? 12.086  -4.273  7.974   1.00 19.01 ? 46   ILE A CG2   1 
ATOM   337  C CD1   . ILE A 1 46  ? 11.948  -3.680  4.980   1.00 20.37 ? 46   ILE A CD1   1 
ATOM   338  N N     . GLU A 1 47  ? 15.616  -5.439  7.273   1.00 20.48 ? 47   GLU A N     1 
ATOM   339  C CA    . GLU A 1 47  ? 16.757  -4.652  7.763   1.00 22.57 ? 47   GLU A CA    1 
ATOM   340  C C     . GLU A 1 47  ? 16.842  -3.374  6.978   1.00 20.23 ? 47   GLU A C     1 
ATOM   341  O O     . GLU A 1 47  ? 16.968  -3.399  5.760   1.00 21.30 ? 47   GLU A O     1 
ATOM   342  C CB    . GLU A 1 47  ? 18.084  -5.406  7.638   1.00 26.56 ? 47   GLU A CB    1 
ATOM   343  C CG    . GLU A 1 47  ? 19.189  -4.676  8.409   1.00 31.67 ? 47   GLU A CG    1 
ATOM   344  C CD    . GLU A 1 47  ? 20.549  -5.334  8.299   1.00 38.72 ? 47   GLU A CD    1 
ATOM   345  O OE1   . GLU A 1 47  ? 20.781  -6.083  7.330   1.00 44.28 ? 47   GLU A OE1   1 
ATOM   346  O OE2   . GLU A 1 47  ? 21.388  -5.087  9.188   1.00 42.56 ? 47   GLU A OE2   1 
ATOM   347  N N     . VAL A 1 48  ? 16.775  -2.319  7.628   1.00 20.63 ? 48   VAL A N     1 
ATOM   348  C CA    . VAL A 1 48  ? 16.709  -1.023  6.958   1.00 21.67 ? 48   VAL A CA    1 
ATOM   349  C C     . VAL A 1 48  ? 17.733  -0.094  7.633   1.00 20.91 ? 48   VAL A C     1 
ATOM   350  O O     . VAL A 1 48  ? 17.738  0.037   8.849   1.00 19.13 ? 48   VAL A O     1 
ATOM   351  C CB    . VAL A 1 48  ? 15.274  -0.451  7.002   1.00 22.18 ? 48   VAL A CB    1 
ATOM   352  C CG1   . VAL A 1 48  ? 15.227  0.943   6.410   1.00 23.90 ? 48   VAL A CG1   1 
ATOM   353  C CG2   . VAL A 1 48  ? 14.334  -1.319  6.218   1.00 24.59 ? 48   VAL A CG2   1 
ATOM   354  N N     . ASP A 1 49  ? 18.735  0.495   6.939   1.00 22.56 ? 49   ASP A N     1 
ATOM   355  C CA    . ASP A 1 49  ? 19.765  1.367   7.523   1.00 22.83 ? 49   ASP A CA    1 
ATOM   356  C C     . ASP A 1 49  ? 20.431  0.747   8.765   1.00 22.13 ? 49   ASP A C     1 
ATOM   357  O O     . ASP A 1 49  ? 20.435  1.342   9.853   1.00 24.13 ? 49   ASP A O     1 
ATOM   358  C CB    . ASP A 1 49  ? 19.155  2.735   7.901   1.00 22.11 ? 49   ASP A CB    1 
ATOM   359  C CG    . ASP A 1 49  ? 18.514  3.443   6.718   1.00 22.20 ? 49   ASP A CG    1 
ATOM   360  O OD1   . ASP A 1 49  ? 19.059  3.353   5.620   1.00 21.17 ? 49   ASP A OD1   1 
ATOM   361  O OD2   . ASP A 1 49  ? 17.443  4.077   6.876   1.00 24.57 ? 49   ASP A OD2   1 
ATOM   362  N N     . GLY A 1 50  ? 20.928  -0.465  8.609   1.00 24.65 ? 50   GLY A N     1 
ATOM   363  C CA    . GLY A 1 50  ? 21.559  -1.213  9.698   1.00 25.04 ? 50   GLY A CA    1 
ATOM   364  C C     . GLY A 1 50  ? 20.701  -1.675  10.865  1.00 27.26 ? 50   GLY A C     1 
ATOM   365  O O     . GLY A 1 50  ? 21.229  -2.177  11.851  1.00 26.98 ? 50   GLY A O     1 
ATOM   366  N N     . LYS A 1 51  ? 19.386  -1.517  10.792  1.00 25.38 ? 51   LYS A N     1 
ATOM   367  C CA    . LYS A 1 51  ? 18.552  -1.871  11.933  1.00 26.80 ? 51   LYS A CA    1 
ATOM   368  C C     . LYS A 1 51  ? 17.552  -2.987  11.553  1.00 25.76 ? 51   LYS A C     1 
ATOM   369  O O     . LYS A 1 51  ? 16.891  -2.889  10.509  1.00 22.03 ? 51   LYS A O     1 
ATOM   370  C CB    . LYS A 1 51  ? 17.802  -0.640  12.445  1.00 29.89 ? 51   LYS A CB    1 
ATOM   371  C CG    . LYS A 1 51  ? 17.050  -0.881  13.753  1.00 33.32 ? 51   LYS A CG    1 
ATOM   372  C CD    . LYS A 1 51  ? 17.019  0.360   14.650  1.00 39.42 ? 51   LYS A CD    1 
ATOM   373  C CE    . LYS A 1 51  ? 18.396  0.788   15.172  1.00 40.99 ? 51   LYS A CE    1 
ATOM   374  N NZ    . LYS A 1 51  ? 19.104  -0.232  15.991  1.00 42.26 ? 51   LYS A NZ    1 
ATOM   375  N N     . GLN A 1 52  ? 17.454  -4.014  12.415  1.00 24.55 ? 52   GLN A N     1 
ATOM   376  C CA    . GLN A 1 52  ? 16.520  -5.137  12.266  1.00 24.83 ? 52   GLN A CA    1 
ATOM   377  C C     . GLN A 1 52  ? 15.171  -4.737  12.816  1.00 21.39 ? 52   GLN A C     1 
ATOM   378  O O     . GLN A 1 52  ? 15.046  -4.307  13.959  1.00 19.32 ? 52   GLN A O     1 
ATOM   379  C CB    . GLN A 1 52  ? 16.998  -6.377  13.027  1.00 29.72 ? 52   GLN A CB    1 
ATOM   380  C CG    . GLN A 1 52  ? 18.240  -7.040  12.445  1.00 34.59 ? 52   GLN A CG    1 
ATOM   381  C CD    . GLN A 1 52  ? 18.576  -8.362  13.130  1.00 39.03 ? 52   GLN A CD    1 
ATOM   382  O OE1   . GLN A 1 52  ? 17.819  -8.855  13.964  1.00 46.84 ? 52   GLN A OE1   1 
ATOM   383  N NE2   . GLN A 1 52  ? 19.716  -8.938  12.780  1.00 42.34 ? 52   GLN A NE2   1 
ATOM   384  N N     . VAL A 1 53  ? 14.158  -4.871  11.981  1.00 19.21 ? 53   VAL A N     1 
ATOM   385  C CA    . VAL A 1 53  ? 12.817  -4.463  12.348  1.00 17.80 ? 53   VAL A CA    1 
ATOM   386  C C     . VAL A 1 53  ? 11.866  -5.598  12.033  1.00 16.97 ? 53   VAL A C     1 
ATOM   387  O O     . VAL A 1 53  ? 11.942  -6.201  10.948  1.00 15.77 ? 53   VAL A O     1 
ATOM   388  C CB    . VAL A 1 53  ? 12.381  -3.191  11.606  1.00 17.75 ? 53   VAL A CB    1 
ATOM   389  C CG1   . VAL A 1 53  ? 10.977  -2.772  12.032  1.00 18.52 ? 53   VAL A CG1   1 
ATOM   390  C CG2   . VAL A 1 53  ? 13.343  -2.043  11.878  1.00 18.68 ? 53   VAL A CG2   1 
ATOM   391  N N     . GLU A 1 54  ? 11.022  -5.923  13.010  1.00 15.57 ? 54   GLU A N     1 
ATOM   392  C CA    . GLU A 1 54  ? 9.886   -6.796  12.769  1.00 16.83 ? 54   GLU A CA    1 
ATOM   393  C C     . GLU A 1 54  ? 8.700   -5.950  12.317  1.00 16.77 ? 54   GLU A C     1 
ATOM   394  O O     . GLU A 1 54  ? 8.176   -5.119  13.067  1.00 17.39 ? 54   GLU A O     1 
ATOM   395  C CB    . GLU A 1 54  ? 9.509   -7.598  14.007  1.00 17.35 ? 54   GLU A CB    1 
ATOM   396  C CG    . GLU A 1 54  ? 10.657  -8.437  14.549  1.00 17.31 ? 54   GLU A CG    1 
ATOM   397  C CD    . GLU A 1 54  ? 10.287  -9.124  15.831  1.00 18.04 ? 54   GLU A CD    1 
ATOM   398  O OE1   . GLU A 1 54  ? 9.189   -8.824  16.368  1.00 19.57 ? 54   GLU A OE1   1 
ATOM   399  O OE2   . GLU A 1 54  ? 11.047  -10.001 16.278  1.00 16.03 ? 54   GLU A OE2   1 
ATOM   400  N N     . LEU A 1 55  ? 8.287   -6.205  11.093  1.00 16.46 ? 55   LEU A N     1 
ATOM   401  C CA    . LEU A 1 55  ? 7.153   -5.549  10.472  1.00 16.94 ? 55   LEU A CA    1 
ATOM   402  C C     . LEU A 1 55  ? 5.954   -6.510  10.519  1.00 16.65 ? 55   LEU A C     1 
ATOM   403  O O     . LEU A 1 55  ? 5.967   -7.570  9.876   1.00 17.15 ? 55   LEU A O     1 
ATOM   404  C CB    . LEU A 1 55  ? 7.566   -5.216  9.039   1.00 18.18 ? 55   LEU A CB    1 
ATOM   405  C CG    . LEU A 1 55  ? 7.414   -3.821  8.498   1.00 19.40 ? 55   LEU A CG    1 
ATOM   406  C CD1   . LEU A 1 55  ? 8.051   -2.770  9.391   1.00 19.39 ? 55   LEU A CD1   1 
ATOM   407  C CD2   . LEU A 1 55  ? 7.962   -3.790  7.071   1.00 19.92 ? 55   LEU A CD2   1 
ATOM   408  N N     . ALA A 1 56  ? 4.929   -6.146  11.285  1.00 14.01 ? 56   ALA A N     1 
ATOM   409  C CA    . ALA A 1 56  ? 3.746   -6.985  11.455  1.00 13.14 ? 56   ALA A CA    1 
ATOM   410  C C     . ALA A 1 56  ? 2.660   -6.539  10.482  1.00 12.27 ? 56   ALA A C     1 
ATOM   411  O O     . ALA A 1 56  ? 2.113   -5.455  10.615  1.00 11.65 ? 56   ALA A O     1 
ATOM   412  C CB    . ALA A 1 56  ? 3.257   -6.915  12.884  1.00 13.22 ? 56   ALA A CB    1 
ATOM   413  N N     . LEU A 1 57  ? 2.358   -7.373  9.496   1.00 11.11 ? 57   LEU A N     1 
ATOM   414  C CA    . LEU A 1 57  ? 1.616   -6.916  8.327   1.00 11.25 ? 57   LEU A CA    1 
ATOM   415  C C     . LEU A 1 57  ? 0.160   -7.307  8.448   1.00 11.45 ? 57   LEU A C     1 
ATOM   416  O O     . LEU A 1 57  ? -0.127  -8.472  8.763   1.00 12.32 ? 57   LEU A O     1 
ATOM   417  C CB    . LEU A 1 57  ? 2.201   -7.533  7.038   1.00 11.60 ? 57   LEU A CB    1 
ATOM   418  C CG    . LEU A 1 57  ? 3.701   -7.489  6.699   1.00 11.77 ? 57   LEU A CG    1 
ATOM   419  C CD1   . LEU A 1 57  ? 4.002   -8.100  5.321   1.00 12.10 ? 57   LEU A CD1   1 
ATOM   420  C CD2   . LEU A 1 57  ? 4.217   -6.066  6.696   1.00 12.47 ? 57   LEU A CD2   1 
ATOM   421  N N     . TRP A 1 58  ? -0.741  -6.336  8.266   1.00 11.31 ? 58   TRP A N     1 
ATOM   422  C CA    . TRP A 1 58  ? -2.178  -6.538  8.272   1.00 11.20 ? 58   TRP A CA    1 
ATOM   423  C C     . TRP A 1 58  ? -2.767  -6.080  6.944   1.00 11.16 ? 58   TRP A C     1 
ATOM   424  O O     . TRP A 1 58  ? -2.563  -4.918  6.558   1.00 11.30 ? 58   TRP A O     1 
ATOM   425  C CB    . TRP A 1 58  ? -2.838  -5.717  9.373   1.00 10.76 ? 58   TRP A CB    1 
ATOM   426  C CG    . TRP A 1 58  ? -2.505  -6.139  10.755  1.00 11.29 ? 58   TRP A CG    1 
ATOM   427  C CD1   . TRP A 1 58  ? -1.297  -6.034  11.357  1.00 11.42 ? 58   TRP A CD1   1 
ATOM   428  C CD2   . TRP A 1 58  ? -3.400  -6.659  11.745  1.00 11.39 ? 58   TRP A CD2   1 
ATOM   429  N NE1   . TRP A 1 58  ? -1.364  -6.499  12.638  1.00 11.70 ? 58   TRP A NE1   1 
ATOM   430  C CE2   . TRP A 1 58  ? -2.646  -6.882  12.908  1.00 11.48 ? 58   TRP A CE2   1 
ATOM   431  C CE3   . TRP A 1 58  ? -4.765  -6.964  11.757  1.00 12.46 ? 58   TRP A CE3   1 
ATOM   432  C CZ2   . TRP A 1 58  ? -3.204  -7.371  14.081  1.00 12.21 ? 58   TRP A CZ2   1 
ATOM   433  C CZ3   . TRP A 1 58  ? -5.328  -7.485  12.933  1.00 12.68 ? 58   TRP A CZ3   1 
ATOM   434  C CH2   . TRP A 1 58  ? -4.539  -7.693  14.068  1.00 12.19 ? 58   TRP A CH2   1 
ATOM   435  N N     . ASP A 1 59  ? -3.512  -6.979  6.291   1.00 11.54 ? 59   ASP A N     1 
ATOM   436  C CA    . ASP A 1 59  ? -4.116  -6.759  4.983   1.00 12.57 ? 59   ASP A CA    1 
ATOM   437  C C     . ASP A 1 59  ? -5.650  -6.598  5.132   1.00 13.23 ? 59   ASP A C     1 
ATOM   438  O O     . ASP A 1 59  ? -6.351  -7.452  5.751   1.00 13.85 ? 59   ASP A O     1 
ATOM   439  C CB    . ASP A 1 59  ? -3.730  -7.963  4.081   1.00 13.13 ? 59   ASP A CB    1 
ATOM   440  C CG    . ASP A 1 59  ? -4.120  -7.799  2.609   1.00 13.49 ? 59   ASP A CG    1 
ATOM   441  O OD1   . ASP A 1 59  ? -4.675  -6.765  2.228   1.00 13.40 ? 59   ASP A OD1   1 
ATOM   442  O OD2   . ASP A 1 59  ? -3.842  -8.749  1.823   1.00 13.91 ? 59   ASP A OD2   1 
ATOM   443  N N     . THR A 1 60  ? -6.195  -5.521  4.566   1.00 13.46 ? 60   THR A N     1 
ATOM   444  C CA    . THR A 1 60  ? -7.655  -5.300  4.576   1.00 13.55 ? 60   THR A CA    1 
ATOM   445  C C     . THR A 1 60  ? -8.361  -5.886  3.351   1.00 14.61 ? 60   THR A C     1 
ATOM   446  O O     . THR A 1 60  ? -9.598  -5.735  3.210   1.00 13.69 ? 60   THR A O     1 
ATOM   447  C CB    . THR A 1 60  ? -8.011  -3.817  4.686   1.00 14.21 ? 60   THR A CB    1 
ATOM   448  O OG1   . THR A 1 60  ? -7.336  -3.081  3.654   1.00 12.83 ? 60   THR A OG1   1 
ATOM   449  C CG2   . THR A 1 60  ? -7.581  -3.288  6.065   1.00 14.63 ? 60   THR A CG2   1 
ATOM   450  N N     . ALA A 1 61  ? -7.610  -6.573  2.475   1.00 15.13 ? 61   ALA A N     1 
ATOM   451  C CA    . ALA A 1 61  ? -8.237  -7.326  1.394   1.00 15.78 ? 61   ALA A CA    1 
ATOM   452  C C     . ALA A 1 61  ? -9.338  -8.239  1.905   1.00 17.03 ? 61   ALA A C     1 
ATOM   453  O O     . ALA A 1 61  ? -9.170  -8.975  2.886   1.00 16.61 ? 61   ALA A O     1 
ATOM   454  C CB    . ALA A 1 61  ? -7.210  -8.145  0.600   1.00 16.67 ? 61   ALA A CB    1 
ATOM   455  N N     . GLY A 1 62  ? -10.476 -8.212  1.218   1.00 17.38 ? 62   GLY A N     1 
ATOM   456  C CA    . GLY A 1 62  ? -11.634 -8.984  1.653   1.00 16.90 ? 62   GLY A CA    1 
ATOM   457  C C     . GLY A 1 62  ? -12.539 -8.221  2.619   1.00 17.86 ? 62   GLY A C     1 
ATOM   458  O O     . GLY A 1 62  ? -13.700 -8.641  2.863   1.00 16.27 ? 62   GLY A O     1 
ATOM   459  N N     . GLN A 1 63  ? -12.029 -7.132  3.209   1.00 16.43 ? 63   GLN A N     1 
ATOM   460  C CA    . GLN A 1 63  ? -12.836 -6.303  4.085   1.00 17.35 ? 63   GLN A CA    1 
ATOM   461  C C     . GLN A 1 63  ? -13.108 -4.880  3.593   1.00 17.12 ? 63   GLN A C     1 
ATOM   462  O O     . GLN A 1 63  ? -13.537 -4.031  4.395   1.00 15.42 ? 63   GLN A O     1 
ATOM   463  C CB    . GLN A 1 63  ? -12.194 -6.166  5.468   1.00 18.89 ? 63   GLN A CB    1 
ATOM   464  C CG    . GLN A 1 63  ? -11.672 -7.440  6.109   1.00 20.68 ? 63   GLN A CG    1 
ATOM   465  C CD    . GLN A 1 63  ? -10.794 -7.047  7.289   1.00 22.43 ? 63   GLN A CD    1 
ATOM   466  O OE1   . GLN A 1 63  ? -9.548  -6.775  7.145   1.00 19.45 ? 63   GLN A OE1   1 
ATOM   467  N NE2   . GLN A 1 63  ? -11.452 -6.899  8.451   1.00 17.87 ? 63   GLN A NE2   1 
ATOM   468  N N     . GLU A 1 64  ? -12.895 -4.611  2.309   1.00 17.39 ? 64   GLU A N     1 
ATOM   469  C CA    . GLU A 1 64  ? -12.996 -3.240  1.820   1.00 17.53 ? 64   GLU A CA    1 
ATOM   470  C C     . GLU A 1 64  ? -14.437 -2.725  1.912   1.00 18.92 ? 64   GLU A C     1 
ATOM   471  O O     . GLU A 1 64  ? -14.653 -1.527  2.009   1.00 19.94 ? 64   GLU A O     1 
ATOM   472  C CB    . GLU A 1 64  ? -12.476 -3.094  0.377   1.00 17.05 ? 64   GLU A CB    1 
ATOM   473  C CG    . GLU A 1 64  ? -11.011 -3.501  0.184   1.00 16.91 ? 64   GLU A CG    1 
ATOM   474  C CD    . GLU A 1 64  ? -10.851 -4.955  -0.214  1.00 16.75 ? 64   GLU A CD    1 
ATOM   475  O OE1   . GLU A 1 64  ? -11.732 -5.781  0.113   1.00 16.98 ? 64   GLU A OE1   1 
ATOM   476  O OE2   . GLU A 1 64  ? -9.846  -5.279  -0.858  1.00 17.09 ? 64   GLU A OE2   1 
ATOM   477  N N     . ASP A 1 65  ? -15.406 -3.635  1.862   1.00 21.04 ? 65   ASP A N     1 
ATOM   478  C CA    . ASP A 1 65  ? -16.829 -3.304  2.089   1.00 23.65 ? 65   ASP A CA    1 
ATOM   479  C C     . ASP A 1 65  ? -17.357 -3.483  3.502   1.00 22.77 ? 65   ASP A C     1 
ATOM   480  O O     . ASP A 1 65  ? -18.549 -3.246  3.714   1.00 25.41 ? 65   ASP A O     1 
ATOM   481  C CB    . ASP A 1 65  ? -17.738 -4.151  1.191   1.00 28.04 ? 65   ASP A CB    1 
ATOM   482  C CG    . ASP A 1 65  ? -17.728 -3.699  -0.245  1.00 30.55 ? 65   ASP A CG    1 
ATOM   483  O OD1   . ASP A 1 65  ? -17.236 -2.600  -0.538  1.00 32.13 ? 65   ASP A OD1   1 
ATOM   484  O OD2   . ASP A 1 65  ? -18.227 -4.475  -1.072  1.00 38.73 ? 65   ASP A OD2   1 
ATOM   485  N N     . TYR A 1 66  ? -16.524 -3.910  4.453   1.00 19.76 ? 66   TYR A N     1 
ATOM   486  C CA    . TYR A 1 66  ? -16.978 -4.162  5.839   1.00 19.55 ? 66   TYR A CA    1 
ATOM   487  C C     . TYR A 1 66  ? -16.612 -2.952  6.703   1.00 17.72 ? 66   TYR A C     1 
ATOM   488  O O     . TYR A 1 66  ? -15.671 -2.976  7.505   1.00 14.80 ? 66   TYR A O     1 
ATOM   489  C CB    . TYR A 1 66  ? -16.406 -5.463  6.428   1.00 22.06 ? 66   TYR A CB    1 
ATOM   490  C CG    . TYR A 1 66  ? -16.663 -6.732  5.602   1.00 25.68 ? 66   TYR A CG    1 
ATOM   491  C CD1   . TYR A 1 66  ? -17.633 -6.770  4.631   1.00 28.73 ? 66   TYR A CD1   1 
ATOM   492  C CD2   . TYR A 1 66  ? -15.892 -7.891  5.788   1.00 30.82 ? 66   TYR A CD2   1 
ATOM   493  C CE1   . TYR A 1 66  ? -17.859 -7.893  3.868   1.00 29.80 ? 66   TYR A CE1   1 
ATOM   494  C CE2   . TYR A 1 66  ? -16.123 -9.029  5.015   1.00 32.15 ? 66   TYR A CE2   1 
ATOM   495  C CZ    . TYR A 1 66  ? -17.113 -9.004  4.063   1.00 32.07 ? 66   TYR A CZ    1 
ATOM   496  O OH    . TYR A 1 66  ? -17.379 -10.078 3.267   1.00 36.00 ? 66   TYR A OH    1 
ATOM   497  N N     . ASP A 1 67  ? -17.403 -1.886  6.530   1.00 16.21 ? 67   ASP A N     1 
ATOM   498  C CA    . ASP A 1 67  ? -17.086 -0.590  7.114   1.00 16.45 ? 67   ASP A CA    1 
ATOM   499  C C     . ASP A 1 67  ? -17.047 -0.620  8.623   1.00 15.71 ? 67   ASP A C     1 
ATOM   500  O O     . ASP A 1 67  ? -16.364 0.190   9.213   1.00 14.18 ? 67   ASP A O     1 
ATOM   501  C CB    . ASP A 1 67  ? -18.046 0.502   6.626   1.00 16.30 ? 67   ASP A CB    1 
ATOM   502  C CG    . ASP A 1 67  ? -17.888 0.839   5.157   1.00 16.70 ? 67   ASP A CG    1 
ATOM   503  O OD1   . ASP A 1 67  ? -16.910 0.428   4.504   1.00 17.70 ? 67   ASP A OD1   1 
ATOM   504  O OD2   . ASP A 1 67  ? -18.771 1.557   4.629   1.00 16.85 ? 67   ASP A OD2   1 
ATOM   505  N N     . ARG A 1 68  ? -17.774 -1.535  9.273   1.00 15.39 ? 68   ARG A N     1 
ATOM   506  C CA    . ARG A 1 68  ? -17.749 -1.561  10.730  1.00 16.93 ? 68   ARG A CA    1 
ATOM   507  C C     . ARG A 1 68  ? -16.694 -2.519  11.275  1.00 16.30 ? 68   ARG A C     1 
ATOM   508  O O     . ARG A 1 68  ? -16.173 -2.301  12.324  1.00 16.08 ? 68   ARG A O     1 
ATOM   509  C CB    . ARG A 1 68  ? -19.130 -1.883  11.328  1.00 18.22 ? 68   ARG A CB    1 
ATOM   510  C CG    . ARG A 1 68  ? -20.191 -0.799  11.060  1.00 20.34 ? 68   ARG A CG    1 
ATOM   511  C CD    . ARG A 1 68  ? -21.599 -1.262  11.433  1.00 21.64 ? 68   ARG A CD    1 
ATOM   512  N NE    . ARG A 1 68  ? -21.994 -2.447  10.678  1.00 24.67 ? 68   ARG A NE    1 
ATOM   513  C CZ    . ARG A 1 68  ? -23.121 -3.138  10.845  1.00 29.72 ? 68   ARG A CZ    1 
ATOM   514  N NH1   . ARG A 1 68  ? -24.040 -2.762  11.729  1.00 30.28 ? 68   ARG A NH1   1 
ATOM   515  N NH2   . ARG A 1 68  ? -23.340 -4.202  10.089  1.00 30.48 ? 68   ARG A NH2   1 
ATOM   516  N N     . LEU A 1 69  ? -16.418 -3.591  10.553  1.00 16.85 ? 69   LEU A N     1 
ATOM   517  C CA    . LEU A 1 69  ? -15.470 -4.608  10.972  1.00 16.92 ? 69   LEU A CA    1 
ATOM   518  C C     . LEU A 1 69  ? -14.029 -4.195  10.633  1.00 15.08 ? 69   LEU A C     1 
ATOM   519  O O     . LEU A 1 69  ? -13.137 -4.410  11.400  1.00 14.07 ? 69   LEU A O     1 
ATOM   520  C CB    . LEU A 1 69  ? -15.820 -5.937  10.290  1.00 18.93 ? 69   LEU A CB    1 
ATOM   521  C CG    . LEU A 1 69  ? -17.171 -6.546  10.686  1.00 20.21 ? 69   LEU A CG    1 
ATOM   522  C CD1   . LEU A 1 69  ? -17.359 -7.866  9.933   1.00 22.66 ? 69   LEU A CD1   1 
ATOM   523  C CD2   . LEU A 1 69  ? -17.278 -6.762  12.194  1.00 20.46 ? 69   LEU A CD2   1 
ATOM   524  N N     . ARG A 1 70  ? -13.803 -3.650  9.458   1.00 15.48 ? 70   ARG A N     1 
ATOM   525  C CA    . ARG A 1 70  ? -12.439 -3.307  9.021   1.00 15.31 ? 70   ARG A CA    1 
ATOM   526  C C     . ARG A 1 70  ? -11.670 -2.444  10.040  1.00 14.92 ? 70   ARG A C     1 
ATOM   527  O O     . ARG A 1 70  ? -10.522 -2.771  10.390  1.00 15.35 ? 70   ARG A O     1 
ATOM   528  C CB    . ARG A 1 70  ? -12.482 -2.659  7.645   1.00 14.77 ? 70   ARG A CB    1 
ATOM   529  C CG    . ARG A 1 70  ? -11.169 -2.098  7.160   1.00 14.63 ? 70   ARG A CG    1 
ATOM   530  C CD    . ARG A 1 70  ? -11.320 -1.488  5.787   1.00 14.79 ? 70   ARG A CD    1 
ATOM   531  N NE    . ARG A 1 70  ? -12.160 -0.298  5.756   1.00 14.55 ? 70   ARG A NE    1 
ATOM   532  C CZ    . ARG A 1 70  ? -13.428 -0.255  5.342   1.00 14.91 ? 70   ARG A CZ    1 
ATOM   533  N NH1   . ARG A 1 70  ? -14.095 -1.364  4.970   1.00 15.07 ? 70   ARG A NH1   1 
ATOM   534  N NH2   . ARG A 1 70  ? -14.052 0.919   5.347   1.00 14.77 ? 70   ARG A NH2   1 
ATOM   535  N N     . PRO A 1 71  ? -12.297 -1.376  10.577  1.00 14.87 ? 71   PRO A N     1 
ATOM   536  C CA    . PRO A 1 71  ? -11.545 -0.530  11.520  1.00 14.46 ? 71   PRO A CA    1 
ATOM   537  C C     . PRO A 1 71  ? -11.110 -1.162  12.839  1.00 14.47 ? 71   PRO A C     1 
ATOM   538  O O     . PRO A 1 71  ? -10.294 -0.579  13.574  1.00 14.12 ? 71   PRO A O     1 
ATOM   539  C CB    . PRO A 1 71  ? -12.512 0.617   11.795  1.00 15.62 ? 71   PRO A CB    1 
ATOM   540  C CG    . PRO A 1 71  ? -13.442 0.626   10.627  1.00 15.57 ? 71   PRO A CG    1 
ATOM   541  C CD    . PRO A 1 71  ? -13.611 -0.792  10.260  1.00 15.30 ? 71   PRO A CD    1 
ATOM   542  N N     . LEU A 1 72  ? -11.634 -2.332  13.166  1.00 15.03 ? 72   LEU A N     1 
ATOM   543  C CA    . LEU A 1 72  ? -11.165 -3.056  14.354  1.00 15.44 ? 72   LEU A CA    1 
ATOM   544  C C     . LEU A 1 72  ? -9.673  -3.406  14.240  1.00 13.89 ? 72   LEU A C     1 
ATOM   545  O O     . LEU A 1 72  ? -9.026  -3.605  15.255  1.00 13.54 ? 72   LEU A O     1 
ATOM   546  C CB    . LEU A 1 72  ? -11.977 -4.336  14.581  1.00 17.80 ? 72   LEU A CB    1 
ATOM   547  C CG    . LEU A 1 72  ? -13.445 -4.266  15.034  1.00 19.50 ? 72   LEU A CG    1 
ATOM   548  C CD1   . LEU A 1 72  ? -14.161 -3.215  14.270  1.00 23.44 ? 72   LEU A CD1   1 
ATOM   549  C CD2   . LEU A 1 72  ? -14.200 -5.577  14.857  1.00 20.16 ? 72   LEU A CD2   1 
ATOM   550  N N     . SER A 1 73  ? -9.142  -3.475  13.018  1.00 13.24 ? 73   SER A N     1 
ATOM   551  C CA    . SER A 1 73  ? -7.726  -3.774  12.764  1.00 12.78 ? 73   SER A CA    1 
ATOM   552  C C     . SER A 1 73  ? -6.811  -2.574  12.981  1.00 13.32 ? 73   SER A C     1 
ATOM   553  O O     . SER A 1 73  ? -5.602  -2.729  13.036  1.00 13.36 ? 73   SER A O     1 
ATOM   554  C CB    . SER A 1 73  ? -7.547  -4.279  11.310  1.00 12.52 ? 73   SER A CB    1 
ATOM   555  O OG    . SER A 1 73  ? -8.176  -5.524  11.129  1.00 11.74 ? 73   SER A OG    1 
ATOM   556  N N     . TYR A 1 74  ? -7.358  -1.361  13.132  1.00 13.64 ? 74   TYR A N     1 
ATOM   557  C CA    . TYR A 1 74  ? -6.505  -0.166  13.202  1.00 13.46 ? 74   TYR A CA    1 
ATOM   558  C C     . TYR A 1 74  ? -5.744  0.117   14.505  1.00 14.67 ? 74   TYR A C     1 
ATOM   559  O O     . TYR A 1 74  ? -4.683  0.765   14.456  1.00 14.65 ? 74   TYR A O     1 
ATOM   560  C CB    . TYR A 1 74  ? -7.268  1.097   12.813  1.00 13.15 ? 74   TYR A CB    1 
ATOM   561  C CG    . TYR A 1 74  ? -7.591  1.268   11.366  1.00 12.71 ? 74   TYR A CG    1 
ATOM   562  C CD1   . TYR A 1 74  ? -6.636  1.088   10.386  1.00 12.67 ? 74   TYR A CD1   1 
ATOM   563  C CD2   . TYR A 1 74  ? -8.868  1.659   10.970  1.00 13.08 ? 74   TYR A CD2   1 
ATOM   564  C CE1   . TYR A 1 74  ? -6.945  1.257   9.042   1.00 13.13 ? 74   TYR A CE1   1 
ATOM   565  C CE2   . TYR A 1 74  ? -9.188  1.823   9.634   1.00 13.15 ? 74   TYR A CE2   1 
ATOM   566  C CZ    . TYR A 1 74  ? -8.229  1.626   8.667   1.00 13.67 ? 74   TYR A CZ    1 
ATOM   567  O OH    . TYR A 1 74  ? -8.573  1.797   7.332   1.00 14.46 ? 74   TYR A OH    1 
ATOM   568  N N     . PRO A 1 75  ? -6.252  -0.311  15.661  1.00 16.04 ? 75   PRO A N     1 
ATOM   569  C CA    . PRO A 1 75  ? -5.477  0.070   16.851  1.00 16.94 ? 75   PRO A CA    1 
ATOM   570  C C     . PRO A 1 75  ? -4.002  -0.396  16.842  1.00 16.57 ? 75   PRO A C     1 
ATOM   571  O O     . PRO A 1 75  ? -3.687  -1.470  16.328  1.00 15.41 ? 75   PRO A O     1 
ATOM   572  C CB    . PRO A 1 75  ? -6.273  -0.573  18.009  1.00 18.19 ? 75   PRO A CB    1 
ATOM   573  C CG    . PRO A 1 75  ? -7.688  -0.593  17.472  1.00 17.64 ? 75   PRO A CG    1 
ATOM   574  C CD    . PRO A 1 75  ? -7.523  -0.965  16.024  1.00 17.03 ? 75   PRO A CD    1 
ATOM   575  N N     . ASP A 1 76  ? -3.130  0.463   17.386  1.00 16.41 ? 76   ASP A N     1 
ATOM   576  C CA    . ASP A 1 76  ? -1.679  0.245   17.472  1.00 17.94 ? 76   ASP A CA    1 
ATOM   577  C C     . ASP A 1 76  ? -0.938  0.204   16.141  1.00 15.95 ? 76   ASP A C     1 
ATOM   578  O O     . ASP A 1 76  ? 0.205   -0.211  16.094  1.00 15.24 ? 76   ASP A O     1 
ATOM   579  C CB    . ASP A 1 76  ? -1.321  -0.994  18.294  1.00 20.01 ? 76   ASP A CB    1 
ATOM   580  C CG    . ASP A 1 76  ? -1.910  -0.955  19.696  1.00 23.02 ? 76   ASP A CG    1 
ATOM   581  O OD1   . ASP A 1 76  ? -1.881  0.115   20.333  1.00 24.66 ? 76   ASP A OD1   1 
ATOM   582  O OD2   . ASP A 1 76  ? -2.452  -1.996  20.116  1.00 25.51 ? 76   ASP A OD2   1 
ATOM   583  N N     . THR A 1 77  ? -1.547  0.703   15.078  1.00 14.88 ? 77   THR A N     1 
ATOM   584  C CA    . THR A 1 77  ? -0.868  0.791   13.793  1.00 13.58 ? 77   THR A CA    1 
ATOM   585  C C     . THR A 1 77  ? 0.247   1.807   13.866  1.00 13.50 ? 77   THR A C     1 
ATOM   586  O O     . THR A 1 77  ? 0.096   2.900   14.436  1.00 12.72 ? 77   THR A O     1 
ATOM   587  C CB    . THR A 1 77  ? -1.868  1.178   12.714  1.00 13.58 ? 77   THR A CB    1 
ATOM   588  O OG1   . THR A 1 77  ? -2.870  0.163   12.658  1.00 13.82 ? 77   THR A OG1   1 
ATOM   589  C CG2   . THR A 1 77  ? -1.227  1.325   11.350  1.00 12.93 ? 77   THR A CG2   1 
ATOM   590  N N     . ASP A 1 78  ? 1.391   1.433   13.315  1.00 13.63 ? 78   ASP A N     1 
ATOM   591  C CA    . ASP A 1 78  ? 2.549   2.326   13.294  1.00 13.56 ? 78   ASP A CA    1 
ATOM   592  C C     . ASP A 1 78  ? 2.806   2.947   11.936  1.00 13.30 ? 78   ASP A C     1 
ATOM   593  O O     . ASP A 1 78  ? 3.448   3.986   11.852  1.00 14.13 ? 78   ASP A O     1 
ATOM   594  C CB    . ASP A 1 78  ? 3.794   1.564   13.757  1.00 13.90 ? 78   ASP A CB    1 
ATOM   595  C CG    . ASP A 1 78  ? 3.672   1.060   15.198  1.00 13.78 ? 78   ASP A CG    1 
ATOM   596  O OD1   . ASP A 1 78  ? 3.581   1.894   16.091  1.00 13.75 ? 78   ASP A OD1   1 
ATOM   597  O OD2   . ASP A 1 78  ? 3.696   -0.158  15.455  1.00 13.45 ? 78   ASP A OD2   1 
ATOM   598  N N     . VAL A 1 79  ? 2.367   2.301   10.849  1.00 12.94 ? 79   VAL A N     1 
ATOM   599  C CA    . VAL A 1 79  ? 2.474   2.893   9.515   1.00 12.42 ? 79   VAL A CA    1 
ATOM   600  C C     . VAL A 1 79  ? 1.353   2.357   8.626   1.00 12.14 ? 79   VAL A C     1 
ATOM   601  O O     . VAL A 1 79  ? 0.898   1.219   8.800   1.00 12.22 ? 79   VAL A O     1 
ATOM   602  C CB    . VAL A 1 79  ? 3.866   2.655   8.856   1.00 12.24 ? 79   VAL A CB    1 
ATOM   603  C CG1   . VAL A 1 79  ? 4.159   1.186   8.680   1.00 12.82 ? 79   VAL A CG1   1 
ATOM   604  C CG2   . VAL A 1 79  ? 3.951   3.382   7.531   1.00 11.87 ? 79   VAL A CG2   1 
ATOM   605  N N     . ILE A 1 80  ? 0.880   3.197   7.723   1.00 11.99 ? 80   ILE A N     1 
ATOM   606  C CA    . ILE A 1 80  ? -0.178  2.836   6.786   1.00 12.69 ? 80   ILE A CA    1 
ATOM   607  C C     . ILE A 1 80  ? 0.394   2.849   5.378   1.00 12.78 ? 80   ILE A C     1 
ATOM   608  O O     . ILE A 1 80  ? 1.038   3.836   4.979   1.00 12.54 ? 80   ILE A O     1 
ATOM   609  C CB    . ILE A 1 80  ? -1.346  3.853   6.843   1.00 13.73 ? 80   ILE A CB    1 
ATOM   610  C CG1   . ILE A 1 80  ? -2.038  3.792   8.205   1.00 14.02 ? 80   ILE A CG1   1 
ATOM   611  C CG2   . ILE A 1 80  ? -2.347  3.649   5.704   1.00 14.33 ? 80   ILE A CG2   1 
ATOM   612  C CD1   . ILE A 1 80  ? -3.025  2.658   8.326   1.00 15.12 ? 80   ILE A CD1   1 
ATOM   613  N N     . LEU A 1 81  ? 0.149   1.771   4.632   1.00 12.73 ? 81   LEU A N     1 
ATOM   614  C CA    . LEU A 1 81  ? 0.299   1.768   3.176   1.00 12.45 ? 81   LEU A CA    1 
ATOM   615  C C     . LEU A 1 81  ? -1.066  2.011   2.556   1.00 13.17 ? 81   LEU A C     1 
ATOM   616  O O     . LEU A 1 81  ? -1.949  1.147   2.622   1.00 12.67 ? 81   LEU A O     1 
ATOM   617  C CB    . LEU A 1 81  ? 0.857   0.428   2.688   1.00 13.05 ? 81   LEU A CB    1 
ATOM   618  C CG    . LEU A 1 81  ? 2.269   0.021   3.097   1.00 12.90 ? 81   LEU A CG    1 
ATOM   619  C CD1   . LEU A 1 81  ? 2.690   -1.202  2.312   1.00 13.54 ? 81   LEU A CD1   1 
ATOM   620  C CD2   . LEU A 1 81  ? 3.317   1.125   2.887   1.00 12.88 ? 81   LEU A CD2   1 
ATOM   621  N N     . MET A 1 82  ? -1.262  3.188   1.969   1.00 12.95 ? 82   MET A N     1 
ATOM   622  C CA    . MET A 1 82  ? -2.538  3.524   1.377   1.00 13.59 ? 82   MET A CA    1 
ATOM   623  C C     . MET A 1 82  ? -2.428  3.398   -0.126  1.00 13.29 ? 82   MET A C     1 
ATOM   624  O O     . MET A 1 82  ? -1.696  4.151   -0.727  1.00 13.95 ? 82   MET A O     1 
ATOM   625  C CB    . MET A 1 82  ? -2.933  4.949   1.746   1.00 14.93 ? 82   MET A CB    1 
ATOM   626  C CG    . MET A 1 82  ? -4.379  5.234   1.371   1.00 16.06 ? 82   MET A CG    1 
ATOM   627  S SD    . MET A 1 82  ? -4.820  6.902   1.756   1.00 16.77 ? 82   MET A SD    1 
ATOM   628  C CE    . MET A 1 82  ? -4.898  6.888   3.558   1.00 16.47 ? 82   MET A CE    1 
ATOM   629  N N     . CYS A 1 83  ? -3.158  2.457   -0.727  1.00 13.26 ? 83   CYS A N     1 
ATOM   630  C CA    . CYS A 1 83  ? -2.919  2.055   -2.097  1.00 13.59 ? 83   CYS A CA    1 
ATOM   631  C C     . CYS A 1 83  ? -4.045  2.439   -3.043  1.00 13.41 ? 83   CYS A C     1 
ATOM   632  O O     . CYS A 1 83  ? -5.222  2.440   -2.670  1.00 12.94 ? 83   CYS A O     1 
ATOM   633  C CB    . CYS A 1 83  ? -2.728  0.530   -2.200  1.00 14.79 ? 83   CYS A CB    1 
ATOM   634  S SG    . CYS A 1 83  ? -1.286  -0.096  -1.294  1.00 15.95 ? 83   CYS A SG    1 
ATOM   635  N N     . PHE A 1 84  ? -3.639  2.746   -4.270  1.00 13.02 ? 84   PHE A N     1 
ATOM   636  C CA    . PHE A 1 84  ? -4.513  2.764   -5.436  1.00 14.71 ? 84   PHE A CA    1 
ATOM   637  C C     . PHE A 1 84  ? -3.732  2.063   -6.557  1.00 15.53 ? 84   PHE A C     1 
ATOM   638  O O     . PHE A 1 84  ? -2.539  1.739   -6.392  1.00 17.52 ? 84   PHE A O     1 
ATOM   639  C CB    . PHE A 1 84  ? -4.876  4.200   -5.819  1.00 14.29 ? 84   PHE A CB    1 
ATOM   640  C CG    . PHE A 1 84  ? -3.730  4.990   -6.355  1.00 14.29 ? 84   PHE A CG    1 
ATOM   641  C CD1   . PHE A 1 84  ? -2.872  5.674   -5.496  1.00 14.20 ? 84   PHE A CD1   1 
ATOM   642  C CD2   . PHE A 1 84  ? -3.483  5.046   -7.721  1.00 14.66 ? 84   PHE A CD2   1 
ATOM   643  C CE1   . PHE A 1 84  ? -1.825  6.416   -5.977  1.00 14.06 ? 84   PHE A CE1   1 
ATOM   644  C CE2   . PHE A 1 84  ? -2.406  5.776   -8.212  1.00 14.80 ? 84   PHE A CE2   1 
ATOM   645  C CZ    . PHE A 1 84  ? -1.585  6.469   -7.339  1.00 14.23 ? 84   PHE A CZ    1 
ATOM   646  N N     . SER A 1 85  ? -4.432  1.752   -7.644  1.00 15.39 ? 85   SER A N     1 
ATOM   647  C CA    . SER A 1 85  ? -3.821  1.154   -8.803  1.00 17.41 ? 85   SER A CA    1 
ATOM   648  C C     . SER A 1 85  ? -3.726  2.192   -9.908  1.00 16.87 ? 85   SER A C     1 
ATOM   649  O O     . SER A 1 85  ? -4.638  2.955   -10.134 1.00 16.34 ? 85   SER A O     1 
ATOM   650  C CB    . SER A 1 85  ? -4.641  -0.036  -9.298  1.00 18.22 ? 85   SER A CB    1 
ATOM   651  O OG    . SER A 1 85  ? -4.052  -0.492  -10.481 1.00 20.96 ? 85   SER A OG    1 
ATOM   652  N N     . ILE A 1 86  ? -2.611  2.165   -10.616 1.00 17.49 ? 86   ILE A N     1 
ATOM   653  C CA    . ILE A 1 86  ? -2.326  3.120   -11.676 1.00 17.56 ? 86   ILE A CA    1 
ATOM   654  C C     . ILE A 1 86  ? -3.227  2.829   -12.904 1.00 18.44 ? 86   ILE A C     1 
ATOM   655  O O     . ILE A 1 86  ? -3.474  3.719   -13.739 1.00 17.56 ? 86   ILE A O     1 
ATOM   656  C CB    . ILE A 1 86  ? -0.800  3.090   -11.981 1.00 18.02 ? 86   ILE A CB    1 
ATOM   657  C CG1   . ILE A 1 86  ? -0.045  3.836   -10.865 1.00 17.03 ? 86   ILE A CG1   1 
ATOM   658  C CG2   . ILE A 1 86  ? -0.490  3.680   -13.354 1.00 18.80 ? 86   ILE A CG2   1 
ATOM   659  C CD1   . ILE A 1 86  ? 1.438   3.571   -10.829 1.00 17.10 ? 86   ILE A CD1   1 
ATOM   660  N N     . ASP A 1 87  ? -3.773  1.614   -12.978 1.00 17.85 ? 87   ASP A N     1 
ATOM   661  C CA    . ASP A 1 87  ? -4.763  1.267   -13.979 1.00 18.48 ? 87   ASP A CA    1 
ATOM   662  C C     . ASP A 1 87  ? -6.207  1.586   -13.565 1.00 18.47 ? 87   ASP A C     1 
ATOM   663  O O     . ASP A 1 87  ? -7.138  1.169   -14.229 1.00 17.43 ? 87   ASP A O     1 
ATOM   664  C CB    . ASP A 1 87  ? -4.614  -0.209  -14.401 1.00 19.86 ? 87   ASP A CB    1 
ATOM   665  C CG    . ASP A 1 87  ? -5.381  -1.178  -13.516 1.00 21.92 ? 87   ASP A CG    1 
ATOM   666  O OD1   . ASP A 1 87  ? -5.624  -0.875  -12.322 1.00 24.35 ? 87   ASP A OD1   1 
ATOM   667  O OD2   . ASP A 1 87  ? -5.725  -2.270  -14.017 1.00 20.06 ? 87   ASP A OD2   1 
ATOM   668  N N     . SER A 1 88  ? -6.398  2.337   -12.482 1.00 17.33 ? 88   SER A N     1 
ATOM   669  C CA    . SER A 1 88  ? -7.740  2.617   -11.959 1.00 17.79 ? 88   SER A CA    1 
ATOM   670  C C     . SER A 1 88  ? -7.827  4.007   -11.340 1.00 18.92 ? 88   SER A C     1 
ATOM   671  O O     . SER A 1 88  ? -7.664  4.183   -10.120 1.00 17.19 ? 88   SER A O     1 
ATOM   672  C CB    . SER A 1 88  ? -8.187  1.584   -10.923 1.00 18.29 ? 88   SER A CB    1 
ATOM   673  O OG    . SER A 1 88  ? -9.421  1.974   -10.344 1.00 18.44 ? 88   SER A OG    1 
ATOM   674  N N     . PRO A 1 89  ? -8.115  5.003   -12.183 1.00 19.72 ? 89   PRO A N     1 
ATOM   675  C CA    . PRO A 1 89  ? -8.408  6.321   -11.669 1.00 18.86 ? 89   PRO A CA    1 
ATOM   676  C C     . PRO A 1 89  ? -9.499  6.298   -10.612 1.00 18.59 ? 89   PRO A C     1 
ATOM   677  O O     . PRO A 1 89  ? -9.470  7.113   -9.681  1.00 18.51 ? 89   PRO A O     1 
ATOM   678  C CB    . PRO A 1 89  ? -8.843  7.118   -12.915 1.00 20.54 ? 89   PRO A CB    1 
ATOM   679  C CG    . PRO A 1 89  ? -8.497  6.311   -14.087 1.00 21.09 ? 89   PRO A CG    1 
ATOM   680  C CD    . PRO A 1 89  ? -8.188  4.914   -13.659 1.00 19.96 ? 89   PRO A CD    1 
ATOM   681  N N     . ASP A 1 90  ? -10.453 5.372   -10.698 1.00 17.95 ? 90   ASP A N     1 
ATOM   682  C CA    . ASP A 1 90  ? -11.491 5.324   -9.678  1.00 17.52 ? 90   ASP A CA    1 
ATOM   683  C C     . ASP A 1 90  ? -10.850 5.027   -8.286  1.00 16.52 ? 90   ASP A C     1 
ATOM   684  O O     . ASP A 1 90  ? -11.245 5.620   -7.287  1.00 15.77 ? 90   ASP A O     1 
ATOM   685  C CB    . ASP A 1 90  ? -12.530 4.262   -9.997  1.00 18.96 ? 90   ASP A CB    1 
ATOM   686  C CG    . ASP A 1 90  ? -13.468 4.661   -11.130 1.00 21.86 ? 90   ASP A CG    1 
ATOM   687  O OD1   . ASP A 1 90  ? -13.421 5.804   -11.638 1.00 22.05 ? 90   ASP A OD1   1 
ATOM   688  O OD2   . ASP A 1 90  ? -14.236 3.786   -11.523 1.00 23.34 ? 90   ASP A OD2   1 
ATOM   689  N N     . SER A 1 91  ? -9.851  4.148   -8.263  1.00 15.57 ? 91   SER A N     1 
ATOM   690  C CA    . SER A 1 91  ? -9.156  3.780   -7.014  1.00 16.10 ? 91   SER A CA    1 
ATOM   691  C C     . SER A 1 91  ? -8.425  4.970   -6.418  1.00 16.19 ? 91   SER A C     1 
ATOM   692  O O     . SER A 1 91  ? -8.412  5.140   -5.197  1.00 16.01 ? 91   SER A O     1 
ATOM   693  C CB    . SER A 1 91  ? -8.217  2.566   -7.207  1.00 15.17 ? 91   SER A CB    1 
ATOM   694  O OG    . SER A 1 91  ? -7.076  2.853   -7.985  1.00 15.29 ? 91   SER A OG    1 
ATOM   695  N N     . LEU A 1 92  ? -7.859  5.823   -7.282  1.00 16.39 ? 92   LEU A N     1 
ATOM   696  C CA    . LEU A 1 92  ? -7.244  7.055   -6.833  1.00 16.18 ? 92   LEU A CA    1 
ATOM   697  C C     . LEU A 1 92  ? -8.230  8.046   -6.200  1.00 16.69 ? 92   LEU A C     1 
ATOM   698  O O     . LEU A 1 92  ? -7.933  8.629   -5.172  1.00 16.37 ? 92   LEU A O     1 
ATOM   699  C CB    . LEU A 1 92  ? -6.495  7.737   -7.983  1.00 17.70 ? 92   LEU A CB    1 
ATOM   700  C CG    . LEU A 1 92  ? -5.784  9.044   -7.607  1.00 17.69 ? 92   LEU A CG    1 
ATOM   701  C CD1   . LEU A 1 92  ? -4.719  8.818   -6.557  1.00 17.65 ? 92   LEU A CD1   1 
ATOM   702  C CD2   . LEU A 1 92  ? -5.126  9.744   -8.791  1.00 18.81 ? 92   LEU A CD2   1 
ATOM   703  N N     . GLU A 1 93  ? -9.395  8.240   -6.817  1.00 17.52 ? 93   GLU A N     1 
ATOM   704  C CA    . GLU A 1 93  ? -10.384 9.159   -6.302  1.00 20.58 ? 93   GLU A CA    1 
ATOM   705  C C     . GLU A 1 93  ? -10.868 8.765   -4.893  1.00 18.56 ? 93   GLU A C     1 
ATOM   706  O O     . GLU A 1 93  ? -11.163 9.618   -4.075  1.00 18.94 ? 93   GLU A O     1 
ATOM   707  C CB    . GLU A 1 93  ? -11.580 9.239   -7.274  1.00 25.00 ? 93   GLU A CB    1 
ATOM   708  C CG    . GLU A 1 93  ? -12.663 10.210  -6.836  1.00 31.36 ? 93   GLU A CG    1 
ATOM   709  C CD    . GLU A 1 93  ? -12.087 11.568  -6.382  1.00 38.69 ? 93   GLU A CD    1 
ATOM   710  O OE1   . GLU A 1 93  ? -11.084 12.048  -6.991  1.00 38.06 ? 93   GLU A OE1   1 
ATOM   711  O OE2   . GLU A 1 93  ? -12.609 12.159  -5.403  1.00 43.44 ? 93   GLU A OE2   1 
ATOM   712  N N     . ASN A 1 94  ? -10.898 7.469   -4.609  1.00 16.90 ? 94   ASN A N     1 
ATOM   713  C CA    . ASN A 1 94  ? -11.279 6.972   -3.296  1.00 16.73 ? 94   ASN A CA    1 
ATOM   714  C C     . ASN A 1 94  ? -10.252 7.206   -2.198  1.00 16.12 ? 94   ASN A C     1 
ATOM   715  O O     . ASN A 1 94  ? -10.547 7.015   -1.025  1.00 15.93 ? 94   ASN A O     1 
ATOM   716  C CB    . ASN A 1 94  ? -11.624 5.488   -3.382  1.00 17.26 ? 94   ASN A CB    1 
ATOM   717  C CG    . ASN A 1 94  ? -13.098 5.265   -3.687  1.00 19.42 ? 94   ASN A CG    1 
ATOM   718  O OD1   . ASN A 1 94  ? -13.933 6.096   -3.365  1.00 18.82 ? 94   ASN A OD1   1 
ATOM   719  N ND2   . ASN A 1 94  ? -13.423 4.128   -4.282  1.00 21.15 ? 94   ASN A ND2   1 
ATOM   720  N N     . ILE A 1 95  ? -9.046  7.601   -2.588  1.00 14.87 ? 95   ILE A N     1 
ATOM   721  C CA    . ILE A 1 95  ? -8.025  7.985   -1.633  1.00 15.65 ? 95   ILE A CA    1 
ATOM   722  C C     . ILE A 1 95  ? -8.496  9.186   -0.766  1.00 15.92 ? 95   ILE A C     1 
ATOM   723  O O     . ILE A 1 95  ? -8.534  9.086   0.465   1.00 15.87 ? 95   ILE A O     1 
ATOM   724  C CB    . ILE A 1 95  ? -6.683  8.264   -2.351  1.00 14.50 ? 95   ILE A CB    1 
ATOM   725  C CG1   . ILE A 1 95  ? -6.133  6.989   -2.983  1.00 14.45 ? 95   ILE A CG1   1 
ATOM   726  C CG2   . ILE A 1 95  ? -5.671  8.894   -1.400  1.00 15.01 ? 95   ILE A CG2   1 
ATOM   727  C CD1   . ILE A 1 95  ? -5.630  5.958   -2.000  1.00 14.28 ? 95   ILE A CD1   1 
ATOM   728  N N     . PRO A 1 96  ? -8.883  10.310  -1.399  1.00 16.98 ? 96   PRO A N     1 
ATOM   729  C CA    . PRO A 1 96  ? -9.368  11.398  -0.555  1.00 17.66 ? 96   PRO A CA    1 
ATOM   730  C C     . PRO A 1 96  ? -10.816 11.189  -0.107  1.00 18.57 ? 96   PRO A C     1 
ATOM   731  O O     . PRO A 1 96  ? -11.171 11.572  0.994   1.00 18.82 ? 96   PRO A O     1 
ATOM   732  C CB    . PRO A 1 96  ? -9.207  12.624  -1.464  1.00 17.54 ? 96   PRO A CB    1 
ATOM   733  C CG    . PRO A 1 96  ? -9.416  12.073  -2.828  1.00 17.48 ? 96   PRO A CG    1 
ATOM   734  C CD    . PRO A 1 96  ? -8.663  10.772  -2.780  1.00 17.79 ? 96   PRO A CD    1 
ATOM   735  N N     . GLU A 1 97  ? -11.627 10.531  -0.936  1.00 20.56 ? 97   GLU A N     1 
ATOM   736  C CA    . GLU A 1 97  ? -13.051 10.376  -0.659  1.00 21.97 ? 97   GLU A CA    1 
ATOM   737  C C     . GLU A 1 97  ? -13.390 9.337   0.387   1.00 20.98 ? 97   GLU A C     1 
ATOM   738  O O     . GLU A 1 97  ? -14.391 9.515   1.061   1.00 21.64 ? 97   GLU A O     1 
ATOM   739  C CB    . GLU A 1 97  ? -13.864 10.119  -1.945  1.00 25.81 ? 97   GLU A CB    1 
ATOM   740  C CG    . GLU A 1 97  ? -13.893 11.400  -2.778  1.00 30.51 ? 97   GLU A CG    1 
ATOM   741  C CD    . GLU A 1 97  ? -14.734 11.367  -4.047  1.00 34.57 ? 97   GLU A CD    1 
ATOM   742  O OE1   . GLU A 1 97  ? -15.203 10.295  -4.501  1.00 36.34 ? 97   GLU A OE1   1 
ATOM   743  O OE2   . GLU A 1 97  ? -14.932 12.486  -4.585  1.00 40.36 ? 97   GLU A OE2   1 
ATOM   744  N N     . LYS A 1 98  ? -12.597 8.269   0.515   1.00 17.93 ? 98   LYS A N     1 
ATOM   745  C CA    . LYS A 1 98  ? -12.893 7.187   1.464   1.00 17.07 ? 98   LYS A CA    1 
ATOM   746  C C     . LYS A 1 98  ? -11.728 6.905   2.438   1.00 15.92 ? 98   LYS A C     1 
ATOM   747  O O     . LYS A 1 98  ? -11.883 6.958   3.668   1.00 15.57 ? 98   LYS A O     1 
ATOM   748  C CB    . LYS A 1 98  ? -13.280 5.899   0.701   1.00 16.62 ? 98   LYS A CB    1 
ATOM   749  C CG    . LYS A 1 98  ? -13.519 4.654   1.578   1.00 17.38 ? 98   LYS A CG    1 
ATOM   750  C CD    . LYS A 1 98  ? -13.975 3.458   0.730   1.00 17.62 ? 98   LYS A CD    1 
ATOM   751  C CE    . LYS A 1 98  ? -14.343 2.244   1.563   1.00 18.31 ? 98   LYS A CE    1 
ATOM   752  N NZ    . LYS A 1 98  ? -14.947 1.171   0.699   1.00 18.07 ? 98   LYS A NZ    1 
ATOM   753  N N     . TRP A 1 99  ? -10.573 6.564   1.892   1.00 14.73 ? 99   TRP A N     1 
ATOM   754  C CA    . TRP A 1 99  ? -9.503  5.985   2.717   1.00 14.40 ? 99   TRP A CA    1 
ATOM   755  C C     . TRP A 1 99  ? -8.844  6.996   3.653   1.00 14.01 ? 99   TRP A C     1 
ATOM   756  O O     . TRP A 1 99  ? -8.522  6.691   4.820   1.00 13.09 ? 99   TRP A O     1 
ATOM   757  C CB    . TRP A 1 99  ? -8.460  5.288   1.813   1.00 13.85 ? 99   TRP A CB    1 
ATOM   758  C CG    . TRP A 1 99  ? -9.091  4.129   1.073   1.00 14.57 ? 99   TRP A CG    1 
ATOM   759  C CD1   . TRP A 1 99  ? -9.283  4.021   -0.278  1.00 14.52 ? 99   TRP A CD1   1 
ATOM   760  C CD2   . TRP A 1 99  ? -9.699  2.973   1.661   1.00 15.32 ? 99   TRP A CD2   1 
ATOM   761  N NE1   . TRP A 1 99  ? -9.949  2.854   -0.564  1.00 15.47 ? 99   TRP A NE1   1 
ATOM   762  C CE2   . TRP A 1 99  ? -10.217 2.198   0.611   1.00 15.71 ? 99   TRP A CE2   1 
ATOM   763  C CE3   . TRP A 1 99  ? -9.832  2.501   2.978   1.00 16.87 ? 99   TRP A CE3   1 
ATOM   764  C CZ2   . TRP A 1 99  ? -10.843 0.992   0.828   1.00 16.44 ? 99   TRP A CZ2   1 
ATOM   765  C CZ3   . TRP A 1 99  ? -10.478 1.280   3.191   1.00 17.05 ? 99   TRP A CZ3   1 
ATOM   766  C CH2   . TRP A 1 99  ? -10.966 0.547   2.119   1.00 17.27 ? 99   TRP A CH2   1 
ATOM   767  N N     . THR A 1 100 ? -8.622  8.205   3.161   1.00 14.65 ? 100  THR A N     1 
ATOM   768  C CA    . THR A 1 100 ? -7.899  9.185   3.954   1.00 14.09 ? 100  THR A CA    1 
ATOM   769  C C     . THR A 1 100 ? -8.719  9.642   5.168   1.00 14.93 ? 100  THR A C     1 
ATOM   770  O O     . THR A 1 100 ? -8.198  9.612   6.294   1.00 13.31 ? 100  THR A O     1 
ATOM   771  C CB    . THR A 1 100 ? -7.391  10.354  3.089   1.00 15.08 ? 100  THR A CB    1 
ATOM   772  O OG1   . THR A 1 100 ? -6.442  9.862   2.127   1.00 14.92 ? 100  THR A OG1   1 
ATOM   773  C CG2   . THR A 1 100 ? -6.719  11.378  3.934   1.00 15.42 ? 100  THR A CG2   1 
ATOM   774  N N     . PRO A 1 101 ? -9.995  10.054  4.975   1.00 15.30 ? 101  PRO A N     1 
ATOM   775  C CA    . PRO A 1 101 ? -10.768 10.380  6.191   1.00 15.78 ? 101  PRO A CA    1 
ATOM   776  C C     . PRO A 1 101 ? -10.818 9.221   7.207   1.00 15.24 ? 101  PRO A C     1 
ATOM   777  O O     . PRO A 1 101 ? -10.689 9.442   8.416   1.00 14.99 ? 101  PRO A O     1 
ATOM   778  C CB    . PRO A 1 101 ? -12.160 10.729  5.652   1.00 16.60 ? 101  PRO A CB    1 
ATOM   779  C CG    . PRO A 1 101 ? -11.924 11.125  4.234   1.00 17.41 ? 101  PRO A CG    1 
ATOM   780  C CD    . PRO A 1 101 ? -10.814 10.206  3.769   1.00 17.04 ? 101  PRO A CD    1 
ATOM   781  N N     . GLU A 1 102 ? -10.938 7.988   6.716   1.00 14.23 ? 102  GLU A N     1 
ATOM   782  C CA    . GLU A 1 102 ? -11.004 6.831   7.590   1.00 14.20 ? 102  GLU A CA    1 
ATOM   783  C C     . GLU A 1 102 ? -9.722  6.615   8.399   1.00 13.27 ? 102  GLU A C     1 
ATOM   784  O O     . GLU A 1 102 ? -9.757  6.476   9.642   1.00 13.12 ? 102  GLU A O     1 
ATOM   785  C CB    . GLU A 1 102 ? -11.327 5.578   6.783   1.00 14.55 ? 102  GLU A CB    1 
ATOM   786  C CG    . GLU A 1 102 ? -11.394 4.321   7.625   1.00 14.39 ? 102  GLU A CG    1 
ATOM   787  C CD    . GLU A 1 102 ? -11.872 3.130   6.813   1.00 14.59 ? 102  GLU A CD    1 
ATOM   788  O OE1   . GLU A 1 102 ? -12.968 3.222   6.224   1.00 13.75 ? 102  GLU A OE1   1 
ATOM   789  O OE2   . GLU A 1 102 ? -11.180 2.087   6.815   1.00 13.74 ? 102  GLU A OE2   1 
ATOM   790  N N     . VAL A 1 103 ? -8.600  6.633   7.697   1.00 12.69 ? 103  VAL A N     1 
ATOM   791  C CA    . VAL A 1 103 ? -7.323  6.334   8.314   1.00 14.18 ? 103  VAL A CA    1 
ATOM   792  C C     . VAL A 1 103 ? -6.968  7.452   9.283   1.00 15.04 ? 103  VAL A C     1 
ATOM   793  O O     . VAL A 1 103 ? -6.463  7.182   10.377  1.00 14.47 ? 103  VAL A O     1 
ATOM   794  C CB    . VAL A 1 103 ? -6.212  6.115   7.258   1.00 14.34 ? 103  VAL A CB    1 
ATOM   795  C CG1   . VAL A 1 103 ? -4.835  6.224   7.876   1.00 15.47 ? 103  VAL A CG1   1 
ATOM   796  C CG2   . VAL A 1 103 ? -6.403  4.763   6.586   1.00 13.98 ? 103  VAL A CG2   1 
ATOM   797  N N     . LYS A 1 104 ? -7.255  8.709   8.920   1.00 15.52 ? 104  LYS A N     1 
ATOM   798  C CA    . LYS A 1 104 ? -6.905  9.797   9.827   1.00 15.84 ? 104  LYS A CA    1 
ATOM   799  C C     . LYS A 1 104 ? -7.755  9.770   11.063  1.00 15.50 ? 104  LYS A C     1 
ATOM   800  O O     . LYS A 1 104 ? -7.300  10.132  12.142  1.00 13.69 ? 104  LYS A O     1 
ATOM   801  C CB    . LYS A 1 104 ? -6.963  11.133  9.131   1.00 17.93 ? 104  LYS A CB    1 
ATOM   802  C CG    . LYS A 1 104 ? -5.803  11.261  8.159   1.00 20.32 ? 104  LYS A CG    1 
ATOM   803  C CD    . LYS A 1 104 ? -5.814  12.626  7.519   1.00 23.48 ? 104  LYS A CD    1 
ATOM   804  C CE    . LYS A 1 104 ? -4.865  12.700  6.347   1.00 26.71 ? 104  LYS A CE    1 
ATOM   805  N NZ    . LYS A 1 104 ? -3.716  13.574  6.604   1.00 28.61 ? 104  LYS A NZ    1 
ATOM   806  N N     . HIS A 1 105 ? -8.978  9.268   10.934  1.00 14.61 ? 105  HIS A N     1 
ATOM   807  C CA    . HIS A 1 105 ? -9.815  9.155   12.114  1.00 15.10 ? 105  HIS A CA    1 
ATOM   808  C C     . HIS A 1 105 ? -9.312  8.077   13.090  1.00 14.49 ? 105  HIS A C     1 
ATOM   809  O O     . HIS A 1 105 ? -9.231  8.302   14.296  1.00 13.34 ? 105  HIS A O     1 
ATOM   810  C CB    . HIS A 1 105 ? -11.281 8.857   11.749  1.00 15.44 ? 105  HIS A CB    1 
ATOM   811  C CG    . HIS A 1 105 ? -12.144 8.725   12.950  1.00 16.60 ? 105  HIS A CG    1 
ATOM   812  N ND1   . HIS A 1 105 ? -12.601 7.502   13.408  1.00 18.71 ? 105  HIS A ND1   1 
ATOM   813  C CD2   . HIS A 1 105 ? -12.552 9.639   13.854  1.00 16.12 ? 105  HIS A CD2   1 
ATOM   814  C CE1   . HIS A 1 105 ? -13.300 7.677   14.509  1.00 17.14 ? 105  HIS A CE1   1 
ATOM   815  N NE2   . HIS A 1 105 ? -13.278 8.961   14.808  1.00 18.63 ? 105  HIS A NE2   1 
ATOM   816  N N     . PHE A 1 106 ? -9.005  6.901   12.559  1.00 13.36 ? 106  PHE A N     1 
ATOM   817  C CA    . PHE A 1 106 ? -8.660  5.772   13.404  1.00 13.31 ? 106  PHE A CA    1 
ATOM   818  C C     . PHE A 1 106 ? -7.167  5.699   13.723  1.00 14.30 ? 106  PHE A C     1 
ATOM   819  O O     . PHE A 1 106 ? -6.785  5.002   14.659  1.00 14.64 ? 106  PHE A O     1 
ATOM   820  C CB    . PHE A 1 106 ? -9.119  4.455   12.753  1.00 12.99 ? 106  PHE A CB    1 
ATOM   821  C CG    . PHE A 1 106 ? -10.614 4.249   12.786  1.00 13.43 ? 106  PHE A CG    1 
ATOM   822  C CD1   . PHE A 1 106 ? -11.263 3.853   13.971  1.00 14.37 ? 106  PHE A CD1   1 
ATOM   823  C CD2   . PHE A 1 106 ? -11.378 4.418   11.647  1.00 13.60 ? 106  PHE A CD2   1 
ATOM   824  C CE1   . PHE A 1 106 ? -12.654 3.683   14.000  1.00 14.18 ? 106  PHE A CE1   1 
ATOM   825  C CE2   . PHE A 1 106 ? -12.739 4.210   11.663  1.00 13.93 ? 106  PHE A CE2   1 
ATOM   826  C CZ    . PHE A 1 106 ? -13.385 3.868   12.831  1.00 14.31 ? 106  PHE A CZ    1 
ATOM   827  N N     . CYS A 1 107 ? -6.342  6.379   12.928  1.00 13.49 ? 107  CYS A N     1 
ATOM   828  C CA    . CYS A 1 107 ? -4.897  6.344   13.089  1.00 15.12 ? 107  CYS A CA    1 
ATOM   829  C C     . CYS A 1 107 ? -4.356  7.777   13.092  1.00 14.98 ? 107  CYS A C     1 
ATOM   830  O O     . CYS A 1 107 ? -3.554  8.136   12.234  1.00 13.78 ? 107  CYS A O     1 
ATOM   831  C CB    . CYS A 1 107 ? -4.278  5.560   11.935  1.00 14.63 ? 107  CYS A CB    1 
ATOM   832  S SG    . CYS A 1 107 ? -4.906  3.886   11.730  1.00 15.76 ? 107  CYS A SG    1 
ATOM   833  N N     . PRO A 1 108 ? -4.837  8.619   14.026  1.00 16.15 ? 108  PRO A N     1 
ATOM   834  C CA    . PRO A 1 108 ? -4.373  9.998   14.015  1.00 17.40 ? 108  PRO A CA    1 
ATOM   835  C C     . PRO A 1 108 ? -2.841  10.116  14.191  1.00 16.96 ? 108  PRO A C     1 
ATOM   836  O O     . PRO A 1 108 ? -2.274  9.414   15.011  1.00 17.19 ? 108  PRO A O     1 
ATOM   837  C CB    . PRO A 1 108 ? -5.134  10.631  15.202  1.00 18.03 ? 108  PRO A CB    1 
ATOM   838  C CG    . PRO A 1 108 ? -5.408  9.482   16.127  1.00 18.23 ? 108  PRO A CG    1 
ATOM   839  C CD    . PRO A 1 108 ? -5.660  8.319   15.217  1.00 17.13 ? 108  PRO A CD    1 
ATOM   840  N N     . ASN A 1 109 ? -2.207  10.922  13.342  1.00 17.40 ? 109  ASN A N     1 
ATOM   841  C CA    . ASN A 1 109 ? -0.741  11.146  13.303  1.00 18.81 ? 109  ASN A CA    1 
ATOM   842  C C     . ASN A 1 109 ? 0.116   9.943   12.963  1.00 17.36 ? 109  ASN A C     1 
ATOM   843  O O     . ASN A 1 109 ? 1.340   9.980   13.151  1.00 17.39 ? 109  ASN A O     1 
ATOM   844  C CB    . ASN A 1 109 ? -0.229  11.721  14.613  1.00 22.00 ? 109  ASN A CB    1 
ATOM   845  C CG    . ASN A 1 109 ? -1.032  12.906  15.070  1.00 25.20 ? 109  ASN A CG    1 
ATOM   846  O OD1   . ASN A 1 109 ? -1.094  13.925  14.386  1.00 30.23 ? 109  ASN A OD1   1 
ATOM   847  N ND2   . ASN A 1 109 ? -1.655  12.780  16.219  1.00 26.64 ? 109  ASN A ND2   1 
ATOM   848  N N     . VAL A 1 110 ? -0.510  8.891   12.445  1.00 15.10 ? 110  VAL A N     1 
ATOM   849  C CA    . VAL A 1 110 ? 0.220   7.738   11.965  1.00 13.74 ? 110  VAL A CA    1 
ATOM   850  C C     . VAL A 1 110 ? 0.633   8.016   10.534  1.00 13.84 ? 110  VAL A C     1 
ATOM   851  O O     . VAL A 1 110 ? -0.195  8.413   9.706   1.00 13.46 ? 110  VAL A O     1 
ATOM   852  C CB    . VAL A 1 110 ? -0.633  6.462   12.038  1.00 13.32 ? 110  VAL A CB    1 
ATOM   853  C CG1   . VAL A 1 110 ? 0.092   5.291   11.418  1.00 13.27 ? 110  VAL A CG1   1 
ATOM   854  C CG2   . VAL A 1 110 ? -0.979  6.168   13.490  1.00 13.83 ? 110  VAL A CG2   1 
ATOM   855  N N     . PRO A 1 111 ? 1.913   7.790   10.219  1.00 13.63 ? 111  PRO A N     1 
ATOM   856  C CA    . PRO A 1 111 ? 2.418   8.163   8.899   1.00 13.43 ? 111  PRO A CA    1 
ATOM   857  C C     . PRO A 1 111 ? 1.802   7.301   7.795   1.00 13.12 ? 111  PRO A C     1 
ATOM   858  O O     . PRO A 1 111 ? 1.575   6.084   7.985   1.00 11.85 ? 111  PRO A O     1 
ATOM   859  C CB    . PRO A 1 111 ? 3.924   7.915   9.013   1.00 14.53 ? 111  PRO A CB    1 
ATOM   860  C CG    . PRO A 1 111 ? 4.052   6.936   10.148  1.00 14.81 ? 111  PRO A CG    1 
ATOM   861  C CD    . PRO A 1 111 ? 2.995   7.344   11.117  1.00 14.67 ? 111  PRO A CD    1 
ATOM   862  N N     . ILE A 1 112 ? 1.530   7.933   6.665   1.00 12.02 ? 112  ILE A N     1 
ATOM   863  C CA    . ILE A 1 112 ? 0.913   7.277   5.528   1.00 12.06 ? 112  ILE A CA    1 
ATOM   864  C C     . ILE A 1 112 ? 1.901   7.263   4.365   1.00 12.49 ? 112  ILE A C     1 
ATOM   865  O O     . ILE A 1 112 ? 2.444   8.301   3.994   1.00 13.62 ? 112  ILE A O     1 
ATOM   866  C CB    . ILE A 1 112 ? -0.361  8.058   5.087   1.00 12.04 ? 112  ILE A CB    1 
ATOM   867  C CG1   . ILE A 1 112 ? -1.417  8.078   6.204   1.00 11.87 ? 112  ILE A CG1   1 
ATOM   868  C CG2   . ILE A 1 112 ? -0.944  7.488   3.803   1.00 12.10 ? 112  ILE A CG2   1 
ATOM   869  C CD1   . ILE A 1 112 ? -2.454  9.168   6.018   1.00 11.99 ? 112  ILE A CD1   1 
ATOM   870  N N     . ILE A 1 113 ? 2.107   6.099   3.755   1.00 12.31 ? 113  ILE A N     1 
ATOM   871  C CA    . ILE A 1 113 ? 2.821   6.028   2.497   1.00 12.86 ? 113  ILE A CA    1 
ATOM   872  C C     . ILE A 1 113 ? 1.745   5.874   1.445   1.00 13.32 ? 113  ILE A C     1 
ATOM   873  O O     . ILE A 1 113 ? 0.934   4.913   1.513   1.00 12.71 ? 113  ILE A O     1 
ATOM   874  C CB    . ILE A 1 113 ? 3.788   4.828   2.443   1.00 12.98 ? 113  ILE A CB    1 
ATOM   875  C CG1   . ILE A 1 113 ? 4.670   4.777   3.700   1.00 12.99 ? 113  ILE A CG1   1 
ATOM   876  C CG2   . ILE A 1 113 ? 4.607   4.837   1.159   1.00 13.52 ? 113  ILE A CG2   1 
ATOM   877  C CD1   . ILE A 1 113 ? 5.487   6.013   4.006   1.00 13.45 ? 113  ILE A CD1   1 
ATOM   878  N N     . LEU A 1 114 ? 1.698   6.822   0.497   1.00 13.16 ? 114  LEU A N     1 
ATOM   879  C CA    . LEU A 1 114 ? 0.783   6.691   -0.641  1.00 13.76 ? 114  LEU A CA    1 
ATOM   880  C C     . LEU A 1 114 ? 1.458   5.846   -1.740  1.00 14.31 ? 114  LEU A C     1 
ATOM   881  O O     . LEU A 1 114 ? 2.558   6.161   -2.220  1.00 13.76 ? 114  LEU A O     1 
ATOM   882  C CB    . LEU A 1 114 ? 0.279   8.049   -1.154  1.00 13.91 ? 114  LEU A CB    1 
ATOM   883  C CG    . LEU A 1 114 ? -0.722  7.947   -2.310  1.00 14.35 ? 114  LEU A CG    1 
ATOM   884  C CD1   . LEU A 1 114 ? -2.101  7.375   -1.902  1.00 14.41 ? 114  LEU A CD1   1 
ATOM   885  C CD2   . LEU A 1 114 ? -0.845  9.295   -3.012  1.00 14.83 ? 114  LEU A CD2   1 
ATOM   886  N N     . VAL A 1 115 ? 0.807   4.754   -2.132  1.00 14.01 ? 115  VAL A N     1 
ATOM   887  C CA    . VAL A 1 115 ? 1.431   3.789   -3.038  1.00 13.98 ? 115  VAL A CA    1 
ATOM   888  C C     . VAL A 1 115 ? 0.579   3.573   -4.279  1.00 14.19 ? 115  VAL A C     1 
ATOM   889  O O     . VAL A 1 115 ? -0.613  3.189   -4.192  1.00 14.83 ? 115  VAL A O     1 
ATOM   890  C CB    . VAL A 1 115 ? 1.608   2.437   -2.349  1.00 14.42 ? 115  VAL A CB    1 
ATOM   891  C CG1   . VAL A 1 115 ? 2.283   1.467   -3.284  1.00 15.29 ? 115  VAL A CG1   1 
ATOM   892  C CG2   . VAL A 1 115 ? 2.399   2.593   -1.056  1.00 14.67 ? 115  VAL A CG2   1 
ATOM   893  N N     . GLY A 1 116 ? 1.185   3.828   -5.434  1.00 14.08 ? 116  GLY A N     1 
ATOM   894  C CA    . GLY A 1 116 ? 0.574   3.545   -6.722  1.00 14.26 ? 116  GLY A CA    1 
ATOM   895  C C     . GLY A 1 116 ? 1.081   2.210   -7.230  1.00 14.72 ? 116  GLY A C     1 
ATOM   896  O O     . GLY A 1 116 ? 2.241   2.110   -7.664  1.00 14.46 ? 116  GLY A O     1 
ATOM   897  N N     . ASN A 1 117 ? 0.216   1.204   -7.141  1.00 15.10 ? 117  ASN A N     1 
ATOM   898  C CA    . ASN A 1 117 ? 0.497   -0.158  -7.559  1.00 16.30 ? 117  ASN A CA    1 
ATOM   899  C C     . ASN A 1 117 ? 0.271   -0.328  -9.046  1.00 17.15 ? 117  ASN A C     1 
ATOM   900  O O     . ASN A 1 117 ? -0.384  0.498   -9.677  1.00 16.13 ? 117  ASN A O     1 
ATOM   901  C CB    . ASN A 1 117 ? -0.442  -1.152  -6.853  1.00 16.78 ? 117  ASN A CB    1 
ATOM   902  C CG    . ASN A 1 117 ? -0.094  -1.364  -5.381  1.00 18.30 ? 117  ASN A CG    1 
ATOM   903  O OD1   . ASN A 1 117 ? 1.043   -1.163  -4.964  1.00 19.35 ? 117  ASN A OD1   1 
ATOM   904  N ND2   . ASN A 1 117 ? -1.077  -1.791  -4.595  1.00 18.09 ? 117  ASN A ND2   1 
ATOM   905  N N     . LYS A 1 118 ? 0.770   -1.449  -9.563  1.00 17.78 ? 118  LYS A N     1 
ATOM   906  C CA    . LYS A 1 118 ? 0.619   -1.861  -10.986 1.00 18.47 ? 118  LYS A CA    1 
ATOM   907  C C     . LYS A 1 118 ? 1.165   -0.829  -11.960 1.00 18.97 ? 118  LYS A C     1 
ATOM   908  O O     . LYS A 1 118 ? 0.575   -0.595  -13.008 1.00 18.93 ? 118  LYS A O     1 
ATOM   909  C CB    . LYS A 1 118 ? -0.836  -2.183  -11.344 1.00 18.66 ? 118  LYS A CB    1 
ATOM   910  C CG    . LYS A 1 118 ? -1.620  -2.945  -10.285 1.00 19.26 ? 118  LYS A CG    1 
ATOM   911  C CD    . LYS A 1 118 ? -2.819  -3.691  -10.884 1.00 19.01 ? 118  LYS A CD    1 
ATOM   912  C CE    . LYS A 1 118 ? -3.791  -4.191  -9.830  1.00 18.57 ? 118  LYS A CE    1 
ATOM   913  N NZ    . LYS A 1 118 ? -5.002  -4.937  -10.276 1.00 18.28 ? 118  LYS A NZ    1 
ATOM   914  N N     . LYS A 1 119 ? 2.315   -0.249  -11.652 1.00 20.74 ? 119  LYS A N     1 
ATOM   915  C CA    . LYS A 1 119 ? 2.899   0.748   -12.533 1.00 22.20 ? 119  LYS A CA    1 
ATOM   916  C C     . LYS A 1 119 ? 3.254   0.162   -13.903 1.00 21.90 ? 119  LYS A C     1 
ATOM   917  O O     . LYS A 1 119 ? 3.310   0.900   -14.862 1.00 20.55 ? 119  LYS A O     1 
ATOM   918  C CB    . LYS A 1 119 ? 4.095   1.453   -11.907 1.00 25.14 ? 119  LYS A CB    1 
ATOM   919  C CG    . LYS A 1 119 ? 5.377   0.655   -11.794 1.00 30.00 ? 119  LYS A CG    1 
ATOM   920  C CD    . LYS A 1 119 ? 6.523   1.528   -11.271 1.00 33.25 ? 119  LYS A CD    1 
ATOM   921  C CE    . LYS A 1 119 ? 6.948   2.579   -12.303 1.00 37.87 ? 119  LYS A CE    1 
ATOM   922  N NZ    . LYS A 1 119 ? 8.197   3.328   -11.940 1.00 38.53 ? 119  LYS A NZ    1 
ATOM   923  N N     . ASP A 1 120 ? 3.425   -1.159  -13.984 1.00 22.20 ? 120  ASP A N     1 
ATOM   924  C CA    . ASP A 1 120 ? 3.673   -1.849  -15.259 1.00 23.48 ? 120  ASP A CA    1 
ATOM   925  C C     . ASP A 1 120 ? 2.488   -1.727  -16.253 1.00 24.97 ? 120  ASP A C     1 
ATOM   926  O O     . ASP A 1 120 ? 2.644   -1.964  -17.445 1.00 25.35 ? 120  ASP A O     1 
ATOM   927  C CB    . ASP A 1 120 ? 3.988   -3.325  -14.974 1.00 24.86 ? 120  ASP A CB    1 
ATOM   928  C CG    . ASP A 1 120 ? 2.850   -4.038  -14.274 1.00 24.15 ? 120  ASP A CG    1 
ATOM   929  O OD1   . ASP A 1 120 ? 2.637   -3.830  -13.055 1.00 22.39 ? 120  ASP A OD1   1 
ATOM   930  O OD2   . ASP A 1 120 ? 2.125   -4.791  -14.949 1.00 24.73 ? 120  ASP A OD2   1 
ATOM   931  N N     . LEU A 1 121 ? 1.296   -1.401  -15.739 1.00 23.65 ? 121  LEU A N     1 
ATOM   932  C CA    . LEU A 1 121 ? 0.097   -1.212  -16.534 1.00 24.36 ? 121  LEU A CA    1 
ATOM   933  C C     . LEU A 1 121 ? -0.020  0.179   -17.196 1.00 24.89 ? 121  LEU A C     1 
ATOM   934  O O     . LEU A 1 121 ? -0.898  0.380   -18.062 1.00 25.40 ? 121  LEU A O     1 
ATOM   935  C CB    . LEU A 1 121 ? -1.156  -1.486  -15.674 1.00 24.20 ? 121  LEU A CB    1 
ATOM   936  C CG    . LEU A 1 121 ? -1.643  -2.945  -15.699 1.00 25.96 ? 121  LEU A CG    1 
ATOM   937  C CD1   . LEU A 1 121 ? -0.540  -3.932  -16.020 1.00 27.80 ? 121  LEU A CD1   1 
ATOM   938  C CD2   . LEU A 1 121 ? -2.391  -3.368  -14.461 1.00 25.37 ? 121  LEU A CD2   1 
ATOM   939  N N     . ARG A 1 122 ? 0.823   1.123   -16.778 1.00 24.50 ? 122  ARG A N     1 
ATOM   940  C CA    . ARG A 1 122 ? 0.724   2.502   -17.256 1.00 25.71 ? 122  ARG A CA    1 
ATOM   941  C C     . ARG A 1 122 ? 0.790   2.548   -18.795 1.00 28.86 ? 122  ARG A C     1 
ATOM   942  O O     . ARG A 1 122 ? -0.035  3.183   -19.453 1.00 25.55 ? 122  ARG A O     1 
ATOM   943  C CB    . ARG A 1 122 ? 1.829   3.382   -16.693 1.00 24.17 ? 122  ARG A CB    1 
ATOM   944  C CG    . ARG A 1 122 ? 1.673   4.834   -17.125 1.00 23.57 ? 122  ARG A CG    1 
ATOM   945  C CD    . ARG A 1 122 ? 2.566   5.757   -16.345 1.00 23.52 ? 122  ARG A CD    1 
ATOM   946  N NE    . ARG A 1 122 ? 1.918   6.216   -15.107 1.00 22.58 ? 122  ARG A NE    1 
ATOM   947  C CZ    . ARG A 1 122 ? 2.436   6.121   -13.882 1.00 21.23 ? 122  ARG A CZ    1 
ATOM   948  N NH1   . ARG A 1 122 ? 3.588   5.538   -13.683 1.00 20.64 ? 122  ARG A NH1   1 
ATOM   949  N NH2   . ARG A 1 122 ? 1.768   6.600   -12.831 1.00 21.61 ? 122  ARG A NH2   1 
ATOM   950  N N     . ASN A 1 123 ? 1.763   1.868   -19.338 1.00 32.11 ? 123  ASN A N     1 
ATOM   951  C CA    . ASN A 1 123 ? 1.992   1.803   -20.775 1.00 35.63 ? 123  ASN A CA    1 
ATOM   952  C C     . ASN A 1 123 ? 1.480   0.498   -21.363 1.00 34.19 ? 123  ASN A C     1 
ATOM   953  O O     . ASN A 1 123 ? 1.992   0.054   -22.372 1.00 34.51 ? 123  ASN A O     1 
ATOM   954  C CB    . ASN A 1 123 ? 3.487   1.987   -21.067 1.00 37.54 ? 123  ASN A CB    1 
ATOM   955  C CG    . ASN A 1 123 ? 4.047   3.321   -20.514 1.00 44.23 ? 123  ASN A CG    1 
ATOM   956  O OD1   . ASN A 1 123 ? 5.126   3.350   -19.915 1.00 48.23 ? 123  ASN A OD1   1 
ATOM   957  N ND2   . ASN A 1 123 ? 3.311   4.423   -20.706 1.00 43.54 ? 123  ASN A ND2   1 
ATOM   958  N N     . ASP A 1 124 ? 0.467   -0.098  -20.754 1.00 31.82 ? 124  ASP A N     1 
ATOM   959  C CA    . ASP A 1 124 ? -0.133  -1.346  -21.241 1.00 33.30 ? 124  ASP A CA    1 
ATOM   960  C C     . ASP A 1 124 ? -1.241  -1.050  -22.249 1.00 33.73 ? 124  ASP A C     1 
ATOM   961  O O     . ASP A 1 124 ? -2.268  -0.441  -21.898 1.00 29.92 ? 124  ASP A O     1 
ATOM   962  C CB    . ASP A 1 124 ? -0.730  -2.170  -20.090 1.00 32.91 ? 124  ASP A CB    1 
ATOM   963  C CG    . ASP A 1 124 ? -1.287  -3.516  -20.554 1.00 32.70 ? 124  ASP A CG    1 
ATOM   964  O OD1   . ASP A 1 124 ? -0.519  -4.326  -21.085 1.00 34.56 ? 124  ASP A OD1   1 
ATOM   965  O OD2   . ASP A 1 124 ? -2.491  -3.785  -20.406 1.00 32.86 ? 124  ASP A OD2   1 
ATOM   966  N N     . GLU A 1 125 ? -1.046  -1.533  -23.482 1.00 33.27 ? 125  GLU A N     1 
ATOM   967  C CA    . GLU A 1 125 ? -1.992  -1.251  -24.556 1.00 36.44 ? 125  GLU A CA    1 
ATOM   968  C C     . GLU A 1 125 ? -3.385  -1.747  -24.182 1.00 33.27 ? 125  GLU A C     1 
ATOM   969  O O     . GLU A 1 125 ? -4.353  -1.030  -24.324 1.00 32.43 ? 125  GLU A O     1 
ATOM   970  C CB    . GLU A 1 125 ? -1.499  -1.821  -25.908 1.00 41.11 ? 125  GLU A CB    1 
ATOM   971  C CG    . GLU A 1 125 ? -1.582  -0.852  -27.097 1.00 45.71 ? 125  GLU A CG    1 
ATOM   972  C CD    . GLU A 1 125 ? -0.977  0.521   -26.833 1.00 47.84 ? 125  GLU A CD    1 
ATOM   973  O OE1   . GLU A 1 125 ? 0.256   0.664   -26.938 1.00 52.83 ? 125  GLU A OE1   1 
ATOM   974  O OE2   . GLU A 1 125 ? -1.734  1.467   -26.538 1.00 50.37 ? 125  GLU A OE2   1 
ATOM   975  N N     . HIS A 1 126 ? -3.515  -2.932  -23.612 1.00 33.65 ? 126  HIS A N     1 
ATOM   976  C CA    . HIS A 1 126 ? -4.834  -3.427  -23.242 1.00 33.98 ? 126  HIS A CA    1 
ATOM   977  C C     . HIS A 1 126 ? -5.581  -2.558  -22.204 1.00 31.27 ? 126  HIS A C     1 
ATOM   978  O O     . HIS A 1 126 ? -6.794  -2.288  -22.353 1.00 28.34 ? 126  HIS A O     1 
ATOM   979  C CB    . HIS A 1 126 ? -4.762  -4.884  -22.784 1.00 36.24 ? 126  HIS A CB    1 
ATOM   980  C CG    . HIS A 1 126 ? -6.086  -5.429  -22.390 1.00 40.22 ? 126  HIS A CG    1 
ATOM   981  N ND1   . HIS A 1 126 ? -7.121  -5.575  -23.290 1.00 46.36 ? 126  HIS A ND1   1 
ATOM   982  C CD2   . HIS A 1 126 ? -6.574  -5.806  -21.190 1.00 42.48 ? 126  HIS A CD2   1 
ATOM   983  C CE1   . HIS A 1 126 ? -8.182  -6.049  -22.663 1.00 44.51 ? 126  HIS A CE1   1 
ATOM   984  N NE2   . HIS A 1 126 ? -7.877  -6.201  -21.387 1.00 43.55 ? 126  HIS A NE2   1 
ATOM   985  N N     . THR A 1 127 ? -4.873  -2.086  -21.173 1.00 30.48 ? 127  THR A N     1 
ATOM   986  C CA    . THR A 1 127 ? -5.549  -1.247  -20.152 1.00 28.13 ? 127  THR A CA    1 
ATOM   987  C C     . THR A 1 127 ? -5.929  0.128   -20.734 1.00 25.71 ? 127  THR A C     1 
ATOM   988  O O     . THR A 1 127 ? -6.990  0.661   -20.415 1.00 24.03 ? 127  THR A O     1 
ATOM   989  C CB    . THR A 1 127 ? -4.800  -1.080  -18.789 1.00 31.07 ? 127  THR A CB    1 
ATOM   990  O OG1   . THR A 1 127 ? -3.999  0.101   -18.778 1.00 35.86 ? 127  THR A OG1   1 
ATOM   991  C CG2   . THR A 1 127 ? -3.970  -2.304  -18.415 1.00 29.12 ? 127  THR A CG2   1 
ATOM   992  N N     . ARG A 1 128 ? -5.089  0.693   -21.592 1.00 26.39 ? 128  ARG A N     1 
ATOM   993  C CA    . ARG A 1 128 ? -5.448  1.956   -22.271 1.00 27.04 ? 128  ARG A CA    1 
ATOM   994  C C     . ARG A 1 128 ? -6.826  1.854   -22.971 1.00 28.15 ? 128  ARG A C     1 
ATOM   995  O O     . ARG A 1 128 ? -7.718  2.695   -22.789 1.00 29.17 ? 128  ARG A O     1 
ATOM   996  C CB    . ARG A 1 128 ? -4.363  2.339   -23.271 1.00 23.59 ? 128  ARG A CB    1 
ATOM   997  N N     . ARG A 1 129 ? -6.989  0.784   -23.740 1.00 31.71 ? 129  ARG A N     1 
ATOM   998  C CA    . ARG A 1 129 ? -8.248  0.484   -24.435 1.00 30.55 ? 129  ARG A CA    1 
ATOM   999  C C     . ARG A 1 129 ? -9.429  0.345   -23.496 1.00 31.31 ? 129  ARG A C     1 
ATOM   1000 O O     . ARG A 1 129 ? -10.481 0.938   -23.722 1.00 28.93 ? 129  ARG A O     1 
ATOM   1001 C CB    . ARG A 1 129 ? -8.101  -0.794  -25.265 1.00 35.44 ? 129  ARG A CB    1 
ATOM   1002 C CG    . ARG A 1 129 ? -6.877  -0.798  -26.172 1.00 37.29 ? 129  ARG A CG    1 
ATOM   1003 C CD    . ARG A 1 129 ? -7.146  -1.489  -27.496 1.00 42.16 ? 129  ARG A CD    1 
ATOM   1004 N NE    . ARG A 1 129 ? -5.897  -1.713  -28.224 1.00 45.55 ? 129  ARG A NE    1 
ATOM   1005 C CZ    . ARG A 1 129 ? -5.122  -2.794  -28.104 1.00 48.64 ? 129  ARG A CZ    1 
ATOM   1006 N NH1   . ARG A 1 129 ? -5.451  -3.794  -27.287 1.00 52.05 ? 129  ARG A NH1   1 
ATOM   1007 N NH2   . ARG A 1 129 ? -4.003  -2.875  -28.807 1.00 50.94 ? 129  ARG A NH2   1 
ATOM   1008 N N     . GLU A 1 130 ? -9.267  -0.425  -22.424 1.00 30.47 ? 130  GLU A N     1 
ATOM   1009 C CA    . GLU A 1 130 ? -10.375 -0.637  -21.508 1.00 29.59 ? 130  GLU A CA    1 
ATOM   1010 C C     . GLU A 1 130 ? -10.751 0.641   -20.810 1.00 26.66 ? 130  GLU A C     1 
ATOM   1011 O O     . GLU A 1 130 ? -11.940 0.979   -20.697 1.00 26.17 ? 130  GLU A O     1 
ATOM   1012 C CB    . GLU A 1 130 ? -10.039 -1.719  -20.474 1.00 33.03 ? 130  GLU A CB    1 
ATOM   1013 C CG    . GLU A 1 130 ? -9.973  -3.124  -21.054 1.00 35.45 ? 130  GLU A CG    1 
ATOM   1014 C CD    . GLU A 1 130 ? -11.220 -3.481  -21.845 1.00 38.07 ? 130  GLU A CD    1 
ATOM   1015 O OE1   . GLU A 1 130 ? -12.326 -3.486  -21.262 1.00 38.09 ? 130  GLU A OE1   1 
ATOM   1016 O OE2   . GLU A 1 130 ? -11.094 -3.707  -23.066 1.00 44.30 ? 130  GLU A OE2   1 
ATOM   1017 N N     . LEU A 1 131 ? -9.753  1.365   -20.331 1.00 24.41 ? 131  LEU A N     1 
ATOM   1018 C CA    . LEU A 1 131 ? -10.043 2.601   -19.635 1.00 23.56 ? 131  LEU A CA    1 
ATOM   1019 C C     . LEU A 1 131 ? -10.685 3.611   -20.607 1.00 25.82 ? 131  LEU A C     1 
ATOM   1020 O O     . LEU A 1 131 ? -11.601 4.343   -20.218 1.00 24.60 ? 131  LEU A O     1 
ATOM   1021 C CB    . LEU A 1 131 ? -8.794  3.168   -18.969 1.00 23.44 ? 131  LEU A CB    1 
ATOM   1022 C CG    . LEU A 1 131 ? -8.270  2.425   -17.717 1.00 23.16 ? 131  LEU A CG    1 
ATOM   1023 C CD1   . LEU A 1 131 ? -6.948  3.027   -17.264 1.00 22.43 ? 131  LEU A CD1   1 
ATOM   1024 C CD2   . LEU A 1 131 ? -9.284  2.494   -16.588 1.00 23.29 ? 131  LEU A CD2   1 
ATOM   1025 N N     . ALA A 1 132 ? -10.242 3.625   -21.859 1.00 27.10 ? 132  ALA A N     1 
ATOM   1026 C CA    . ALA A 1 132 ? -10.810 4.566   -22.841 1.00 29.24 ? 132  ALA A CA    1 
ATOM   1027 C C     . ALA A 1 132 ? -12.328 4.376   -23.014 1.00 29.91 ? 132  ALA A C     1 
ATOM   1028 O O     . ALA A 1 132 ? -13.053 5.340   -23.193 1.00 28.20 ? 132  ALA A O     1 
ATOM   1029 C CB    . ALA A 1 132 ? -10.086 4.467   -24.178 1.00 28.34 ? 132  ALA A CB    1 
ATOM   1030 N N     . LYS A 1 133 ? -12.809 3.143   -22.899 1.00 30.55 ? 133  LYS A N     1 
ATOM   1031 C CA    . LYS A 1 133 ? -14.248 2.882   -22.968 1.00 33.20 ? 133  LYS A CA    1 
ATOM   1032 C C     . LYS A 1 133 ? -15.033 3.605   -21.881 1.00 34.11 ? 133  LYS A C     1 
ATOM   1033 O O     . LYS A 1 133 ? -16.241 3.833   -22.017 1.00 29.18 ? 133  LYS A O     1 
ATOM   1034 C CB    . LYS A 1 133 ? -14.521 1.383   -22.862 1.00 37.26 ? 133  LYS A CB    1 
ATOM   1035 C CG    . LYS A 1 133 ? -13.953 0.581   -24.015 1.00 37.75 ? 133  LYS A CG    1 
ATOM   1036 C CD    . LYS A 1 133 ? -14.190 -0.898  -23.808 1.00 40.88 ? 133  LYS A CD    1 
ATOM   1037 C CE    . LYS A 1 133 ? -13.663 -1.681  -24.995 1.00 44.02 ? 133  LYS A CE    1 
ATOM   1038 N NZ    . LYS A 1 133 ? -13.944 -3.133  -24.835 1.00 44.55 ? 133  LYS A NZ    1 
ATOM   1039 N N     . MET A 1 134 ? -14.342 3.976   -20.808 1.00 31.01 ? 134  MET A N     1 
ATOM   1040 C CA    . MET A 1 134 ? -14.949 4.704   -19.718 1.00 32.74 ? 134  MET A CA    1 
ATOM   1041 C C     . MET A 1 134 ? -14.551 6.167   -19.723 1.00 29.87 ? 134  MET A C     1 
ATOM   1042 O O     . MET A 1 134 ? -14.816 6.871   -18.772 1.00 30.10 ? 134  MET A O     1 
ATOM   1043 C CB    . MET A 1 134 ? -14.525 4.051   -18.394 1.00 37.25 ? 134  MET A CB    1 
ATOM   1044 C CG    . MET A 1 134 ? -14.960 2.597   -18.267 1.00 40.58 ? 134  MET A CG    1 
ATOM   1045 S SD    . MET A 1 134 ? -16.735 2.431   -18.569 1.00 47.55 ? 134  MET A SD    1 
ATOM   1046 C CE    . MET A 1 134 ? -17.491 3.332   -17.214 1.00 44.96 ? 134  MET A CE    1 
ATOM   1047 N N     . LYS A 1 135 ? -13.935 6.633   -20.810 1.00 28.77 ? 135  LYS A N     1 
ATOM   1048 C CA    . LYS A 1 135 ? -13.398 7.999   -20.896 1.00 27.40 ? 135  LYS A CA    1 
ATOM   1049 C C     . LYS A 1 135 ? -12.338 8.285   -19.839 1.00 26.26 ? 135  LYS A C     1 
ATOM   1050 O O     . LYS A 1 135 ? -12.234 9.401   -19.355 1.00 24.02 ? 135  LYS A O     1 
ATOM   1051 C CB    . LYS A 1 135 ? -14.524 9.065   -20.861 1.00 31.99 ? 135  LYS A CB    1 
ATOM   1052 C CG    . LYS A 1 135 ? -15.452 9.051   -22.089 1.00 34.74 ? 135  LYS A CG    1 
ATOM   1053 C CD    . LYS A 1 135 ? -16.346 10.297  -22.135 1.00 37.27 ? 135  LYS A CD    1 
ATOM   1054 C CE    . LYS A 1 135 ? -16.985 10.527  -23.507 1.00 38.25 ? 135  LYS A CE    1 
ATOM   1055 N NZ    . LYS A 1 135 ? -17.532 11.910  -23.606 1.00 38.58 ? 135  LYS A NZ    1 
ATOM   1056 N N     . GLN A 1 136 ? -11.522 7.271   -19.532 1.00 26.31 ? 136  GLN A N     1 
ATOM   1057 C CA    . GLN A 1 136 ? -10.443 7.380   -18.537 1.00 26.66 ? 136  GLN A CA    1 
ATOM   1058 C C     . GLN A 1 136 ? -9.143  6.928   -19.156 1.00 25.88 ? 136  GLN A C     1 
ATOM   1059 O O     . GLN A 1 136 ? -9.134  6.358   -20.248 1.00 23.82 ? 136  GLN A O     1 
ATOM   1060 C CB    . GLN A 1 136 ? -10.728 6.490   -17.331 1.00 26.97 ? 136  GLN A CB    1 
ATOM   1061 C CG    . GLN A 1 136 ? -11.989 6.849   -16.586 1.00 28.09 ? 136  GLN A CG    1 
ATOM   1062 C CD    . GLN A 1 136 ? -12.194 6.024   -15.321 1.00 28.84 ? 136  GLN A CD    1 
ATOM   1063 O OE1   . GLN A 1 136 ? -11.943 4.820   -15.290 1.00 26.06 ? 136  GLN A OE1   1 
ATOM   1064 N NE2   . GLN A 1 136 ? -12.676 6.683   -14.272 1.00 29.75 ? 136  GLN A NE2   1 
ATOM   1065 N N     . GLU A 1 137 ? -8.055  7.174   -18.440 1.00 24.73 ? 137  GLU A N     1 
ATOM   1066 C CA    . GLU A 1 137 ? -6.728  6.704   -18.832 1.00 25.97 ? 137  GLU A CA    1 
ATOM   1067 C C     . GLU A 1 137 ? -5.932  6.416   -17.567 1.00 24.24 ? 137  GLU A C     1 
ATOM   1068 O O     . GLU A 1 137 ? -6.364  6.794   -16.482 1.00 22.52 ? 137  GLU A O     1 
ATOM   1069 C CB    . GLU A 1 137 ? -6.003  7.774   -19.646 1.00 29.41 ? 137  GLU A CB    1 
ATOM   1070 C CG    . GLU A 1 137 ? -5.777  9.072   -18.894 1.00 32.43 ? 137  GLU A CG    1 
ATOM   1071 C CD    . GLU A 1 137 ? -5.016  10.095  -19.737 1.00 39.63 ? 137  GLU A CD    1 
ATOM   1072 O OE1   . GLU A 1 137 ? -3.996  9.720   -20.359 1.00 45.55 ? 137  GLU A OE1   1 
ATOM   1073 O OE2   . GLU A 1 137 ? -5.416  11.272  -19.759 1.00 41.82 ? 137  GLU A OE2   1 
ATOM   1074 N N     . PRO A 1 138 ? -4.754  5.781   -17.703 1.00 24.31 ? 138  PRO A N     1 
ATOM   1075 C CA    . PRO A 1 138 ? -3.982  5.471   -16.502 1.00 23.11 ? 138  PRO A CA    1 
ATOM   1076 C C     . PRO A 1 138 ? -3.606  6.702   -15.728 1.00 21.92 ? 138  PRO A C     1 
ATOM   1077 O O     . PRO A 1 138 ? -3.505  7.788   -16.300 1.00 20.47 ? 138  PRO A O     1 
ATOM   1078 C CB    . PRO A 1 138 ? -2.711  4.811   -17.056 1.00 24.32 ? 138  PRO A CB    1 
ATOM   1079 C CG    . PRO A 1 138 ? -3.119  4.241   -18.379 1.00 23.81 ? 138  PRO A CG    1 
ATOM   1080 C CD    . PRO A 1 138 ? -4.140  5.206   -18.917 1.00 24.47 ? 138  PRO A CD    1 
ATOM   1081 N N     . VAL A 1 139 ? -3.406  6.526   -14.429 1.00 20.08 ? 139  VAL A N     1 
ATOM   1082 C CA    . VAL A 1 139 ? -2.950  7.602   -13.548 1.00 20.42 ? 139  VAL A CA    1 
ATOM   1083 C C     . VAL A 1 139 ? -1.541  8.019   -13.924 1.00 21.40 ? 139  VAL A C     1 
ATOM   1084 O O     . VAL A 1 139 ? -0.698  7.168   -14.098 1.00 23.07 ? 139  VAL A O     1 
ATOM   1085 C CB    . VAL A 1 139 ? -2.947  7.143   -12.070 1.00 19.75 ? 139  VAL A CB    1 
ATOM   1086 C CG1   . VAL A 1 139 ? -2.495  8.268   -11.186 1.00 20.85 ? 139  VAL A CG1   1 
ATOM   1087 C CG2   . VAL A 1 139 ? -4.335  6.726   -11.629 1.00 19.11 ? 139  VAL A CG2   1 
ATOM   1088 N N     . LYS A 1 140 ? -1.278  9.323   -14.032 1.00 25.33 ? 140  LYS A N     1 
ATOM   1089 C CA    . LYS A 1 140 ? 0.085   9.812   -14.302 1.00 27.47 ? 140  LYS A CA    1 
ATOM   1090 C C     . LYS A 1 140 ? 0.843   10.023  -13.009 1.00 25.70 ? 140  LYS A C     1 
ATOM   1091 O O     . LYS A 1 140 ? 0.227   10.323  -12.003 1.00 24.33 ? 140  LYS A O     1 
ATOM   1092 C CB    . LYS A 1 140 ? 0.074   11.159  -15.024 1.00 29.78 ? 140  LYS A CB    1 
ATOM   1093 C CG    . LYS A 1 140 ? -0.801  11.244  -16.255 1.00 34.11 ? 140  LYS A CG    1 
ATOM   1094 C CD    . LYS A 1 140 ? -1.026  12.715  -16.619 1.00 39.29 ? 140  LYS A CD    1 
ATOM   1095 C CE    . LYS A 1 140 ? -2.275  12.933  -17.459 1.00 41.92 ? 140  LYS A CE    1 
ATOM   1096 N NZ    . LYS A 1 140 ? -2.311  12.020  -18.630 1.00 41.48 ? 140  LYS A NZ    1 
ATOM   1097 N N     . PRO A 1 141 ? 2.188   9.934   -13.047 1.00 26.19 ? 141  PRO A N     1 
ATOM   1098 C CA    . PRO A 1 141 ? 2.961   10.095  -11.803 1.00 26.68 ? 141  PRO A CA    1 
ATOM   1099 C C     . PRO A 1 141 ? 2.660   11.385  -11.060 1.00 25.04 ? 141  PRO A C     1 
ATOM   1100 O O     . PRO A 1 141 ? 2.588   11.391  -9.821  1.00 24.23 ? 141  PRO A O     1 
ATOM   1101 C CB    . PRO A 1 141 ? 4.416   10.072  -12.277 1.00 27.65 ? 141  PRO A CB    1 
ATOM   1102 C CG    . PRO A 1 141 ? 4.395   9.351   -13.580 1.00 27.09 ? 141  PRO A CG    1 
ATOM   1103 C CD    . PRO A 1 141 ? 3.056   9.646   -14.204 1.00 26.27 ? 141  PRO A CD    1 
ATOM   1104 N N     . GLU A 1 142 ? 2.458   12.461  -11.801 1.00 24.26 ? 142  GLU A N     1 
ATOM   1105 C CA    . GLU A 1 142 ? 2.208   13.758  -11.179 1.00 24.34 ? 142  GLU A CA    1 
ATOM   1106 C C     . GLU A 1 142 ? 0.889   13.799  -10.416 1.00 23.90 ? 142  GLU A C     1 
ATOM   1107 O O     . GLU A 1 142 ? 0.758   14.574  -9.490  1.00 24.30 ? 142  GLU A O     1 
ATOM   1108 C CB    . GLU A 1 142 ? 2.243   14.889  -12.220 1.00 22.92 ? 142  GLU A CB    1 
ATOM   1109 N N     . GLU A 1 143 ? -0.102  13.007  -10.805 1.00 24.19 ? 143  GLU A N     1 
ATOM   1110 C CA    . GLU A 1 143 ? -1.366  12.980  -10.064 1.00 23.70 ? 143  GLU A CA    1 
ATOM   1111 C C     . GLU A 1 143 ? -1.158  12.275  -8.731  1.00 21.60 ? 143  GLU A C     1 
ATOM   1112 O O     . GLU A 1 143 ? -1.726  12.672  -7.702  1.00 20.12 ? 143  GLU A O     1 
ATOM   1113 C CB    . GLU A 1 143 ? -2.461  12.263  -10.850 1.00 25.87 ? 143  GLU A CB    1 
ATOM   1114 C CG    . GLU A 1 143 ? -2.858  12.950  -12.128 1.00 27.90 ? 143  GLU A CG    1 
ATOM   1115 C CD    . GLU A 1 143 ? -3.745  12.049  -12.942 1.00 31.50 ? 143  GLU A CD    1 
ATOM   1116 O OE1   . GLU A 1 143 ? -4.953  11.953  -12.634 1.00 38.28 ? 143  GLU A OE1   1 
ATOM   1117 O OE2   . GLU A 1 143 ? -3.222  11.399  -13.843 1.00 30.42 ? 143  GLU A OE2   1 
ATOM   1118 N N     . GLY A 1 144 ? -0.333  11.233  -8.767  1.00 21.05 ? 144  GLY A N     1 
ATOM   1119 C CA    . GLY A 1 144 ? 0.056   10.493  -7.549  1.00 21.72 ? 144  GLY A CA    1 
ATOM   1120 C C     . GLY A 1 144 ? 0.773   11.394  -6.561  1.00 21.92 ? 144  GLY A C     1 
ATOM   1121 O O     . GLY A 1 144 ? 0.384   11.490  -5.415  1.00 20.30 ? 144  GLY A O     1 
ATOM   1122 N N     . ARG A 1 145 ? 1.806   12.089  -7.036  1.00 23.51 ? 145  ARG A N     1 
ATOM   1123 C CA    . ARG A 1 145 ? 2.536   13.056  -6.216  1.00 23.35 ? 145  ARG A CA    1 
ATOM   1124 C C     . ARG A 1 145 ? 1.637   14.148  -5.657  1.00 20.44 ? 145  ARG A C     1 
ATOM   1125 O O     . ARG A 1 145 ? 1.757   14.478  -4.477  1.00 20.82 ? 145  ARG A O     1 
ATOM   1126 C CB    . ARG A 1 145 ? 3.726   13.654  -6.978  1.00 27.66 ? 145  ARG A CB    1 
ATOM   1127 C CG    . ARG A 1 145 ? 4.899   12.669  -7.140  1.00 32.45 ? 145  ARG A CG    1 
ATOM   1128 C CD    . ARG A 1 145 ? 6.176   13.339  -7.637  1.00 34.83 ? 145  ARG A CD    1 
ATOM   1129 N NE    . ARG A 1 145 ? 5.978   13.672  -9.034  1.00 37.36 ? 145  ARG A NE    1 
ATOM   1130 C CZ    . ARG A 1 145 ? 6.606   13.118  -10.063 1.00 39.40 ? 145  ARG A CZ    1 
ATOM   1131 N NH1   . ARG A 1 145 ? 7.570   12.236  -9.874  1.00 40.39 ? 145  ARG A NH1   1 
ATOM   1132 N NH2   . ARG A 1 145 ? 6.278   13.493  -11.300 1.00 39.83 ? 145  ARG A NH2   1 
ATOM   1133 N N     . ASP A 1 146 ? 0.739   14.719  -6.466  1.00 20.09 ? 146  ASP A N     1 
ATOM   1134 C CA    . ASP A 1 146 ? -0.141  15.785  -5.966  1.00 20.05 ? 146  ASP A CA    1 
ATOM   1135 C C     . ASP A 1 146 ? -1.087  15.258  -4.897  1.00 18.99 ? 146  ASP A C     1 
ATOM   1136 O O     . ASP A 1 146 ? -1.400  15.962  -3.937  1.00 17.84 ? 146  ASP A O     1 
ATOM   1137 C CB    . ASP A 1 146 ? -1.012  16.418  -7.061  1.00 22.67 ? 146  ASP A CB    1 
ATOM   1138 C CG    . ASP A 1 146 ? -0.213  17.245  -8.070  1.00 25.48 ? 146  ASP A CG    1 
ATOM   1139 O OD1   . ASP A 1 146 ? 0.902   17.704  -7.761  1.00 27.41 ? 146  ASP A OD1   1 
ATOM   1140 O OD2   . ASP A 1 146 ? -0.725  17.408  -9.193  1.00 28.46 ? 146  ASP A OD2   1 
ATOM   1141 N N     . MET A 1 147 ? -1.598  14.040  -5.085  1.00 17.55 ? 147  MET A N     1 
ATOM   1142 C CA    . MET A 1 147 ? -2.474  13.443  -4.059  1.00 16.70 ? 147  MET A CA    1 
ATOM   1143 C C     . MET A 1 147 ? -1.729  13.210  -2.747  1.00 16.37 ? 147  MET A C     1 
ATOM   1144 O O     . MET A 1 147 ? -2.242  13.494  -1.676  1.00 16.83 ? 147  MET A O     1 
ATOM   1145 C CB    . MET A 1 147 ? -3.104  12.133  -4.573  1.00 17.94 ? 147  MET A CB    1 
ATOM   1146 C CG    . MET A 1 147 ? -4.219  11.599  -3.683  1.00 17.97 ? 147  MET A CG    1 
ATOM   1147 S SD    . MET A 1 147 ? -5.623  12.736  -3.631  1.00 21.41 ? 147  MET A SD    1 
ATOM   1148 C CE    . MET A 1 147 ? -6.411  12.395  -5.200  1.00 21.05 ? 147  MET A CE    1 
ATOM   1149 N N     . ALA A 1 148 ? -0.507  12.690  -2.824  1.00 16.48 ? 148  ALA A N     1 
ATOM   1150 C CA    . ALA A 1 148 ? 0.330   12.549  -1.643  1.00 16.24 ? 148  ALA A CA    1 
ATOM   1151 C C     . ALA A 1 148 ? 0.476   13.855  -0.852  1.00 17.40 ? 148  ALA A C     1 
ATOM   1152 O O     . ALA A 1 148 ? 0.279   13.870  0.358   1.00 17.27 ? 148  ALA A O     1 
ATOM   1153 C CB    . ALA A 1 148 ? 1.693   12.013  -2.025  1.00 16.00 ? 148  ALA A CB    1 
ATOM   1154 N N     . ASN A 1 149 ? 0.818   14.947  -1.520  1.00 19.32 ? 149  ASN A N     1 
ATOM   1155 C CA    . ASN A 1 149 ? 0.815   16.287  -0.861  1.00 20.00 ? 149  ASN A CA    1 
ATOM   1156 C C     . ASN A 1 149 ? -0.519  16.690  -0.290  1.00 19.07 ? 149  ASN A C     1 
ATOM   1157 O O     . ASN A 1 149 ? -0.594  17.143  0.837   1.00 15.92 ? 149  ASN A O     1 
ATOM   1158 C CB    . ASN A 1 149 ? 1.250   17.368  -1.848  1.00 25.08 ? 149  ASN A CB    1 
ATOM   1159 C CG    . ASN A 1 149 ? 2.741   17.377  -2.043  1.00 29.89 ? 149  ASN A CG    1 
ATOM   1160 O OD1   . ASN A 1 149 ? 3.498   17.242  -1.071  1.00 37.50 ? 149  ASN A OD1   1 
ATOM   1161 N ND2   . ASN A 1 149 ? 3.189   17.517  -3.282  1.00 32.70 ? 149  ASN A ND2   1 
ATOM   1162 N N     . ARG A 1 150 ? -1.576  16.511  -1.088  1.00 19.93 ? 150  ARG A N     1 
ATOM   1163 C CA    . ARG A 1 150 ? -2.925  16.822  -0.649  1.00 20.59 ? 150  ARG A CA    1 
ATOM   1164 C C     . ARG A 1 150 ? -3.284  16.089  0.645   1.00 18.79 ? 150  ARG A C     1 
ATOM   1165 O O     . ARG A 1 150 ? -3.832  16.679  1.559   1.00 15.47 ? 150  ARG A O     1 
ATOM   1166 C CB    . ARG A 1 150 ? -3.929  16.465  -1.750  1.00 23.17 ? 150  ARG A CB    1 
ATOM   1167 C CG    . ARG A 1 150 ? -5.390  16.589  -1.330  1.00 27.44 ? 150  ARG A CG    1 
ATOM   1168 C CD    . ARG A 1 150 ? -6.311  16.716  -2.541  1.00 32.66 ? 150  ARG A CD    1 
ATOM   1169 N NE    . ARG A 1 150 ? -7.732  16.678  -2.148  1.00 39.77 ? 150  ARG A NE    1 
ATOM   1170 C CZ    . ARG A 1 150 ? -8.729  16.201  -2.905  1.00 41.50 ? 150  ARG A CZ    1 
ATOM   1171 N NH1   . ARG A 1 150 ? -8.495  15.688  -4.119  1.00 43.07 ? 150  ARG A NH1   1 
ATOM   1172 N NH2   . ARG A 1 150 ? -9.971  16.210  -2.430  1.00 41.62 ? 150  ARG A NH2   1 
ATOM   1173 N N     . ILE A 1 151 ? -2.980  14.789  0.727   1.00 17.58 ? 151  ILE A N     1 
ATOM   1174 C CA    . ILE A 1 151 ? -3.399  14.036  1.921   1.00 17.71 ? 151  ILE A CA    1 
ATOM   1175 C C     . ILE A 1 151 ? -2.420  14.080  3.085   1.00 16.66 ? 151  ILE A C     1 
ATOM   1176 O O     . ILE A 1 151 ? -2.679  13.517  4.136   1.00 16.03 ? 151  ILE A O     1 
ATOM   1177 C CB    . ILE A 1 151 ? -3.781  12.562  1.603   1.00 17.70 ? 151  ILE A CB    1 
ATOM   1178 C CG1   . ILE A 1 151 ? -2.574  11.751  1.137   1.00 17.59 ? 151  ILE A CG1   1 
ATOM   1179 C CG2   . ILE A 1 151 ? -4.888  12.527  0.571   1.00 17.93 ? 151  ILE A CG2   1 
ATOM   1180 C CD1   . ILE A 1 151 ? -2.897  10.282  0.981   1.00 17.76 ? 151  ILE A CD1   1 
ATOM   1181 N N     . GLY A 1 152 ? -1.291  14.745  2.900   1.00 16.33 ? 152  GLY A N     1 
ATOM   1182 C CA    . GLY A 1 152 ? -0.290  14.816  3.942   1.00 16.27 ? 152  GLY A CA    1 
ATOM   1183 C C     . GLY A 1 152 ? 0.465   13.497  4.118   1.00 14.87 ? 152  GLY A C     1 
ATOM   1184 O O     . GLY A 1 152 ? 0.825   13.146  5.216   1.00 14.78 ? 152  GLY A O     1 
ATOM   1185 N N     . ALA A 1 153 ? 0.714   12.777  3.030   1.00 13.66 ? 153  ALA A N     1 
ATOM   1186 C CA    . ALA A 1 153 ? 1.423   11.517  3.122   1.00 14.28 ? 153  ALA A CA    1 
ATOM   1187 C C     . ALA A 1 153 ? 2.876   11.775  3.419   1.00 15.00 ? 153  ALA A C     1 
ATOM   1188 O O     . ALA A 1 153 ? 3.420   12.769  2.989   1.00 15.50 ? 153  ALA A O     1 
ATOM   1189 C CB    . ALA A 1 153 ? 1.313   10.747  1.829   1.00 13.57 ? 153  ALA A CB    1 
ATOM   1190 N N     . PHE A 1 154 ? 3.512   10.840  4.110   1.00 15.48 ? 154  PHE A N     1 
ATOM   1191 C CA    . PHE A 1 154 ? 4.952   10.896  4.359   1.00 15.06 ? 154  PHE A CA    1 
ATOM   1192 C C     . PHE A 1 154 ? 5.744   10.828  3.051   1.00 15.40 ? 154  PHE A C     1 
ATOM   1193 O O     . PHE A 1 154 ? 6.789   11.470  2.904   1.00 15.30 ? 154  PHE A O     1 
ATOM   1194 C CB    . PHE A 1 154 ? 5.362   9.740   5.286   1.00 14.88 ? 154  PHE A CB    1 
ATOM   1195 C CG    . PHE A 1 154 ? 6.811   9.755   5.705   1.00 15.22 ? 154  PHE A CG    1 
ATOM   1196 C CD1   . PHE A 1 154 ? 7.768   9.135   4.932   1.00 15.30 ? 154  PHE A CD1   1 
ATOM   1197 C CD2   . PHE A 1 154 ? 7.206   10.351  6.905   1.00 16.67 ? 154  PHE A CD2   1 
ATOM   1198 C CE1   . PHE A 1 154 ? 9.089   9.104   5.324   1.00 15.78 ? 154  PHE A CE1   1 
ATOM   1199 C CE2   . PHE A 1 154 ? 8.536   10.333  7.303   1.00 16.71 ? 154  PHE A CE2   1 
ATOM   1200 C CZ    . PHE A 1 154 ? 9.473   9.708   6.504   1.00 15.77 ? 154  PHE A CZ    1 
ATOM   1201 N N     . GLY A 1 155 ? 5.264   10.022  2.113   1.00 15.22 ? 155  GLY A N     1 
ATOM   1202 C CA    . GLY A 1 155 ? 5.891   9.936   0.820   1.00 16.15 ? 155  GLY A CA    1 
ATOM   1203 C C     . GLY A 1 155 ? 4.973   9.264   -0.176  1.00 16.76 ? 155  GLY A C     1 
ATOM   1204 O O     . GLY A 1 155 ? 3.916   8.751   0.196   1.00 15.86 ? 155  GLY A O     1 
ATOM   1205 N N     . TYR A 1 156 ? 5.357   9.353   -1.444  1.00 16.11 ? 156  TYR A N     1 
ATOM   1206 C CA    . TYR A 1 156 ? 4.668   8.707   -2.551  1.00 17.34 ? 156  TYR A CA    1 
ATOM   1207 C C     . TYR A 1 156 ? 5.621   7.716   -3.205  1.00 18.38 ? 156  TYR A C     1 
ATOM   1208 O O     . TYR A 1 156 ? 6.792   8.031   -3.427  1.00 18.56 ? 156  TYR A O     1 
ATOM   1209 C CB    . TYR A 1 156 ? 4.253   9.737   -3.608  1.00 17.31 ? 156  TYR A CB    1 
ATOM   1210 C CG    . TYR A 1 156 ? 3.595   9.104   -4.820  1.00 17.93 ? 156  TYR A CG    1 
ATOM   1211 C CD1   . TYR A 1 156 ? 2.450   8.333   -4.678  1.00 18.44 ? 156  TYR A CD1   1 
ATOM   1212 C CD2   . TYR A 1 156 ? 4.116   9.285   -6.110  1.00 19.09 ? 156  TYR A CD2   1 
ATOM   1213 C CE1   . TYR A 1 156 ? 1.845   7.743   -5.766  1.00 18.79 ? 156  TYR A CE1   1 
ATOM   1214 C CE2   . TYR A 1 156 ? 3.512   8.708   -7.211  1.00 18.53 ? 156  TYR A CE2   1 
ATOM   1215 C CZ    . TYR A 1 156 ? 2.377   7.944   -7.038  1.00 18.72 ? 156  TYR A CZ    1 
ATOM   1216 O OH    . TYR A 1 156 ? 1.768   7.349   -8.104  1.00 17.68 ? 156  TYR A OH    1 
ATOM   1217 N N     . MET A 1 157 ? 5.141   6.519   -3.497  1.00 17.71 ? 157  MET A N     1 
ATOM   1218 C CA    . MET A 1 157 ? 5.974   5.536   -4.175  1.00 19.51 ? 157  MET A CA    1 
ATOM   1219 C C     . MET A 1 157 ? 5.113   4.836   -5.182  1.00 18.65 ? 157  MET A C     1 
ATOM   1220 O O     . MET A 1 157 ? 3.949   4.519   -4.895  1.00 16.70 ? 157  MET A O     1 
ATOM   1221 C CB    . MET A 1 157 ? 6.501   4.472   -3.203  1.00 21.03 ? 157  MET A CB    1 
ATOM   1222 C CG    . MET A 1 157 ? 7.612   4.933   -2.277  1.00 24.74 ? 157  MET A CG    1 
ATOM   1223 S SD    . MET A 1 157 ? 9.195   5.356   -3.054  1.00 31.46 ? 157  MET A SD    1 
ATOM   1224 C CE    . MET A 1 157 ? 9.393   4.100   -4.331  1.00 31.70 ? 157  MET A CE    1 
ATOM   1225 N N     . GLU A 1 158 ? 5.700   4.539   -6.337  1.00 16.68 ? 158  GLU A N     1 
ATOM   1226 C CA    . GLU A 1 158 ? 5.048   3.696   -7.336  1.00 16.31 ? 158  GLU A CA    1 
ATOM   1227 C C     . GLU A 1 158 ? 5.729   2.356   -7.374  1.00 16.53 ? 158  GLU A C     1 
ATOM   1228 O O     . GLU A 1 158 ? 6.938   2.261   -7.142  1.00 16.60 ? 158  GLU A O     1 
ATOM   1229 C CB    . GLU A 1 158 ? 5.083   4.329   -8.738  1.00 18.20 ? 158  GLU A CB    1 
ATOM   1230 C CG    . GLU A 1 158 ? 4.339   5.642   -8.802  1.00 18.32 ? 158  GLU A CG    1 
ATOM   1231 C CD    . GLU A 1 158 ? 4.055   6.133   -10.209 1.00 20.07 ? 158  GLU A CD    1 
ATOM   1232 O OE1   . GLU A 1 158 ? 4.762   5.713   -11.151 1.00 19.74 ? 158  GLU A OE1   1 
ATOM   1233 O OE2   . GLU A 1 158 ? 3.109   6.949   -10.348 1.00 19.50 ? 158  GLU A OE2   1 
ATOM   1234 N N     . CYS A 1 159 ? 4.968   1.304   -7.641  1.00 16.23 ? 159  CYS A N     1 
ATOM   1235 C CA    . CYS A 1 159 ? 5.565   -0.045  -7.738  1.00 16.90 ? 159  CYS A CA    1 
ATOM   1236 C C     . CYS A 1 159 ? 4.794   -0.998  -8.603  1.00 16.23 ? 159  CYS A C     1 
ATOM   1237 O O     . CYS A 1 159 ? 3.711   -0.703  -9.056  1.00 17.69 ? 159  CYS A O     1 
ATOM   1238 C CB    . CYS A 1 159 ? 5.753   -0.673  -6.363  1.00 16.14 ? 159  CYS A CB    1 
ATOM   1239 S SG    . CYS A 1 159 ? 4.201   -1.079  -5.559  1.00 16.07 ? 159  CYS A SG    1 
ATOM   1240 N N     . SER A 1 160 ? 5.419   -2.128  -8.879  1.00 17.97 ? 160  SER A N     1 
ATOM   1241 C CA    . SER A 1 160 ? 4.796   -3.227  -9.593  1.00 18.29 ? 160  SER A CA    1 
ATOM   1242 C C     . SER A 1 160 ? 5.104   -4.508  -8.875  1.00 19.30 ? 160  SER A C     1 
ATOM   1243 O O     . SER A 1 160 ? 6.277   -4.886  -8.774  1.00 19.60 ? 160  SER A O     1 
ATOM   1244 C CB    . SER A 1 160 ? 5.399   -3.347  -11.006 1.00 20.35 ? 160  SER A CB    1 
ATOM   1245 O OG    . SER A 1 160 ? 4.844   -4.473  -11.674 1.00 19.25 ? 160  SER A OG    1 
ATOM   1246 N N     . ALA A 1 161 ? 4.062   -5.194  -8.416  1.00 18.68 ? 161  ALA A N     1 
ATOM   1247 C CA    . ALA A 1 161 ? 4.209   -6.495  -7.801  1.00 19.78 ? 161  ALA A CA    1 
ATOM   1248 C C     . ALA A 1 161 ? 4.562   -7.519  -8.864  1.00 20.36 ? 161  ALA A C     1 
ATOM   1249 O O     . ALA A 1 161 ? 5.261   -8.477  -8.588  1.00 19.10 ? 161  ALA A O     1 
ATOM   1250 C CB    . ALA A 1 161 ? 2.937   -6.903  -7.096  1.00 19.39 ? 161  ALA A CB    1 
ATOM   1251 N N     . LYS A 1 162 ? 4.108   -7.298  -10.086 1.00 22.73 ? 162  LYS A N     1 
ATOM   1252 C CA    . LYS A 1 162 ? 4.490   -8.164  -11.229 1.00 24.93 ? 162  LYS A CA    1 
ATOM   1253 C C     . LYS A 1 162 ? 5.989   -8.165  -11.563 1.00 25.02 ? 162  LYS A C     1 
ATOM   1254 O O     . LYS A 1 162 ? 6.616   -9.226  -11.618 1.00 24.96 ? 162  LYS A O     1 
ATOM   1255 C CB    . LYS A 1 162 ? 3.660   -7.796  -12.456 1.00 29.02 ? 162  LYS A CB    1 
ATOM   1256 C CG    . LYS A 1 162 ? 3.717   -8.810  -13.604 1.00 32.40 ? 162  LYS A CG    1 
ATOM   1257 C CD    . LYS A 1 162 ? 2.382   -8.789  -14.346 1.00 36.32 ? 162  LYS A CD    1 
ATOM   1258 C CE    . LYS A 1 162 ? 2.335   -9.681  -15.569 1.00 39.95 ? 162  LYS A CE    1 
ATOM   1259 N NZ    . LYS A 1 162 ? 3.209   -9.117  -16.629 1.00 42.91 ? 162  LYS A NZ    1 
ATOM   1260 N N     . THR A 1 163 ? 6.569   -6.994  -11.792 1.00 24.30 ? 163  THR A N     1 
ATOM   1261 C CA    . THR A 1 163 ? 7.993   -6.887  -12.099 1.00 24.73 ? 163  THR A CA    1 
ATOM   1262 C C     . THR A 1 163 ? 8.878   -6.821  -10.862 1.00 24.20 ? 163  THR A C     1 
ATOM   1263 O O     . THR A 1 163 ? 10.083  -7.024  -10.961 1.00 21.76 ? 163  THR A O     1 
ATOM   1264 C CB    . THR A 1 163 ? 8.297   -5.662  -12.974 1.00 26.35 ? 163  THR A CB    1 
ATOM   1265 O OG1   . THR A 1 163 ? 8.052   -4.468  -12.233 1.00 26.40 ? 163  THR A OG1   1 
ATOM   1266 C CG2   . THR A 1 163 ? 7.432   -5.667  -14.256 1.00 28.76 ? 163  THR A CG2   1 
ATOM   1267 N N     . LYS A 1 164 ? 8.271   -6.480  -9.718  1.00 23.78 ? 164  LYS A N     1 
ATOM   1268 C CA    . LYS A 1 164 ? 8.928   -6.274  -8.428  1.00 23.60 ? 164  LYS A CA    1 
ATOM   1269 C C     . LYS A 1 164 ? 9.575   -4.896  -8.248  1.00 23.92 ? 164  LYS A C     1 
ATOM   1270 O O     . LYS A 1 164 ? 10.005  -4.542  -7.139  1.00 23.70 ? 164  LYS A O     1 
ATOM   1271 C CB    . LYS A 1 164 ? 9.930   -7.377  -8.091  1.00 30.07 ? 164  LYS A CB    1 
ATOM   1272 C CG    . LYS A 1 164 ? 9.330   -8.777  -8.060  1.00 33.15 ? 164  LYS A CG    1 
ATOM   1273 C CD    . LYS A 1 164 ? 10.295  -9.754  -7.393  1.00 38.93 ? 164  LYS A CD    1 
ATOM   1274 C CE    . LYS A 1 164 ? 11.595  -9.882  -8.179  1.00 42.66 ? 164  LYS A CE    1 
ATOM   1275 N NZ    . LYS A 1 164 ? 12.385  -11.112 -7.843  1.00 47.34 ? 164  LYS A NZ    1 
ATOM   1276 N N     . ASP A 1 165 ? 9.636   -4.115  -9.320  1.00 22.52 ? 165  ASP A N     1 
ATOM   1277 C CA    . ASP A 1 165 ? 10.249  -2.791  -9.302  1.00 24.55 ? 165  ASP A CA    1 
ATOM   1278 C C     . ASP A 1 165 ? 9.521   -1.898  -8.277  1.00 20.57 ? 165  ASP A C     1 
ATOM   1279 O O     . ASP A 1 165 ? 8.289   -1.847  -8.227  1.00 18.59 ? 165  ASP A O     1 
ATOM   1280 C CB    . ASP A 1 165 ? 10.206  -2.215  -10.726 1.00 29.00 ? 165  ASP A CB    1 
ATOM   1281 C CG    . ASP A 1 165 ? 10.459  -0.724  -10.793 1.00 34.44 ? 165  ASP A CG    1 
ATOM   1282 O OD1   . ASP A 1 165 ? 11.533  -0.251  -10.331 1.00 38.72 ? 165  ASP A OD1   1 
ATOM   1283 O OD2   . ASP A 1 165 ? 9.576   -0.025  -11.358 1.00 40.96 ? 165  ASP A OD2   1 
ATOM   1284 N N     . GLY A 1 166 ? 10.317  -1.245  -7.448  1.00 19.41 ? 166  GLY A N     1 
ATOM   1285 C CA    . GLY A 1 166 ? 9.859   -0.330  -6.427  1.00 18.62 ? 166  GLY A CA    1 
ATOM   1286 C C     . GLY A 1 166 ? 9.352   -0.968  -5.147  1.00 18.07 ? 166  GLY A C     1 
ATOM   1287 O O     . GLY A 1 166 ? 9.155   -0.262  -4.158  1.00 16.22 ? 166  GLY A O     1 
ATOM   1288 N N     . VAL A 1 167 ? 9.145   -2.286  -5.140  1.00 16.47 ? 167  VAL A N     1 
ATOM   1289 C CA    . VAL A 1 167 ? 8.559   -2.932  -3.956  1.00 16.55 ? 167  VAL A CA    1 
ATOM   1290 C C     . VAL A 1 167 ? 9.441   -2.753  -2.724  1.00 15.99 ? 167  VAL A C     1 
ATOM   1291 O O     . VAL A 1 167 ? 8.964   -2.310  -1.678  1.00 15.46 ? 167  VAL A O     1 
ATOM   1292 C CB    . VAL A 1 167 ? 8.225   -4.422  -4.221  1.00 15.75 ? 167  VAL A CB    1 
ATOM   1293 C CG1   . VAL A 1 167 ? 7.847   -5.146  -2.939  1.00 16.14 ? 167  VAL A CG1   1 
ATOM   1294 C CG2   . VAL A 1 167 ? 7.097   -4.512  -5.230  1.00 15.82 ? 167  VAL A CG2   1 
ATOM   1295 N N     . ARG A 1 168 ? 10.713  -3.126  -2.827  1.00 16.44 ? 168  ARG A N     1 
ATOM   1296 C CA    . ARG A 1 168 ? 11.656  -2.952  -1.730  1.00 18.50 ? 168  ARG A CA    1 
ATOM   1297 C C     . ARG A 1 168 ? 11.590  -1.549  -1.104  1.00 17.35 ? 168  ARG A C     1 
ATOM   1298 O O     . ARG A 1 168 ? 11.524  -1.389  0.114   1.00 16.90 ? 168  ARG A O     1 
ATOM   1299 C CB    . ARG A 1 168 ? 13.086  -3.222  -2.236  1.00 20.43 ? 168  ARG A CB    1 
ATOM   1300 C CG    . ARG A 1 168 ? 14.182  -3.053  -1.191  1.00 22.73 ? 168  ARG A CG    1 
ATOM   1301 C CD    . ARG A 1 168 ? 14.038  -4.076  -0.055  1.00 25.59 ? 168  ARG A CD    1 
ATOM   1302 N NE    . ARG A 1 168 ? 14.761  -3.673  1.158   1.00 26.84 ? 168  ARG A NE    1 
ATOM   1303 C CZ    . ARG A 1 168 ? 14.944  -4.428  2.247   1.00 25.83 ? 168  ARG A CZ    1 
ATOM   1304 N NH1   . ARG A 1 168 ? 14.461  -5.680  2.329   1.00 27.51 ? 168  ARG A NH1   1 
ATOM   1305 N NH2   . ARG A 1 168 ? 15.639  -3.931  3.254   1.00 24.30 ? 168  ARG A NH2   1 
ATOM   1306 N N     . GLU A 1 169 ? 11.595  -0.542  -1.961  1.00 17.11 ? 169  GLU A N     1 
ATOM   1307 C CA    . GLU A 1 169 ? 11.662  0.849   -1.535  1.00 18.12 ? 169  GLU A CA    1 
ATOM   1308 C C     . GLU A 1 169 ? 10.378  1.293   -0.806  1.00 16.05 ? 169  GLU A C     1 
ATOM   1309 O O     . GLU A 1 169 ? 10.438  2.105   0.110   1.00 15.42 ? 169  GLU A O     1 
ATOM   1310 C CB    . GLU A 1 169 ? 11.917  1.733   -2.756  1.00 20.18 ? 169  GLU A CB    1 
ATOM   1311 C CG    . GLU A 1 169 ? 13.303  1.519   -3.389  1.00 22.74 ? 169  GLU A CG    1 
ATOM   1312 C CD    . GLU A 1 169 ? 13.400  0.403   -4.449  1.00 24.96 ? 169  GLU A CD    1 
ATOM   1313 O OE1   . GLU A 1 169 ? 12.478  -0.419  -4.633  1.00 23.06 ? 169  GLU A OE1   1 
ATOM   1314 O OE2   . GLU A 1 169 ? 14.456  0.345   -5.107  1.00 30.35 ? 169  GLU A OE2   1 
ATOM   1315 N N     . VAL A 1 170 ? 9.239   0.741   -1.208  1.00 14.09 ? 170  VAL A N     1 
ATOM   1316 C CA    . VAL A 1 170 ? 7.971   0.980   -0.494  1.00 13.70 ? 170  VAL A CA    1 
ATOM   1317 C C     . VAL A 1 170 ? 8.099   0.578   0.974   1.00 13.46 ? 170  VAL A C     1 
ATOM   1318 O O     . VAL A 1 170 ? 7.787   1.358   1.863   1.00 12.67 ? 170  VAL A O     1 
ATOM   1319 C CB    . VAL A 1 170 ? 6.801   0.229   -1.125  1.00 13.80 ? 170  VAL A CB    1 
ATOM   1320 C CG1   . VAL A 1 170 ? 5.596   0.244   -0.179  1.00 14.21 ? 170  VAL A CG1   1 
ATOM   1321 C CG2   . VAL A 1 170 ? 6.436   0.826   -2.488  1.00 13.67 ? 170  VAL A CG2   1 
ATOM   1322 N N     . PHE A 1 171 ? 8.596   -0.630  1.224   1.00 13.21 ? 171  PHE A N     1 
ATOM   1323 C CA    . PHE A 1 171 ? 8.720   -1.122  2.584   1.00 13.43 ? 171  PHE A CA    1 
ATOM   1324 C C     . PHE A 1 171 ? 9.849   -0.475  3.387   1.00 13.43 ? 171  PHE A C     1 
ATOM   1325 O O     . PHE A 1 171 ? 9.679   -0.263  4.578   1.00 14.54 ? 171  PHE A O     1 
ATOM   1326 C CB    . PHE A 1 171 ? 8.783   -2.667  2.574   1.00 13.62 ? 171  PHE A CB    1 
ATOM   1327 C CG    . PHE A 1 171 ? 7.467   -3.268  2.213   1.00 13.99 ? 171  PHE A CG    1 
ATOM   1328 C CD1   . PHE A 1 171 ? 7.106   -3.434  0.890   1.00 14.50 ? 171  PHE A CD1   1 
ATOM   1329 C CD2   . PHE A 1 171 ? 6.555   -3.587  3.204   1.00 14.55 ? 171  PHE A CD2   1 
ATOM   1330 C CE1   . PHE A 1 171 ? 5.844   -3.927  0.552   1.00 15.22 ? 171  PHE A CE1   1 
ATOM   1331 C CE2   . PHE A 1 171 ? 5.298   -4.059  2.886   1.00 14.36 ? 171  PHE A CE2   1 
ATOM   1332 C CZ    . PHE A 1 171 ? 4.951   -4.256  1.566   1.00 15.69 ? 171  PHE A CZ    1 
ATOM   1333 N N     . GLU A 1 172 ? 10.953  -0.111  2.741   1.00 14.02 ? 172  GLU A N     1 
ATOM   1334 C CA    . GLU A 1 172 ? 11.997  0.692   3.384   1.00 15.54 ? 172  GLU A CA    1 
ATOM   1335 C C     . GLU A 1 172 ? 11.468  2.028   3.864   1.00 14.50 ? 172  GLU A C     1 
ATOM   1336 O O     . GLU A 1 172 ? 11.714  2.423   5.017   1.00 14.29 ? 172  GLU A O     1 
ATOM   1337 C CB    . GLU A 1 172 ? 13.213  0.903   2.464   1.00 17.44 ? 172  GLU A CB    1 
ATOM   1338 C CG    . GLU A 1 172 ? 13.993  -0.390  2.308   1.00 21.43 ? 172  GLU A CG    1 
ATOM   1339 C CD    . GLU A 1 172 ? 15.277  -0.250  1.492   1.00 25.92 ? 172  GLU A CD    1 
ATOM   1340 O OE1   . GLU A 1 172 ? 15.413  0.728   0.750   1.00 30.25 ? 172  GLU A OE1   1 
ATOM   1341 O OE2   . GLU A 1 172 ? 16.123  -1.162  1.553   1.00 30.17 ? 172  GLU A OE2   1 
ATOM   1342 N N     . MET A 1 173 ? 10.746  2.725   2.991   1.00 14.67 ? 173  MET A N     1 
ATOM   1343 C CA    . MET A 1 173 ? 10.154  4.009   3.362   1.00 14.07 ? 173  MET A CA    1 
ATOM   1344 C C     . MET A 1 173 ? 9.143   3.848   4.495   1.00 13.50 ? 173  MET A C     1 
ATOM   1345 O O     . MET A 1 173 ? 9.152   4.638   5.452   1.00 13.64 ? 173  MET A O     1 
ATOM   1346 C CB    . MET A 1 173 ? 9.514   4.680   2.147   1.00 14.46 ? 173  MET A CB    1 
ATOM   1347 C CG    . MET A 1 173 ? 8.914   6.051   2.473   1.00 15.18 ? 173  MET A CG    1 
ATOM   1348 S SD    . MET A 1 173 ? 8.169   6.905   1.061   1.00 16.85 ? 173  MET A SD    1 
ATOM   1349 C CE    . MET A 1 173 ? 9.567   7.256   0.009   1.00 17.51 ? 173  MET A CE    1 
ATOM   1350 N N     . ALA A 1 174 ? 8.266   2.836   4.384   1.00 12.93 ? 174  ALA A N     1 
ATOM   1351 C CA    . ALA A 1 174 ? 7.292   2.550   5.450   1.00 12.72 ? 174  ALA A CA    1 
ATOM   1352 C C     . ALA A 1 174 ? 8.012   2.300   6.750   1.00 12.57 ? 174  ALA A C     1 
ATOM   1353 O O     . ALA A 1 174 ? 7.579   2.785   7.793   1.00 12.55 ? 174  ALA A O     1 
ATOM   1354 C CB    . ALA A 1 174 ? 6.393   1.356   5.121   1.00 12.20 ? 174  ALA A CB    1 
ATOM   1355 N N     . THR A 1 175 ? 9.093   1.536   6.708   1.00 12.79 ? 175  THR A N     1 
ATOM   1356 C CA    . THR A 1 175 ? 9.842   1.243   7.947   1.00 13.38 ? 175  THR A CA    1 
ATOM   1357 C C     . THR A 1 175 ? 10.463  2.506   8.555   1.00 13.64 ? 175  THR A C     1 
ATOM   1358 O O     . THR A 1 175 ? 10.340  2.746   9.771   1.00 13.49 ? 175  THR A O     1 
ATOM   1359 C CB    . THR A 1 175 ? 10.899  0.169   7.693   1.00 13.56 ? 175  THR A CB    1 
ATOM   1360 O OG1   . THR A 1 175 ? 10.246  -0.998  7.191   1.00 14.36 ? 175  THR A OG1   1 
ATOM   1361 C CG2   . THR A 1 175 ? 11.688  -0.195  8.948   1.00 13.94 ? 175  THR A CG2   1 
ATOM   1362 N N     . ARG A 1 176 ? 11.107  3.325   7.721   1.00 14.25 ? 176  ARG A N     1 
ATOM   1363 C CA    . ARG A 1 176 ? 11.686  4.576   8.221   1.00 14.22 ? 176  ARG A CA    1 
ATOM   1364 C C     . ARG A 1 176 ? 10.613  5.445   8.864   1.00 13.05 ? 176  ARG A C     1 
ATOM   1365 O O     . ARG A 1 176 ? 10.805  5.965   9.946   1.00 13.85 ? 176  ARG A O     1 
ATOM   1366 C CB    . ARG A 1 176 ? 12.375  5.340   7.104   1.00 16.21 ? 176  ARG A CB    1 
ATOM   1367 C CG    . ARG A 1 176 ? 13.677  4.709   6.677   1.00 17.57 ? 176  ARG A CG    1 
ATOM   1368 C CD    . ARG A 1 176 ? 14.351  5.533   5.600   1.00 19.03 ? 176  ARG A CD    1 
ATOM   1369 N NE    . ARG A 1 176 ? 15.491  4.792   5.104   1.00 21.18 ? 176  ARG A NE    1 
ATOM   1370 C CZ    . ARG A 1 176 ? 15.645  4.317   3.865   1.00 21.50 ? 176  ARG A CZ    1 
ATOM   1371 N NH1   . ARG A 1 176 ? 14.751  4.534   2.906   1.00 22.67 ? 176  ARG A NH1   1 
ATOM   1372 N NH2   . ARG A 1 176 ? 16.750  3.642   3.585   1.00 21.11 ? 176  ARG A NH2   1 
ATOM   1373 N N     . ALA A 1 177 ? 9.472   5.577   8.191   1.00 13.36 ? 177  ALA A N     1 
ATOM   1374 C CA    . ALA A 1 177 ? 8.364   6.372   8.699   1.00 13.06 ? 177  ALA A CA    1 
ATOM   1375 C C     . ALA A 1 177 ? 7.841   5.863   10.047  1.00 13.17 ? 177  ALA A C     1 
ATOM   1376 O O     . ALA A 1 177 ? 7.537   6.654   10.959  1.00 13.06 ? 177  ALA A O     1 
ATOM   1377 C CB    . ALA A 1 177 ? 7.245   6.417   7.665   1.00 13.49 ? 177  ALA A CB    1 
ATOM   1378 N N     . ALA A 1 178 ? 7.719   4.546   10.171  1.00 12.58 ? 178  ALA A N     1 
ATOM   1379 C CA    . ALA A 1 178 ? 7.265   3.935   11.418  1.00 13.62 ? 178  ALA A CA    1 
ATOM   1380 C C     . ALA A 1 178 ? 8.256   4.188   12.578  1.00 13.96 ? 178  ALA A C     1 
ATOM   1381 O O     . ALA A 1 178 ? 7.880   4.388   13.716  1.00 14.23 ? 178  ALA A O     1 
ATOM   1382 C CB    . ALA A 1 178 ? 7.069   2.458   11.208  1.00 14.56 ? 178  ALA A CB    1 
ATOM   1383 N N     . LEU A 1 179 ? 9.538   4.157   12.258  1.00 15.28 ? 179  LEU A N     1 
ATOM   1384 C CA    . LEU A 1 179 ? 10.598  4.457   13.199  1.00 16.04 ? 179  LEU A CA    1 
ATOM   1385 C C     . LEU A 1 179 ? 10.646  5.919   13.614  1.00 16.67 ? 179  LEU A C     1 
ATOM   1386 O O     . LEU A 1 179 ? 10.967  6.236   14.766  1.00 16.55 ? 179  LEU A O     1 
ATOM   1387 C CB    . LEU A 1 179 ? 11.921  4.085   12.543  1.00 16.56 ? 179  LEU A CB    1 
ATOM   1388 C CG    . LEU A 1 179 ? 12.627  2.791   12.869  1.00 17.95 ? 179  LEU A CG    1 
ATOM   1389 C CD1   . LEU A 1 179 ? 11.889  1.815   13.763  1.00 19.46 ? 179  LEU A CD1   1 
ATOM   1390 C CD2   . LEU A 1 179 ? 13.316  2.152   11.661  1.00 17.31 ? 179  LEU A CD2   1 
ATOM   1391 N N     . GLN A 1 180 ? 10.342  6.800   12.669  1.00 15.59 ? 180  GLN A N     1 
ATOM   1392 C CA    . GLN A 1 180 ? 10.478  8.230   12.873  1.00 16.03 ? 180  GLN A CA    1 
ATOM   1393 C C     . GLN A 1 180 ? 9.155   8.941   13.151  1.00 17.92 ? 180  GLN A C     1 
ATOM   1394 O O     . GLN A 1 180 ? 9.254   10.087  13.621  1.00 18.76 ? 180  GLN A O     1 
ATOM   1395 C CB    . GLN A 1 180 ? 11.098  8.860   11.632  1.00 15.25 ? 180  GLN A CB    1 
ATOM   1396 C CG    . GLN A 1 180 ? 12.485  8.347   11.312  1.00 15.45 ? 180  GLN A CG    1 
ATOM   1397 C CD    . GLN A 1 180 ? 13.058  8.985   10.061  1.00 15.40 ? 180  GLN A CD    1 
ATOM   1398 O OE1   . GLN A 1 180 ? 12.322  9.298   9.099   1.00 16.63 ? 180  GLN A OE1   1 
ATOM   1399 N NE2   . GLN A 1 180 ? 14.376  9.163   10.046  1.00 15.29 ? 180  GLN A NE2   1 
HETATM 1400 P PB    . GDP B 2 .   ? -6.420  -6.741  -3.567  1.00 19.59 ? 200  GDP A PB    1 
HETATM 1401 O O1B   . GDP B 2 .   ? -7.864  -6.987  -3.884  1.00 19.39 ? 200  GDP A O1B   1 
HETATM 1402 O O2B   . GDP B 2 .   ? -6.111  -5.321  -3.254  1.00 18.63 ? 200  GDP A O2B   1 
HETATM 1403 O O3B   . GDP B 2 .   ? -5.812  -7.711  -2.595  1.00 21.39 ? 200  GDP A O3B   1 
HETATM 1404 O O3A   . GDP B 2 .   ? -5.619  -6.986  -4.914  1.00 20.88 ? 200  GDP A O3A   1 
HETATM 1405 P PA    . GDP B 2 .   ? -4.693  -8.359  -5.166  1.00 25.69 ? 200  GDP A PA    1 
HETATM 1406 O O1A   . GDP B 2 .   ? -3.267  -8.313  -4.685  1.00 20.35 ? 200  GDP A O1A   1 
HETATM 1407 O O2A   . GDP B 2 .   ? -5.492  -9.589  -4.795  1.00 24.46 ? 200  GDP A O2A   1 
HETATM 1408 O "O5'" . GDP B 2 .   ? -4.513  -8.129  -6.789  1.00 27.50 ? 200  GDP A "O5'" 1 
HETATM 1409 C "C5'" . GDP B 2 .   ? -5.656  -7.947  -7.655  1.00 29.30 ? 200  GDP A "C5'" 1 
HETATM 1410 C "C4'" . GDP B 2 .   ? -5.405  -8.411  -9.114  1.00 30.88 ? 200  GDP A "C4'" 1 
HETATM 1411 O "O4'" . GDP B 2 .   ? -4.391  -7.595  -9.735  1.00 31.30 ? 200  GDP A "O4'" 1 
HETATM 1412 C "C3'" . GDP B 2 .   ? -4.900  -9.849  -9.254  1.00 31.88 ? 200  GDP A "C3'" 1 
HETATM 1413 O "O3'" . GDP B 2 .   ? -5.348  -10.419 -10.498 1.00 30.93 ? 200  GDP A "O3'" 1 
HETATM 1414 C "C2'" . GDP B 2 .   ? -3.399  -9.648  -9.277  1.00 31.78 ? 200  GDP A "C2'" 1 
HETATM 1415 O "O2'" . GDP B 2 .   ? -2.660  -10.710 -9.848  1.00 31.87 ? 200  GDP A "O2'" 1 
HETATM 1416 C "C1'" . GDP B 2 .   ? -3.265  -8.381  -10.104 1.00 29.78 ? 200  GDP A "C1'" 1 
HETATM 1417 N N9    . GDP B 2 .   ? -2.065  -7.614  -9.734  1.00 29.37 ? 200  GDP A N9    1 
HETATM 1418 C C8    . GDP B 2 .   ? -1.628  -7.365  -8.469  1.00 26.50 ? 200  GDP A C8    1 
HETATM 1419 N N7    . GDP B 2 .   ? -0.516  -6.603  -8.511  1.00 23.98 ? 200  GDP A N7    1 
HETATM 1420 C C5    . GDP B 2 .   ? -0.230  -6.369  -9.806  1.00 26.69 ? 200  GDP A C5    1 
HETATM 1421 C C6    . GDP B 2 .   ? 0.813   -5.638  -10.580 1.00 26.03 ? 200  GDP A C6    1 
HETATM 1422 O O6    . GDP B 2 .   ? 1.745   -5.033  -10.023 1.00 25.76 ? 200  GDP A O6    1 
HETATM 1423 N N1    . GDP B 2 .   ? 0.721   -5.601  -11.910 1.00 26.02 ? 200  GDP A N1    1 
HETATM 1424 C C2    . GDP B 2 .   ? -0.255  -6.244  -12.574 1.00 26.87 ? 200  GDP A C2    1 
HETATM 1425 N N2    . GDP B 2 .   ? -0.247  -6.198  -13.919 1.00 25.67 ? 200  GDP A N2    1 
HETATM 1426 N N3    . GDP B 2 .   ? -1.233  -6.937  -11.953 1.00 27.64 ? 200  GDP A N3    1 
HETATM 1427 C C4    . GDP B 2 .   ? -1.265  -7.027  -10.604 1.00 26.70 ? 200  GDP A C4    1 
HETATM 1428 S S     . SO4 C 3 .   ? -19.991 -4.363  8.308   1.00 25.02 ? 1181 SO4 A S     1 
HETATM 1429 O O1    . SO4 C 3 .   ? -20.680 -3.063  8.180   1.00 25.84 ? 1181 SO4 A O1    1 
HETATM 1430 O O2    . SO4 C 3 .   ? -18.562 -4.135  8.604   1.00 22.34 ? 1181 SO4 A O2    1 
HETATM 1431 O O3    . SO4 C 3 .   ? -20.078 -5.091  7.044   1.00 24.87 ? 1181 SO4 A O3    1 
HETATM 1432 O O4    . SO4 C 3 .   ? -20.573 -5.135  9.399   1.00 25.66 ? 1181 SO4 A O4    1 
HETATM 1433 C C1    . NDG D 4 .   ? 0.789   -20.961 0.677   1.00 17.69 ? 2501 NDG A C1    1 
HETATM 1434 C C2    . NDG D 4 .   ? -0.685  -21.184 0.908   1.00 17.72 ? 2501 NDG A C2    1 
HETATM 1435 C C3    . NDG D 4 .   ? -1.174  -22.165 -0.170  1.00 18.07 ? 2501 NDG A C3    1 
HETATM 1436 C C4    . NDG D 4 .   ? -0.838  -21.698 -1.577  1.00 18.99 ? 2501 NDG A C4    1 
HETATM 1437 C C5    . NDG D 4 .   ? 0.649   -21.406 -1.682  1.00 19.88 ? 2501 NDG A C5    1 
HETATM 1438 C C6    . NDG D 4 .   ? 1.029   -20.754 -2.999  1.00 21.19 ? 2501 NDG A C6    1 
HETATM 1439 C C7    . NDG D 4 .   ? -1.428  -20.800 3.190   1.00 16.93 ? 2501 NDG A C7    1 
HETATM 1440 C C8    . NDG D 4 .   ? -1.690  -21.368 4.546   1.00 17.31 ? 2501 NDG A C8    1 
HETATM 1441 O O5    . NDG D 4 .   ? 1.000   -20.507 -0.661  1.00 19.64 ? 2501 NDG A O5    1 
HETATM 1442 O O3    . NDG D 4 .   ? -2.571  -22.334 -0.119  1.00 17.96 ? 2501 NDG A O3    1 
HETATM 1443 O O4    . NDG D 4 .   ? -1.151  -22.736 -2.499  1.00 19.65 ? 2501 NDG A O4    1 
HETATM 1444 O O6    . NDG D 4 .   ? 2.405   -20.442 -2.915  1.00 23.97 ? 2501 NDG A O6    1 
HETATM 1445 O O7    . NDG D 4 .   ? -1.666  -19.599 2.978   1.00 16.04 ? 2501 NDG A O7    1 
HETATM 1446 N N2    . NDG D 4 .   ? -0.954  -21.648 2.266   1.00 16.05 ? 2501 NDG A N2    1 
HETATM 1447 O O     . HOH E 5 .   ? 8.633   -2.623  19.491  1.00 30.36 ? 2001 HOH A O     1 
HETATM 1448 O O     . HOH E 5 .   ? 2.578   -8.258  16.952  1.00 25.23 ? 2002 HOH A O     1 
HETATM 1449 O O     . HOH E 5 .   ? 2.881   -5.183  15.996  1.00 26.23 ? 2003 HOH A O     1 
HETATM 1450 O O     . HOH E 5 .   ? 5.777   3.947   15.944  1.00 15.46 ? 2004 HOH A O     1 
HETATM 1451 O O     . HOH E 5 .   ? 10.329  4.228   16.713  1.00 18.03 ? 2005 HOH A O     1 
HETATM 1452 O O     . HOH E 5 .   ? -3.577  -5.453  16.746  1.00 22.75 ? 2006 HOH A O     1 
HETATM 1453 O O     . HOH E 5 .   ? -7.771  2.825   -3.457  1.00 11.86 ? 2007 HOH A O     1 
HETATM 1454 O O     . HOH E 5 .   ? -13.314 0.643   -1.642  1.00 28.25 ? 2008 HOH A O     1 
HETATM 1455 O O     . HOH E 5 .   ? -12.246 1.010   -7.274  1.00 30.11 ? 2009 HOH A O     1 
HETATM 1456 O O     . HOH E 5 .   ? -8.475  -1.539  -8.080  1.00 33.45 ? 2010 HOH A O     1 
HETATM 1457 O O     . HOH E 5 .   ? 0.380   -4.871  -6.408  1.00 22.31 ? 2011 HOH A O     1 
HETATM 1458 O O     . HOH E 5 .   ? -6.414  -11.257 -0.739  1.00 22.69 ? 2012 HOH A O     1 
HETATM 1459 O O     . HOH E 5 .   ? 9.632   -11.521 -4.161  1.00 24.19 ? 2013 HOH A O     1 
HETATM 1460 O O     . HOH E 5 .   ? 11.777  -8.726  2.091   1.00 17.92 ? 2014 HOH A O     1 
HETATM 1461 O O     . HOH E 5 .   ? 11.217  -15.380 1.962   1.00 20.10 ? 2015 HOH A O     1 
HETATM 1462 O O     . HOH E 5 .   ? 8.875   -13.949 8.476   1.00 25.17 ? 2016 HOH A O     1 
HETATM 1463 O O     . HOH E 5 .   ? -14.300 0.795   15.477  1.00 26.06 ? 2017 HOH A O     1 
HETATM 1464 O O     . HOH E 5 .   ? -10.331 2.606   17.068  1.00 22.35 ? 2018 HOH A O     1 
HETATM 1465 O O     . HOH E 5 .   ? -11.340 -0.964  18.066  1.00 16.83 ? 2019 HOH A O     1 
HETATM 1466 O O     . HOH E 5 .   ? -12.266 -5.080  18.894  1.00 21.46 ? 2020 HOH A O     1 
HETATM 1467 O O     . HOH E 5 .   ? 5.994   -16.832 6.150   1.00 13.40 ? 2021 HOH A O     1 
HETATM 1468 O O     . HOH E 5 .   ? 6.322   -18.948 -0.521  1.00 18.17 ? 2022 HOH A O     1 
HETATM 1469 O O     . HOH E 5 .   ? 2.094   -16.315 -1.032  1.00 20.33 ? 2023 HOH A O     1 
HETATM 1470 O O     . HOH E 5 .   ? 3.559   -18.713 -1.322  1.00 22.25 ? 2024 HOH A O     1 
HETATM 1471 O O     . HOH E 5 .   ? -4.110  -20.022 -0.550  1.00 35.23 ? 2025 HOH A O     1 
HETATM 1472 O O     . HOH E 5 .   ? -4.477  -11.066 3.256   1.00 19.34 ? 2026 HOH A O     1 
HETATM 1473 O O     . HOH E 5 .   ? -2.410  -14.442 10.928  1.00 11.59 ? 2027 HOH A O     1 
HETATM 1474 O O     . HOH E 5 .   ? -7.200  -6.366  8.859   1.00 18.81 ? 2028 HOH A O     1 
HETATM 1475 O O     . HOH E 5 .   ? -6.970  -10.421 4.249   1.00 29.66 ? 2029 HOH A O     1 
HETATM 1476 O O     . HOH E 5 .   ? 0.475   -6.313  14.874  1.00 18.23 ? 2030 HOH A O     1 
HETATM 1477 O O     . HOH E 5 .   ? 13.051  -8.449  4.240   1.00 25.01 ? 2031 HOH A O     1 
HETATM 1478 O O     . HOH E 5 .   ? 3.874   11.655  7.911   1.00 16.40 ? 2032 HOH A O     1 
HETATM 1479 O O     . HOH E 5 .   ? 19.267  0.027   4.011   1.00 29.56 ? 2033 HOH A O     1 
HETATM 1480 O O     . HOH E 5 .   ? -6.450  7.179   -23.760 1.00 25.12 ? 2034 HOH A O     1 
HETATM 1481 O O     . HOH E 5 .   ? 6.473   12.697  -4.338  1.00 26.70 ? 2035 HOH A O     1 
HETATM 1482 O O     . HOH E 5 .   ? -9.957  -7.439  -2.260  1.00 17.44 ? 2036 HOH A O     1 
HETATM 1483 O O     . HOH E 5 .   ? -10.112 -9.987  -1.508  1.00 29.97 ? 2037 HOH A O     1 
HETATM 1484 O O     . HOH E 5 .   ? -15.390 -6.471  1.739   1.00 22.00 ? 2038 HOH A O     1 
HETATM 1485 O O     . HOH E 5 .   ? -10.771 -6.146  10.989  1.00 15.46 ? 2039 HOH A O     1 
HETATM 1486 O O     . HOH E 5 .   ? -14.093 -6.566  -0.906  1.00 29.19 ? 2040 HOH A O     1 
HETATM 1487 O O     . HOH E 5 .   ? -20.326 -1.809  5.477   1.00 17.71 ? 2041 HOH A O     1 
HETATM 1488 O O     . HOH E 5 .   ? -16.013 0.270   13.230  1.00 30.04 ? 2042 HOH A O     1 
HETATM 1489 O O     . HOH E 5 .   ? -11.452 0.594   15.789  1.00 21.14 ? 2043 HOH A O     1 
HETATM 1490 O O     . HOH E 5 .   ? -10.124 -3.455  17.734  1.00 14.97 ? 2044 HOH A O     1 
HETATM 1491 O O     . HOH E 5 .   ? -4.278  3.493   15.305  1.00 23.11 ? 2045 HOH A O     1 
HETATM 1492 O O     . HOH E 5 .   ? -7.671  2.721   16.148  1.00 20.69 ? 2046 HOH A O     1 
HETATM 1493 O O     . HOH E 5 .   ? -4.378  -3.959  18.895  1.00 18.00 ? 2047 HOH A O     1 
HETATM 1494 O O     . HOH E 5 .   ? -4.097  3.005   18.645  1.00 19.40 ? 2048 HOH A O     1 
HETATM 1495 O O     . HOH E 5 .   ? -1.729  3.791   16.496  1.00 26.78 ? 2049 HOH A O     1 
HETATM 1496 O O     . HOH E 5 .   ? 4.380   5.481   13.929  1.00 20.28 ? 2050 HOH A O     1 
HETATM 1497 O O     . HOH E 5 .   ? -11.101 3.608   -12.909 1.00 18.40 ? 2051 HOH A O     1 
HETATM 1498 O O     . HOH E 5 .   ? -11.441 1.024   -13.173 1.00 28.05 ? 2052 HOH A O     1 
HETATM 1499 O O     . HOH E 5 .   ? -10.577 0.014   -9.067  1.00 26.17 ? 2053 HOH A O     1 
HETATM 1500 O O     . HOH E 5 .   ? -8.674  9.640   -10.389 1.00 23.48 ? 2054 HOH A O     1 
HETATM 1501 O O     . HOH E 5 .   ? -13.881 6.287   -7.238  1.00 22.60 ? 2055 HOH A O     1 
HETATM 1502 O O     . HOH E 5 .   ? -17.178 10.243  -0.190  1.00 30.03 ? 2056 HOH A O     1 
HETATM 1503 O O     . HOH E 5 .   ? -14.249 7.688   4.893   1.00 13.91 ? 2057 HOH A O     1 
HETATM 1504 O O     . HOH E 5 .   ? -10.811 11.883  9.566   1.00 14.54 ? 2058 HOH A O     1 
HETATM 1505 O O     . HOH E 5 .   ? -9.184  10.708  15.481  1.00 26.04 ? 2059 HOH A O     1 
HETATM 1506 O O     . HOH E 5 .   ? -2.931  8.858   9.719   1.00 13.78 ? 2060 HOH A O     1 
HETATM 1507 O O     . HOH E 5 .   ? 0.009   11.101  8.940   1.00 21.96 ? 2061 HOH A O     1 
HETATM 1508 O O     . HOH E 5 .   ? 1.576   10.859  6.717   1.00 17.36 ? 2062 HOH A O     1 
HETATM 1509 O O     . HOH E 5 .   ? 2.025   -3.092  -7.429  1.00 16.38 ? 2063 HOH A O     1 
HETATM 1510 O O     . HOH E 5 .   ? -7.263  -5.592  -26.158 1.00 33.38 ? 2064 HOH A O     1 
HETATM 1511 O O     . HOH E 5 .   ? -7.383  5.149   -21.744 1.00 22.64 ? 2065 HOH A O     1 
HETATM 1512 O O     . HOH E 5 .   ? -11.204 9.627   -14.382 1.00 28.86 ? 2066 HOH A O     1 
HETATM 1513 O O     . HOH E 5 .   ? -8.990  9.088   -16.184 1.00 30.42 ? 2067 HOH A O     1 
HETATM 1514 O O     . HOH E 5 .   ? -6.631  9.247   -14.949 1.00 26.72 ? 2068 HOH A O     1 
HETATM 1515 O O     . HOH E 5 .   ? -2.133  8.405   -18.478 1.00 30.74 ? 2069 HOH A O     1 
HETATM 1516 O O     . HOH E 5 .   ? -4.017  14.089  -7.874  1.00 20.66 ? 2070 HOH A O     1 
HETATM 1517 O O     . HOH E 5 .   ? -6.392  9.818   -12.383 1.00 27.12 ? 2071 HOH A O     1 
HETATM 1518 O O     . HOH E 5 .   ? 4.653   13.145  0.343   1.00 31.42 ? 2072 HOH A O     1 
HETATM 1519 O O     . HOH E 5 .   ? 3.224   15.615  3.281   1.00 24.84 ? 2073 HOH A O     1 
HETATM 1520 O O     . HOH E 5 .   ? 7.627   11.094  -1.811  1.00 16.04 ? 2074 HOH A O     1 
HETATM 1521 O O     . HOH E 5 .   ? 8.343   5.645   -6.989  1.00 20.91 ? 2075 HOH A O     1 
HETATM 1522 O O     . HOH E 5 .   ? 11.853  -4.335  -5.219  1.00 24.81 ? 2076 HOH A O     1 
HETATM 1523 O O     . HOH E 5 .   ? 12.465  6.333   2.935   1.00 18.48 ? 2077 HOH A O     1 
HETATM 1524 O O     . HOH E 5 .   ? 11.714  8.326   16.406  1.00 19.43 ? 2078 HOH A O     1 
HETATM 1525 O O     . HOH E 5 .   ? 13.495  8.658   6.738   1.00 21.05 ? 2079 HOH A O     1 
HETATM 1526 O O     . HOH E 5 .   ? -8.814  -8.748  -6.019  1.00 32.99 ? 2080 HOH A O     1 
# 
